data_9IS6
#
_entry.id   9IS6
#
_cell.length_a   1.00
_cell.length_b   1.00
_cell.length_c   1.00
_cell.angle_alpha   90.00
_cell.angle_beta   90.00
_cell.angle_gamma   90.00
#
_symmetry.space_group_name_H-M   'P 1'
#
loop_
_entity.id
_entity.type
_entity.pdbx_description
1 polymer 'COP9 signalosome complex subunit 1'
2 polymer 'COP9 signalosome complex subunit 8'
3 polymer 'COP9 signalosome complex subunit 7'
4 polymer 'COP9 signalosome complex subunit 6b'
5 polymer 'COP9 signalosome complex subunit 5b'
6 polymer 'COP9 signalosome complex subunit 3'
7 polymer 'COP9 signalosome complex subunit 4'
8 polymer 'COP9 signalosome complex subunit 2'
9 non-polymer 'ZINC ION'
#
loop_
_entity_poly.entity_id
_entity_poly.type
_entity_poly.pdbx_seq_one_letter_code
_entity_poly.pdbx_strand_id
1 'polypeptide(L)'
;MERDEEASGPMMEMCTNGGEETSNRRPIISGEPLDIEAYAALYKGRTKIMRLLFIANHCGGNHALQFDALRMAYDEIKKG
ENTQLFREVVNKIGNRLGEKYGMDLAWCEAVDRRAEQKKVKLENELSSYRTNLIKESIRMGYNDFGDFYYACGMLGDAFK
NYIRTRDYCTTTKHIIHMCMNAILVSIEMGQFTHVTSYVNKAEQNPETLEPMVNAKLRCASGLAHLELKKYKLAARKFLD
VNPELGNSYNEVIAPQDIATYGGLCALASFDRSELKQKVIDNINFRNFLELVPDVRELINDFYSSRYASCLEYLASLKSN
LLLDIHLHDHVDTLYDQIRKKALIQYTLPFVSVDLSRMADAFKTSVSGLEKELEALITDNQIQARIDSHNKILYARHADQ
RNATFQKVLQMGNEFDRDVRAMLLRANLLKHEYHARSARKL
;
A
2 'polypeptide(L)'
;MDLSPVKEALAAKSFDKIADICDTLMLQVASEGIEYHDDWPYAIHLLGYFYVDDCDSARFLWKRIPTAIKERKPEVVAAW
GIGQKLWTHDYAGVYEAIRGYDWSQEAKDMVAAFSDLYTKRMFQLLLSAYSTITIHDLALFLGMTEDDATTYVVENGWTV
DAASQMASVKKQAVKREQKVDSSKLQRLTEYVFHLEH
;
H
3 'polypeptide(L)'
;MDIEQKQAEIIDQLVKRASTCKSEALGPLIIEATSHPSLFAFSEILALPNVAQLEGTTDSVYLDLLRLFAHGTWGDYKCN
ATRLPHLSPDQILKLKQLTVLTLAESNKVLPYDTLMVELDVSNVRELEDFLINECMYAGIVRGKLDQLKRCFEVPFAAGR
DLRPGQLGNMLHTLSNWLNTSENLLISIQDKIKWADNMSEMDKKHRKEAEEGVEEVKKSLSMKGDVDIRGNKEMFGEPSG
VMDYEEDGIRPKRRRHPVTR
;
G
4 'polypeptide(L)'
;MAPSSSSGLTFKLHPLVMLNISDHFTRVKTQLNPPAASCATGNGSNNADAMLLQNPRVYGCVIGLQRGRTVEIFNSFELI
FDPALDTLDRSFLEKKQELYKKVFPDFYVLGWYSTGSDATESDMHIHKALMDINESPVYVLLNPAINHAQKDLPVTIYES
EFHVIDGIPQSIFVHTSYTIETVEAERISVDHVAHLKPSDGGSAATQLAAHLTGIHSAIKMLNSRIRVLYQHIVAMQKGD
KPCENSVLRQVSSLLRSLPAAESEKFNENFLMEYNDKLLMSYLAMITNCTSNMNEVVDKFNTAYDKHSRRGGRTAFM
;
F
5 'polypeptide(L)'
;MEGSSSTIARKTWELENSILTVDSPDSTSDNIFYYDDTSQTRFQQEKPWENDPHYFKRVKISALALLKMVVHARSGGTIE
IMGLMQGKTDGDTIIVMDAFALPVEGTETRVNAQDDAYEYMVEYSQTNKLAGRLENVVGWYHSHPGYGCWLSGIDVSTQR
LNQQHQEPFLAVVIDPTRTVSAGKVEIGAFRTYSKGYKPPDEPVSEYQTIPLNKIEDFGVHCKQYYSLDVTYFKSSLDSH
LLDLLWNKYWVNTLSSSPLLGNGDYVAGQISDLAEKLEQAESHLVQSRFGGVVPSSLHKKKEDESQLTKITRDSAKITVE
QVHGLMSQVIKDELFNSMRQSNNKSPTDSSDPDPMITY
;
E
6 'polypeptide(L)'
;MIGAVNSVEAVITSIQGLSGSPEDLSALHDLLRGAQDSLRAEPGVNFSTLDQLDASKHSLGYLYFLEVLTCGPVSKEKAA
YEIPIIARFINSCDAGQIRLASYKFVSLCKILKDHVIALGDPLRGVGPLLNAVQKLQVSSKRLTALHPDVLQLCLQAKSY
KSGFSILSDDIVEIDQPRDFFLYSYYGGMICIGLKRFQKALELLYNVVTAPMHQVNAIALEAYKKYILVSLIHNGQFTNT
LPKCASTAAQRSFKNYTGPYIELGNCYNDGKIGELEALVVARNAEFEEDKNLGLVKQAVSSLYKRNILRLTQKYLTLSLQ
DIANMVQLGNAKEAEMHVLQMIQDGQIHALINQKDGMVRFLEDPEQYKSSEMIEIMDSVIQRTIGLSKNLLAMDESLSCD
PLYLGKVGRERQRYDFGDDFDTVPQKFSM
;
C
7 'polypeptide(L)'
;MDEALTNASAIGDQRQKIEQYKLILSSVLSSNDLLQAQRFIDHILSDDVPLVVSRQLLQSFAQELGRLEPETQKEIAQFT
LTQIQPRVVSFEEQALVIREKLAGLYESEQEWSKAAQMLSGIDLDSGMRAVDDNFKLSKCIQIARLYLEDDDAVNAEAFI
NKASFLVSNSQNEVLNLQYKVCYARILDMKRKFLEAALRYYGISQIEQRQIGDEEIDENALEQALSAAVTCTILAGAGPQ
RSRVLATLYKDERCSKLKIYPILQKVYLERILRRPEIDAFSEELRPHQKASLPDKSTVLDRAMIEHNLLSASKLYTNIRF
DELGTLLAIDPRKAEKIAANMIGQDRMRGSIDQEEAVIHFEDDVEELQQWDQQISGLCQALNDILDGMAKKGMSVPV
;
D
8 'polypeptide(L)'
;MASDADMEDYGFEYSDEEQEEQDVDIENQYYNSKGMVETEPEEALSGFAEVVQMEPEKADWGFKALKQTVKIYYRLGKYK
EMMEAYTEMLTYIKSAVTRNYSEKCINNIMDFVSGSASQNTGLLQEFYQTTLKALEEAKNERLWFKTNLKLCNIWFDIGE
YRRMTKILKELHKSCQKEDGTDDQKKGSQLLEVYAIEIQIYTETKDNKKLKQLYHKALAIKSAIPHPRIMGIIRECGGKM
HMAERQWEEAATDFFEAFKNYDEAGNQRRIQCLKYLVLANMLMESEVNPFDGQEAKPYKNDPEILAMTNLIAAYQRNEII
EFERILKSNRRTIMDDPFIRNYMEDLLKKVRTQVLLKLIKPYTKIGIPFISKELNVPETDVTELLVSLILDSRIDGHIDE
MNRYLLRGDSGNGRKLHKAVDKWNSQLKSLSSNITSRVC
;
B
#
loop_
_chem_comp.id
_chem_comp.type
_chem_comp.name
_chem_comp.formula
ZN non-polymer 'ZINC ION' 'Zn 2'
#
# COMPACT_ATOMS: atom_id res chain seq x y z
N GLU A 227 -48.44 -24.20 4.05
CA GLU A 227 -47.07 -24.71 4.05
C GLU A 227 -46.86 -25.75 2.97
N LEU A 228 -45.72 -26.44 3.02
CA LEU A 228 -45.36 -27.47 2.05
C LEU A 228 -45.40 -26.93 0.61
N LYS A 229 -44.88 -25.71 0.43
CA LYS A 229 -44.87 -25.05 -0.87
C LYS A 229 -43.47 -24.61 -1.25
N LYS A 230 -42.44 -25.30 -0.74
CA LYS A 230 -41.07 -25.00 -1.09
C LYS A 230 -40.72 -25.65 -2.43
N TYR A 231 -39.49 -25.47 -2.87
CA TYR A 231 -39.04 -26.04 -4.13
C TYR A 231 -37.95 -27.09 -3.95
N LYS A 232 -36.83 -26.75 -3.32
CA LYS A 232 -35.74 -27.71 -3.18
C LYS A 232 -36.11 -28.82 -2.21
N LEU A 233 -36.60 -28.46 -1.03
CA LEU A 233 -36.99 -29.47 -0.05
C LEU A 233 -38.15 -30.31 -0.55
N ALA A 234 -39.13 -29.67 -1.21
CA ALA A 234 -40.26 -30.41 -1.75
C ALA A 234 -39.82 -31.39 -2.82
N ALA A 235 -38.93 -30.97 -3.71
CA ALA A 235 -38.42 -31.87 -4.74
C ALA A 235 -37.64 -33.02 -4.13
N ARG A 236 -36.80 -32.74 -3.13
CA ARG A 236 -36.04 -33.80 -2.48
C ARG A 236 -36.96 -34.80 -1.79
N LYS A 237 -38.00 -34.31 -1.11
CA LYS A 237 -38.95 -35.21 -0.46
C LYS A 237 -39.73 -36.04 -1.47
N PHE A 238 -40.16 -35.42 -2.58
CA PHE A 238 -40.89 -36.16 -3.60
C PHE A 238 -40.02 -37.24 -4.23
N LEU A 239 -38.75 -36.91 -4.51
CA LEU A 239 -37.84 -37.91 -5.05
C LEU A 239 -37.58 -39.02 -4.03
N ASP A 240 -37.41 -38.65 -2.77
CA ASP A 240 -37.13 -39.62 -1.70
C ASP A 240 -38.45 -40.16 -1.14
N VAL A 241 -39.06 -41.05 -1.90
CA VAL A 241 -40.29 -41.71 -1.50
C VAL A 241 -39.94 -43.00 -0.78
N ASN A 242 -40.36 -43.10 0.48
CA ASN A 242 -40.05 -44.29 1.27
C ASN A 242 -40.64 -45.56 0.68
N PRO A 243 -41.92 -45.61 0.28
CA PRO A 243 -42.54 -46.80 -0.30
C PRO A 243 -43.78 -46.47 -1.12
N ALA A 254 -48.17 -42.63 -10.22
CA ALA A 254 -47.15 -43.35 -9.46
C ALA A 254 -45.79 -43.23 -10.16
N PRO A 255 -45.44 -44.24 -10.95
CA PRO A 255 -44.16 -44.18 -11.68
C PRO A 255 -44.07 -42.98 -12.60
N GLN A 256 -45.17 -42.58 -13.24
CA GLN A 256 -45.17 -41.38 -14.07
C GLN A 256 -44.96 -40.14 -13.22
N ASP A 257 -45.58 -40.09 -12.05
CA ASP A 257 -45.41 -38.95 -11.15
C ASP A 257 -43.97 -38.84 -10.67
N ILE A 258 -43.33 -39.98 -10.38
CA ILE A 258 -41.93 -39.97 -9.96
C ILE A 258 -41.05 -39.45 -11.09
N ALA A 259 -41.30 -39.89 -12.32
CA ALA A 259 -40.54 -39.39 -13.46
C ALA A 259 -40.76 -37.90 -13.66
N THR A 260 -42.00 -37.45 -13.52
CA THR A 260 -42.32 -36.03 -13.65
C THR A 260 -41.92 -35.29 -12.37
N TYR A 261 -42.08 -33.96 -12.41
CA TYR A 261 -41.70 -33.07 -11.30
C TYR A 261 -40.23 -33.33 -10.98
N GLY A 262 -39.85 -33.50 -9.71
CA GLY A 262 -38.48 -33.82 -9.36
C GLY A 262 -37.48 -32.78 -9.82
N GLY A 263 -36.71 -33.11 -10.85
CA GLY A 263 -35.73 -32.18 -11.39
C GLY A 263 -36.33 -30.89 -11.92
N LEU A 264 -37.60 -30.91 -12.33
CA LEU A 264 -38.24 -29.69 -12.79
C LEU A 264 -38.32 -28.67 -11.66
N CYS A 265 -38.72 -29.11 -10.46
CA CYS A 265 -38.74 -28.22 -9.32
C CYS A 265 -37.33 -27.98 -8.77
N ALA A 266 -36.44 -28.96 -8.90
CA ALA A 266 -35.08 -28.79 -8.43
C ALA A 266 -34.35 -27.69 -9.19
N LEU A 267 -34.54 -27.63 -10.51
CA LEU A 267 -33.90 -26.59 -11.31
C LEU A 267 -34.38 -25.20 -10.90
N ALA A 268 -35.60 -25.09 -10.40
CA ALA A 268 -36.10 -23.80 -9.93
C ALA A 268 -35.39 -23.33 -8.67
N SER A 269 -34.84 -24.25 -7.87
CA SER A 269 -34.20 -23.91 -6.61
C SER A 269 -32.71 -24.25 -6.58
N PHE A 270 -32.35 -25.47 -6.95
CA PHE A 270 -30.96 -25.91 -6.86
C PHE A 270 -30.09 -25.15 -7.84
N ASP A 271 -28.83 -24.97 -7.46
CA ASP A 271 -27.85 -24.29 -8.31
C ASP A 271 -27.34 -25.26 -9.37
N ARG A 272 -26.31 -24.84 -10.12
CA ARG A 272 -25.79 -25.66 -11.20
C ARG A 272 -25.20 -26.97 -10.66
N SER A 273 -24.41 -26.89 -9.60
CA SER A 273 -23.75 -28.08 -9.07
C SER A 273 -24.77 -29.06 -8.50
N GLU A 274 -25.74 -28.56 -7.73
CA GLU A 274 -26.75 -29.43 -7.14
C GLU A 274 -27.61 -30.07 -8.23
N LEU A 275 -28.00 -29.29 -9.24
CA LEU A 275 -28.80 -29.85 -10.34
C LEU A 275 -28.01 -30.91 -11.09
N LYS A 276 -26.72 -30.66 -11.34
CA LYS A 276 -25.90 -31.65 -12.02
C LYS A 276 -25.79 -32.93 -11.20
N GLN A 277 -25.59 -32.80 -9.88
CA GLN A 277 -25.50 -33.98 -9.03
C GLN A 277 -26.81 -34.75 -9.00
N LYS A 278 -27.94 -34.04 -8.98
CA LYS A 278 -29.24 -34.69 -8.85
C LYS A 278 -29.81 -35.17 -10.18
N VAL A 279 -29.23 -34.78 -11.31
CA VAL A 279 -29.75 -35.22 -12.60
C VAL A 279 -28.69 -36.01 -13.36
N ILE A 280 -27.57 -35.37 -13.68
CA ILE A 280 -26.55 -36.01 -14.51
C ILE A 280 -25.84 -37.11 -13.72
N ASP A 281 -25.52 -36.85 -12.45
CA ASP A 281 -24.84 -37.81 -11.60
C ASP A 281 -25.81 -38.64 -10.76
N ASN A 282 -27.01 -38.89 -11.28
CA ASN A 282 -28.06 -39.62 -10.59
C ASN A 282 -28.56 -40.76 -11.46
N ILE A 283 -27.62 -41.58 -11.96
CA ILE A 283 -27.96 -42.66 -12.89
C ILE A 283 -29.08 -43.54 -12.32
N ASN A 284 -29.09 -43.74 -11.00
CA ASN A 284 -30.18 -44.49 -10.37
C ASN A 284 -31.51 -43.81 -10.61
N PHE A 285 -31.56 -42.48 -10.49
CA PHE A 285 -32.75 -41.72 -10.83
C PHE A 285 -32.81 -41.36 -12.31
N ARG A 286 -31.66 -41.28 -12.98
CA ARG A 286 -31.66 -41.00 -14.42
C ARG A 286 -32.24 -42.15 -15.22
N ASN A 287 -32.27 -43.36 -14.68
CA ASN A 287 -32.97 -44.45 -15.33
C ASN A 287 -34.46 -44.12 -15.49
N PHE A 288 -35.07 -43.55 -14.45
CA PHE A 288 -36.43 -43.06 -14.57
C PHE A 288 -36.51 -41.84 -15.49
N LEU A 289 -35.47 -40.99 -15.49
CA LEU A 289 -35.45 -39.85 -16.40
C LEU A 289 -35.42 -40.29 -17.86
N GLU A 290 -34.86 -41.48 -18.13
CA GLU A 290 -34.88 -41.99 -19.49
C GLU A 290 -36.30 -42.29 -19.97
N LEU A 291 -37.19 -42.67 -19.05
CA LEU A 291 -38.58 -42.89 -19.42
C LEU A 291 -39.24 -41.60 -19.90
N VAL A 292 -38.76 -40.45 -19.44
CA VAL A 292 -39.23 -39.15 -19.91
C VAL A 292 -38.10 -38.49 -20.69
N PRO A 293 -37.85 -38.91 -21.93
CA PRO A 293 -36.71 -38.34 -22.67
C PRO A 293 -36.81 -36.85 -22.90
N ASP A 294 -38.02 -36.30 -23.04
CA ASP A 294 -38.16 -34.87 -23.27
C ASP A 294 -37.69 -34.07 -22.06
N VAL A 295 -38.04 -34.51 -20.85
CA VAL A 295 -37.63 -33.79 -19.65
C VAL A 295 -36.12 -33.83 -19.48
N ARG A 296 -35.51 -35.00 -19.70
CA ARG A 296 -34.06 -35.12 -19.59
C ARG A 296 -33.36 -34.26 -20.65
N GLU A 297 -33.89 -34.26 -21.87
CA GLU A 297 -33.31 -33.43 -22.92
C GLU A 297 -33.41 -31.95 -22.58
N LEU A 298 -34.54 -31.52 -22.04
CA LEU A 298 -34.70 -30.12 -21.63
C LEU A 298 -33.74 -29.76 -20.50
N ILE A 299 -33.57 -30.67 -19.54
CA ILE A 299 -32.63 -30.42 -18.44
C ILE A 299 -31.22 -30.30 -18.97
N ASN A 300 -30.82 -31.19 -19.88
CA ASN A 300 -29.49 -31.12 -20.48
C ASN A 300 -29.32 -29.83 -21.26
N ASP A 301 -30.33 -29.42 -22.03
CA ASP A 301 -30.26 -28.19 -22.80
C ASP A 301 -30.11 -26.98 -21.89
N PHE A 302 -30.82 -26.97 -20.76
CA PHE A 302 -30.61 -25.92 -19.76
C PHE A 302 -29.18 -25.97 -19.25
N TYR A 303 -28.66 -27.16 -18.98
CA TYR A 303 -27.27 -27.32 -18.56
C TYR A 303 -26.29 -27.04 -19.69
N SER A 304 -26.71 -27.19 -20.95
CA SER A 304 -25.84 -26.97 -22.10
C SER A 304 -26.07 -25.63 -22.77
N SER A 305 -26.80 -24.72 -22.14
CA SER A 305 -27.07 -23.38 -22.66
C SER A 305 -27.77 -23.46 -24.02
N ARG A 306 -28.97 -24.04 -24.00
CA ARG A 306 -29.84 -24.16 -25.17
C ARG A 306 -31.24 -23.66 -24.82
N TYR A 307 -31.30 -22.45 -24.26
CA TYR A 307 -32.53 -21.95 -23.66
C TYR A 307 -33.70 -21.94 -24.63
N ALA A 308 -33.45 -21.68 -25.91
CA ALA A 308 -34.54 -21.58 -26.87
C ALA A 308 -35.30 -22.89 -27.00
N SER A 309 -34.58 -24.00 -27.18
CA SER A 309 -35.23 -25.30 -27.41
C SER A 309 -36.02 -25.75 -26.19
N CYS A 310 -35.40 -25.67 -25.00
CA CYS A 310 -36.10 -26.12 -23.79
C CYS A 310 -37.26 -25.19 -23.47
N LEU A 311 -37.12 -23.89 -23.71
CA LEU A 311 -38.23 -22.98 -23.49
C LEU A 311 -39.40 -23.29 -24.42
N GLU A 312 -39.10 -23.57 -25.69
CA GLU A 312 -40.16 -23.94 -26.63
C GLU A 312 -40.83 -25.25 -26.23
N TYR A 313 -40.03 -26.22 -25.78
CA TYR A 313 -40.60 -27.51 -25.37
C TYR A 313 -41.49 -27.33 -24.14
N LEU A 314 -41.05 -26.54 -23.17
CA LEU A 314 -41.87 -26.28 -21.98
C LEU A 314 -43.15 -25.54 -22.34
N ALA A 315 -43.05 -24.57 -23.26
CA ALA A 315 -44.24 -23.85 -23.70
C ALA A 315 -45.23 -24.78 -24.39
N SER A 316 -44.73 -25.69 -25.23
CA SER A 316 -45.61 -26.65 -25.87
C SER A 316 -46.25 -27.58 -24.86
N LEU A 317 -45.49 -28.02 -23.86
CA LEU A 317 -46.00 -28.90 -22.82
C LEU A 317 -46.63 -28.15 -21.66
N LYS A 318 -46.71 -26.81 -21.72
CA LYS A 318 -47.27 -26.03 -20.62
C LYS A 318 -48.72 -26.40 -20.37
N SER A 319 -49.50 -26.56 -21.43
CA SER A 319 -50.89 -26.98 -21.27
C SER A 319 -50.98 -28.37 -20.67
N ASN A 320 -50.11 -29.28 -21.11
CA ASN A 320 -50.14 -30.65 -20.59
C ASN A 320 -49.53 -30.73 -19.20
N LEU A 321 -48.49 -29.95 -18.92
CA LEU A 321 -47.84 -30.03 -17.62
C LEU A 321 -48.78 -29.60 -16.49
N LEU A 322 -49.54 -28.53 -16.70
CA LEU A 322 -50.44 -28.01 -15.67
C LEU A 322 -51.80 -28.70 -15.71
N LEU A 323 -51.79 -30.04 -15.78
CA LEU A 323 -53.02 -30.82 -15.80
C LEU A 323 -52.88 -32.07 -14.94
N ASP A 324 -51.99 -32.06 -13.95
CA ASP A 324 -51.71 -33.23 -13.14
C ASP A 324 -51.66 -32.87 -11.66
N ILE A 325 -52.59 -32.02 -11.21
CA ILE A 325 -52.78 -31.69 -9.80
C ILE A 325 -51.54 -31.04 -9.21
N HIS A 326 -50.42 -31.78 -9.19
CA HIS A 326 -49.20 -31.27 -8.57
C HIS A 326 -48.72 -30.00 -9.25
N LEU A 327 -48.73 -29.97 -10.58
CA LEU A 327 -48.41 -28.76 -11.31
C LEU A 327 -49.61 -27.86 -11.51
N HIS A 328 -50.83 -28.44 -11.54
CA HIS A 328 -52.02 -27.63 -11.69
C HIS A 328 -52.22 -26.68 -10.51
N ASP A 329 -51.78 -27.08 -9.32
CA ASP A 329 -51.88 -26.21 -8.16
C ASP A 329 -50.99 -24.98 -8.31
N HIS A 330 -49.78 -25.15 -8.83
CA HIS A 330 -48.84 -24.04 -8.99
C HIS A 330 -47.93 -24.35 -10.17
N VAL A 331 -48.21 -23.75 -11.32
CA VAL A 331 -47.40 -23.90 -12.52
C VAL A 331 -46.81 -22.58 -12.99
N ASP A 332 -47.60 -21.49 -12.93
CA ASP A 332 -47.14 -20.22 -13.44
C ASP A 332 -45.93 -19.71 -12.67
N THR A 333 -45.95 -19.82 -11.35
CA THR A 333 -44.81 -19.36 -10.55
C THR A 333 -43.58 -20.22 -10.80
N LEU A 334 -43.77 -21.52 -11.02
CA LEU A 334 -42.63 -22.39 -11.34
C LEU A 334 -42.00 -21.99 -12.66
N TYR A 335 -42.82 -21.78 -13.69
CA TYR A 335 -42.30 -21.38 -15.00
C TYR A 335 -41.62 -20.02 -14.90
N ASP A 336 -42.18 -19.12 -14.10
CA ASP A 336 -41.56 -17.80 -13.88
C ASP A 336 -40.18 -17.99 -13.26
N GLN A 337 -40.07 -18.91 -12.29
CA GLN A 337 -38.78 -19.16 -11.66
C GLN A 337 -37.77 -19.73 -12.66
N ILE A 338 -38.20 -20.66 -13.52
CA ILE A 338 -37.28 -21.17 -14.55
C ILE A 338 -36.84 -20.04 -15.47
N ARG A 339 -37.76 -19.15 -15.83
CA ARG A 339 -37.39 -18.02 -16.68
C ARG A 339 -36.33 -17.16 -16.01
N LYS A 340 -36.56 -16.78 -14.75
CA LYS A 340 -35.59 -15.94 -14.05
C LYS A 340 -34.24 -16.63 -13.93
N LYS A 341 -34.25 -17.94 -13.63
CA LYS A 341 -33.00 -18.69 -13.58
C LYS A 341 -32.28 -18.66 -14.92
N ALA A 342 -33.04 -18.78 -16.01
CA ALA A 342 -32.44 -18.71 -17.33
C ALA A 342 -31.77 -17.36 -17.56
N LEU A 343 -32.45 -16.27 -17.19
CA LEU A 343 -31.83 -14.95 -17.34
C LEU A 343 -30.54 -14.84 -16.52
N ILE A 344 -30.58 -15.21 -15.24
CA ILE A 344 -29.39 -14.99 -14.41
C ILE A 344 -28.24 -15.86 -14.88
N GLN A 345 -28.53 -17.08 -15.34
CA GLN A 345 -27.48 -17.91 -15.91
C GLN A 345 -26.95 -17.31 -17.20
N TYR A 346 -27.83 -16.70 -18.00
CA TYR A 346 -27.40 -16.09 -19.26
C TYR A 346 -26.43 -14.95 -19.02
N THR A 347 -26.79 -14.01 -18.13
CA THR A 347 -25.96 -12.83 -17.96
C THR A 347 -24.73 -13.07 -17.09
N LEU A 348 -24.60 -14.23 -16.45
CA LEU A 348 -23.47 -14.46 -15.56
C LEU A 348 -22.11 -14.42 -16.27
N PRO A 349 -21.88 -15.17 -17.36
CA PRO A 349 -20.51 -15.24 -17.90
C PRO A 349 -20.07 -13.98 -18.64
N PHE A 350 -20.94 -13.42 -19.47
CA PHE A 350 -20.55 -12.29 -20.30
C PHE A 350 -20.42 -11.02 -19.47
N VAL A 351 -19.61 -10.09 -19.98
CA VAL A 351 -19.51 -8.74 -19.44
C VAL A 351 -20.29 -7.73 -20.27
N SER A 352 -20.42 -7.95 -21.57
CA SER A 352 -21.02 -6.99 -22.49
C SER A 352 -22.19 -7.64 -23.22
N VAL A 353 -23.09 -8.25 -22.44
CA VAL A 353 -24.28 -8.90 -22.99
C VAL A 353 -25.00 -7.95 -23.93
N ASP A 354 -25.44 -8.49 -25.07
CA ASP A 354 -26.24 -7.75 -26.04
C ASP A 354 -27.70 -8.12 -25.85
N LEU A 355 -28.53 -7.12 -25.54
CA LEU A 355 -29.95 -7.35 -25.28
C LEU A 355 -30.73 -7.72 -26.54
N SER A 356 -30.28 -7.27 -27.71
CA SER A 356 -31.00 -7.61 -28.93
C SER A 356 -30.97 -9.11 -29.19
N ARG A 357 -29.82 -9.75 -28.92
CA ARG A 357 -29.73 -11.20 -29.10
C ARG A 357 -30.63 -11.94 -28.12
N MET A 358 -30.67 -11.50 -26.86
CA MET A 358 -31.55 -12.15 -25.88
C MET A 358 -33.01 -11.97 -26.22
N ALA A 359 -33.37 -10.95 -27.00
CA ALA A 359 -34.76 -10.73 -27.36
C ALA A 359 -35.32 -11.91 -28.14
N ASP A 360 -34.73 -12.20 -29.30
CA ASP A 360 -35.16 -13.36 -30.07
C ASP A 360 -34.68 -14.68 -29.45
N ALA A 361 -33.64 -14.64 -28.62
CA ALA A 361 -33.23 -15.84 -27.91
C ALA A 361 -34.31 -16.30 -26.93
N PHE A 362 -34.91 -15.36 -26.19
CA PHE A 362 -35.96 -15.66 -25.24
C PHE A 362 -37.35 -15.45 -25.80
N LYS A 363 -37.47 -15.00 -27.05
CA LYS A 363 -38.74 -14.73 -27.71
C LYS A 363 -39.57 -13.75 -26.87
N THR A 364 -39.02 -12.53 -26.76
CA THR A 364 -39.67 -11.46 -26.04
C THR A 364 -39.19 -10.14 -26.63
N SER A 365 -40.08 -9.15 -26.67
CA SER A 365 -39.72 -7.84 -27.19
C SER A 365 -38.65 -7.20 -26.31
N VAL A 366 -37.92 -6.25 -26.90
CA VAL A 366 -36.83 -5.60 -26.18
C VAL A 366 -37.35 -4.86 -24.95
N SER A 367 -38.54 -4.25 -25.06
CA SER A 367 -39.10 -3.53 -23.93
C SER A 367 -39.45 -4.47 -22.78
N GLY A 368 -40.04 -5.64 -23.09
CA GLY A 368 -40.40 -6.57 -22.03
C GLY A 368 -39.19 -7.11 -21.29
N LEU A 369 -38.16 -7.51 -22.05
CA LEU A 369 -36.93 -7.96 -21.43
C LEU A 369 -36.26 -6.84 -20.65
N GLU A 370 -36.37 -5.60 -21.14
CA GLU A 370 -35.84 -4.46 -20.41
C GLU A 370 -36.52 -4.31 -19.05
N LYS A 371 -37.85 -4.42 -19.03
CA LYS A 371 -38.58 -4.32 -17.77
C LYS A 371 -38.22 -5.46 -16.83
N GLU A 372 -38.09 -6.68 -17.38
CA GLU A 372 -37.67 -7.81 -16.56
C GLU A 372 -36.29 -7.57 -15.96
N LEU A 373 -35.38 -6.98 -16.74
CA LEU A 373 -34.04 -6.70 -16.24
C LEU A 373 -34.07 -5.62 -15.16
N GLU A 374 -34.94 -4.62 -15.32
CA GLU A 374 -35.12 -3.64 -14.24
C GLU A 374 -35.59 -4.33 -12.97
N ALA A 375 -36.57 -5.23 -13.09
CA ALA A 375 -37.08 -5.93 -11.92
C ALA A 375 -36.00 -6.77 -11.26
N LEU A 376 -35.17 -7.44 -12.07
CA LEU A 376 -34.12 -8.29 -11.51
C LEU A 376 -33.04 -7.46 -10.83
N ILE A 377 -32.54 -6.42 -11.50
CA ILE A 377 -31.45 -5.63 -10.94
C ILE A 377 -31.90 -4.85 -9.71
N THR A 378 -33.14 -4.36 -9.71
CA THR A 378 -33.66 -3.69 -8.51
C THR A 378 -33.72 -4.64 -7.32
N ASP A 379 -33.73 -5.95 -7.56
CA ASP A 379 -33.62 -6.94 -6.50
C ASP A 379 -32.16 -7.26 -6.16
N ASN A 380 -31.21 -6.64 -6.86
CA ASN A 380 -29.78 -6.83 -6.63
C ASN A 380 -29.36 -8.30 -6.80
N GLN A 381 -29.70 -8.84 -7.97
CA GLN A 381 -29.24 -10.16 -8.37
C GLN A 381 -28.35 -10.11 -9.60
N ILE A 382 -28.77 -9.44 -10.67
CA ILE A 382 -27.93 -9.23 -11.85
C ILE A 382 -27.16 -7.95 -11.60
N GLN A 383 -25.91 -8.09 -11.13
CA GLN A 383 -25.10 -6.92 -10.81
C GLN A 383 -24.58 -6.28 -12.08
N ALA A 384 -25.38 -5.38 -12.66
CA ALA A 384 -25.03 -4.73 -13.92
C ALA A 384 -25.87 -3.47 -14.07
N ARG A 385 -25.47 -2.63 -15.02
CA ARG A 385 -26.20 -1.41 -15.35
C ARG A 385 -26.63 -1.47 -16.80
N ILE A 386 -27.89 -1.16 -17.06
CA ILE A 386 -28.47 -1.30 -18.40
C ILE A 386 -28.24 0.01 -19.14
N ASP A 387 -27.42 -0.04 -20.19
CA ASP A 387 -27.30 1.08 -21.11
C ASP A 387 -28.49 1.06 -22.06
N SER A 388 -29.26 2.15 -22.07
CA SER A 388 -30.49 2.22 -22.84
C SER A 388 -30.34 3.00 -24.14
N HIS A 389 -29.10 3.24 -24.58
CA HIS A 389 -28.83 3.97 -25.81
C HIS A 389 -28.56 3.02 -26.97
N ASN A 390 -27.57 2.14 -26.82
CA ASN A 390 -27.24 1.14 -27.83
C ASN A 390 -27.68 -0.26 -27.43
N LYS A 391 -28.43 -0.38 -26.34
CA LYS A 391 -28.93 -1.67 -25.85
C LYS A 391 -27.78 -2.63 -25.55
N ILE A 392 -26.91 -2.20 -24.64
CA ILE A 392 -25.79 -3.02 -24.17
C ILE A 392 -25.89 -3.13 -22.65
N LEU A 393 -25.73 -4.35 -22.13
CA LEU A 393 -25.79 -4.59 -20.70
C LEU A 393 -24.36 -4.66 -20.16
N TYR A 394 -23.81 -3.48 -19.85
CA TYR A 394 -22.48 -3.39 -19.29
C TYR A 394 -22.50 -3.89 -17.85
N ALA A 395 -21.71 -4.93 -17.57
CA ALA A 395 -21.68 -5.50 -16.22
C ALA A 395 -21.06 -4.52 -15.23
N ARG A 396 -21.53 -4.59 -13.99
CA ARG A 396 -21.09 -3.69 -12.93
C ARG A 396 -20.14 -4.43 -11.99
N HIS A 397 -18.98 -3.83 -11.74
CA HIS A 397 -18.01 -4.37 -10.79
C HIS A 397 -17.69 -3.31 -9.75
N ALA A 398 -17.60 -3.74 -8.49
CA ALA A 398 -17.29 -2.84 -7.40
C ALA A 398 -15.78 -2.67 -7.26
N ASP A 399 -15.39 -1.61 -6.56
CA ASP A 399 -13.98 -1.31 -6.33
C ASP A 399 -13.54 -1.66 -4.91
N GLN A 400 -14.48 -1.93 -4.01
CA GLN A 400 -14.22 -2.31 -2.63
C GLN A 400 -13.48 -1.19 -1.87
N ARG A 401 -12.27 -0.84 -2.31
CA ARG A 401 -11.49 0.16 -1.61
C ARG A 401 -12.22 1.50 -1.56
N ASN A 402 -12.69 1.98 -2.71
CA ASN A 402 -13.46 3.22 -2.72
C ASN A 402 -14.78 3.08 -1.98
N ALA A 403 -15.43 1.92 -2.08
CA ALA A 403 -16.66 1.70 -1.33
C ALA A 403 -16.40 1.67 0.17
N THR A 404 -15.29 1.09 0.59
CA THR A 404 -14.98 1.00 2.02
C THR A 404 -14.76 2.39 2.62
N PHE A 405 -14.03 3.25 1.91
CA PHE A 405 -13.76 4.59 2.44
C PHE A 405 -15.04 5.38 2.65
N GLN A 406 -15.98 5.28 1.70
CA GLN A 406 -17.25 5.98 1.85
C GLN A 406 -18.04 5.45 3.04
N LYS A 407 -18.02 4.13 3.25
CA LYS A 407 -18.78 3.54 4.34
C LYS A 407 -18.20 3.89 5.70
N VAL A 408 -16.86 3.89 5.81
CA VAL A 408 -16.23 4.16 7.10
C VAL A 408 -16.45 5.60 7.52
N LEU A 409 -16.26 6.54 6.58
CA LEU A 409 -16.43 7.96 6.91
C LEU A 409 -17.86 8.26 7.33
N GLN A 410 -18.84 7.63 6.68
CA GLN A 410 -20.23 7.79 7.09
C GLN A 410 -20.48 7.23 8.48
N MET A 411 -19.84 6.11 8.81
CA MET A 411 -19.99 5.51 10.13
C MET A 411 -19.48 6.45 11.21
N GLY A 412 -18.32 7.07 10.99
CA GLY A 412 -17.74 7.92 12.02
C GLY A 412 -18.63 9.11 12.38
N ASN A 413 -19.23 9.74 11.38
CA ASN A 413 -20.12 10.87 11.64
C ASN A 413 -21.33 10.43 12.43
N GLU A 414 -21.91 9.27 12.10
CA GLU A 414 -23.05 8.75 12.84
C GLU A 414 -22.68 8.47 14.30
N PHE A 415 -21.49 7.87 14.51
CA PHE A 415 -21.02 7.65 15.88
C PHE A 415 -20.74 8.97 16.58
N ASP A 416 -20.16 9.94 15.86
CA ASP A 416 -19.80 11.21 16.47
C ASP A 416 -21.03 11.96 16.97
N ARG A 417 -22.09 12.02 16.15
CA ARG A 417 -23.29 12.75 16.55
C ARG A 417 -24.00 12.07 17.71
N ASP A 418 -24.03 10.74 17.71
CA ASP A 418 -24.73 10.01 18.76
C ASP A 418 -24.06 10.21 20.12
N VAL A 419 -22.72 10.24 20.15
CA VAL A 419 -22.01 10.39 21.40
C VAL A 419 -22.29 11.77 22.01
N ARG A 420 -22.31 12.81 21.18
CA ARG A 420 -22.66 14.13 21.68
C ARG A 420 -24.07 14.17 22.23
N ALA A 421 -25.00 13.48 21.57
CA ALA A 421 -26.36 13.37 22.10
C ALA A 421 -26.40 12.50 23.36
N MET A 422 -25.39 11.65 23.58
CA MET A 422 -25.33 10.86 24.79
C MET A 422 -25.08 11.73 26.02
N LEU A 423 -24.13 12.68 25.92
CA LEU A 423 -23.78 13.49 27.08
C LEU A 423 -24.95 14.35 27.53
N LEU A 424 -25.66 14.99 26.59
CA LEU A 424 -26.77 15.86 26.96
C LEU A 424 -27.88 15.08 27.64
N ARG A 425 -28.18 13.88 27.14
CA ARG A 425 -29.25 13.09 27.72
C ARG A 425 -28.92 12.61 29.13
N ALA A 426 -27.63 12.40 29.41
CA ALA A 426 -27.24 11.96 30.75
C ALA A 426 -27.39 13.08 31.78
N ASN A 427 -27.02 14.30 31.40
CA ASN A 427 -27.07 15.42 32.34
C ASN A 427 -28.50 15.78 32.71
N LEU A 428 -29.45 15.62 31.78
CA LEU A 428 -30.85 15.91 32.09
C LEU A 428 -31.36 15.01 33.20
N LEU A 429 -31.02 13.72 33.15
CA LEU A 429 -31.43 12.80 34.21
C LEU A 429 -30.77 13.14 35.54
N LYS A 430 -29.50 13.58 35.49
CA LYS A 430 -28.83 13.98 36.73
C LYS A 430 -29.51 15.18 37.37
N HIS A 431 -29.93 16.15 36.55
CA HIS A 431 -30.61 17.33 37.08
C HIS A 431 -31.95 16.97 37.71
N GLU A 432 -32.69 16.06 37.08
CA GLU A 432 -34.00 15.69 37.61
C GLU A 432 -33.88 14.95 38.94
N TYR A 433 -32.88 14.07 39.07
CA TYR A 433 -32.72 13.30 40.29
C TYR A 433 -32.36 14.20 41.48
N HIS A 434 -31.68 15.32 41.23
CA HIS A 434 -31.37 16.24 42.31
C HIS A 434 -32.64 16.87 42.90
N ALA A 435 -33.66 17.08 42.07
CA ALA A 435 -34.92 17.64 42.54
C ALA A 435 -35.77 16.56 43.19
N MET B 1 -25.92 59.19 10.09
CA MET B 1 -24.98 58.49 10.95
C MET B 1 -23.57 58.54 10.39
N ASP B 2 -22.69 57.72 10.96
CA ASP B 2 -21.29 57.63 10.50
C ASP B 2 -21.16 56.62 9.36
N LEU B 3 -21.81 56.96 8.25
CA LEU B 3 -21.84 56.14 7.03
C LEU B 3 -20.49 56.10 6.30
N SER B 4 -19.42 56.62 6.89
CA SER B 4 -18.12 56.64 6.21
C SER B 4 -17.61 55.25 5.85
N PRO B 5 -17.62 54.25 6.74
CA PRO B 5 -17.13 52.91 6.32
C PRO B 5 -17.90 52.34 5.15
N VAL B 6 -19.21 52.57 5.07
CA VAL B 6 -19.97 52.17 3.90
C VAL B 6 -19.49 52.94 2.67
N LYS B 7 -19.31 54.26 2.82
CA LYS B 7 -18.78 55.07 1.73
C LYS B 7 -17.35 54.69 1.40
N GLU B 8 -16.53 54.43 2.42
CA GLU B 8 -15.13 54.09 2.19
C GLU B 8 -15.01 52.77 1.43
N ALA B 9 -15.80 51.77 1.80
CA ALA B 9 -15.75 50.48 1.11
C ALA B 9 -16.18 50.63 -0.35
N LEU B 10 -17.21 51.42 -0.61
CA LEU B 10 -17.63 51.67 -1.99
C LEU B 10 -16.54 52.40 -2.77
N ALA B 11 -15.90 53.38 -2.13
CA ALA B 11 -14.80 54.09 -2.79
C ALA B 11 -13.61 53.17 -3.05
N ALA B 12 -13.32 52.27 -2.12
CA ALA B 12 -12.20 51.34 -2.25
C ALA B 12 -12.55 50.12 -3.08
N LYS B 13 -13.76 50.03 -3.62
CA LYS B 13 -14.20 48.91 -4.45
C LYS B 13 -14.11 47.59 -3.67
N SER B 14 -14.43 47.64 -2.38
CA SER B 14 -14.46 46.46 -1.54
C SER B 14 -15.86 45.86 -1.53
N PHE B 15 -16.30 45.44 -2.72
CA PHE B 15 -17.65 44.91 -2.88
C PHE B 15 -17.84 43.60 -2.12
N ASP B 16 -16.78 42.82 -1.96
CA ASP B 16 -16.88 41.57 -1.20
C ASP B 16 -17.22 41.85 0.26
N LYS B 17 -16.62 42.87 0.86
CA LYS B 17 -16.85 43.22 2.24
C LYS B 17 -18.00 44.21 2.42
N ILE B 18 -18.69 44.58 1.34
CA ILE B 18 -19.78 45.55 1.45
C ILE B 18 -20.89 44.99 2.33
N ALA B 19 -21.26 43.72 2.12
CA ALA B 19 -22.37 43.15 2.87
C ALA B 19 -22.06 43.10 4.36
N ASP B 20 -20.84 42.72 4.73
CA ASP B 20 -20.49 42.61 6.14
C ASP B 20 -20.40 43.98 6.82
N ILE B 21 -20.10 45.03 6.06
CA ILE B 21 -19.92 46.35 6.66
C ILE B 21 -21.26 46.91 7.13
N CYS B 22 -22.30 46.81 6.31
CA CYS B 22 -23.58 47.41 6.66
C CYS B 22 -24.21 46.75 7.87
N ASP B 23 -24.21 45.42 7.93
CA ASP B 23 -24.91 44.73 9.02
C ASP B 23 -24.26 45.04 10.36
N THR B 24 -22.93 45.06 10.41
CA THR B 24 -22.24 45.43 11.66
C THR B 24 -22.55 46.87 12.04
N LEU B 25 -22.55 47.78 11.08
CA LEU B 25 -22.86 49.17 11.36
C LEU B 25 -24.35 49.37 11.66
N MET B 26 -25.21 48.56 11.05
CA MET B 26 -26.64 48.71 11.26
C MET B 26 -27.03 48.36 12.69
N LEU B 27 -26.40 47.35 13.27
CA LEU B 27 -26.70 46.97 14.65
C LEU B 27 -26.36 48.08 15.63
N GLN B 28 -25.20 48.73 15.43
CA GLN B 28 -24.80 49.81 16.32
C GLN B 28 -25.66 51.05 16.08
N VAL B 29 -26.05 51.30 14.83
CA VAL B 29 -26.88 52.46 14.53
C VAL B 29 -28.25 52.33 15.19
N ALA B 30 -28.85 51.14 15.12
CA ALA B 30 -30.16 50.94 15.72
C ALA B 30 -30.10 50.99 17.23
N SER B 31 -28.98 50.54 17.83
CA SER B 31 -28.88 50.48 19.27
C SER B 31 -28.92 51.87 19.89
N GLU B 32 -28.16 52.81 19.33
CA GLU B 32 -28.13 54.17 19.88
C GLU B 32 -29.48 54.86 19.73
N GLY B 33 -30.09 54.74 18.55
CA GLY B 33 -31.42 55.29 18.34
C GLY B 33 -31.56 56.22 17.15
N ILE B 34 -30.49 56.36 16.37
CA ILE B 34 -30.50 57.25 15.17
C ILE B 34 -31.41 56.64 14.11
N GLU B 35 -32.33 57.44 13.54
CA GLU B 35 -33.21 56.94 12.51
C GLU B 35 -32.42 56.50 11.29
N TYR B 36 -32.81 55.37 10.70
CA TYR B 36 -32.10 54.78 9.59
C TYR B 36 -32.98 54.32 8.44
N HIS B 37 -34.29 54.22 8.63
CA HIS B 37 -35.16 53.66 7.60
C HIS B 37 -35.21 54.52 6.34
N ASP B 38 -34.80 55.78 6.41
CA ASP B 38 -34.82 56.68 5.26
C ASP B 38 -33.45 57.27 4.95
N ASP B 39 -32.37 56.73 5.54
CA ASP B 39 -31.05 57.30 5.33
C ASP B 39 -30.11 56.18 4.90
N TRP B 40 -30.36 54.98 5.42
CA TRP B 40 -29.45 53.85 5.22
C TRP B 40 -29.32 53.52 3.73
N PRO B 41 -28.11 53.15 3.28
CA PRO B 41 -27.93 52.75 1.88
C PRO B 41 -28.61 51.43 1.60
N TYR B 42 -29.94 51.47 1.54
CA TYR B 42 -30.72 50.23 1.50
C TYR B 42 -30.57 49.51 0.18
N ALA B 43 -30.49 50.26 -0.93
CA ALA B 43 -30.28 49.64 -2.23
C ALA B 43 -28.91 48.97 -2.31
N ILE B 44 -27.88 49.62 -1.77
CA ILE B 44 -26.54 49.04 -1.82
C ILE B 44 -26.46 47.79 -0.97
N HIS B 45 -27.16 47.77 0.17
CA HIS B 45 -27.11 46.61 1.05
C HIS B 45 -27.65 45.36 0.36
N LEU B 46 -28.75 45.50 -0.38
CA LEU B 46 -29.35 44.33 -1.03
C LEU B 46 -28.43 43.76 -2.11
N LEU B 47 -27.78 44.62 -2.88
CA LEU B 47 -26.94 44.14 -3.98
C LEU B 47 -25.64 43.53 -3.47
N GLY B 48 -25.20 43.93 -2.27
CA GLY B 48 -23.98 43.36 -1.72
C GLY B 48 -24.10 41.89 -1.40
N TYR B 49 -25.26 41.46 -0.92
CA TYR B 49 -25.47 40.05 -0.60
C TYR B 49 -25.47 39.18 -1.85
N PHE B 50 -25.89 39.72 -2.99
CA PHE B 50 -25.89 38.94 -4.22
C PHE B 50 -24.47 38.62 -4.68
N TYR B 51 -23.53 39.54 -4.45
CA TYR B 51 -22.16 39.32 -4.89
C TYR B 51 -21.52 38.12 -4.18
N VAL B 52 -21.77 37.98 -2.89
CA VAL B 52 -21.14 36.91 -2.11
C VAL B 52 -22.07 35.70 -1.95
N ASP B 53 -23.14 35.64 -2.73
CA ASP B 53 -24.02 34.48 -2.80
C ASP B 53 -24.62 34.15 -1.43
N ASP B 54 -25.36 35.13 -0.89
CA ASP B 54 -26.19 34.98 0.29
C ASP B 54 -27.60 35.46 -0.02
N CYS B 55 -28.16 34.98 -1.12
CA CYS B 55 -29.47 35.44 -1.56
C CYS B 55 -30.55 35.17 -0.51
N ASP B 56 -30.31 34.20 0.37
CA ASP B 56 -31.28 33.92 1.43
C ASP B 56 -31.43 35.12 2.36
N SER B 57 -30.32 35.64 2.87
CA SER B 57 -30.39 36.79 3.78
C SER B 57 -30.94 38.02 3.07
N ALA B 58 -30.71 38.13 1.76
CA ALA B 58 -31.27 39.25 1.00
C ALA B 58 -32.78 39.18 0.97
N ARG B 59 -33.35 37.98 1.04
CA ARG B 59 -34.81 37.85 1.04
C ARG B 59 -35.41 38.40 2.33
N PHE B 60 -34.84 38.01 3.48
CA PHE B 60 -35.33 38.55 4.75
C PHE B 60 -35.11 40.05 4.84
N LEU B 61 -33.97 40.53 4.35
CA LEU B 61 -33.71 41.97 4.37
C LEU B 61 -34.72 42.73 3.54
N TRP B 62 -35.07 42.19 2.37
CA TRP B 62 -36.09 42.83 1.54
C TRP B 62 -37.47 42.74 2.18
N LYS B 63 -37.73 41.70 2.98
CA LYS B 63 -38.97 41.62 3.73
C LYS B 63 -39.06 42.70 4.80
N ARG B 64 -37.92 43.18 5.29
CA ARG B 64 -37.87 44.26 6.27
C ARG B 64 -37.82 45.62 5.60
N ILE B 65 -38.02 45.69 4.30
CA ILE B 65 -37.94 46.96 3.59
C ILE B 65 -39.10 47.86 4.04
N PRO B 66 -38.86 49.12 4.39
CA PRO B 66 -39.98 50.03 4.67
C PRO B 66 -40.89 50.16 3.44
N THR B 67 -42.20 50.19 3.69
CA THR B 67 -43.14 50.24 2.57
C THR B 67 -43.04 51.56 1.81
N ALA B 68 -42.84 52.66 2.53
CA ALA B 68 -42.78 53.96 1.90
C ALA B 68 -41.58 54.06 0.95
N ILE B 69 -40.42 53.56 1.37
CA ILE B 69 -39.23 53.69 0.55
C ILE B 69 -39.32 52.80 -0.69
N LYS B 70 -40.10 51.73 -0.64
CA LYS B 70 -40.42 50.98 -1.85
C LYS B 70 -41.15 51.85 -2.85
N GLU B 71 -42.14 52.61 -2.38
CA GLU B 71 -42.89 53.48 -3.27
C GLU B 71 -42.15 54.78 -3.58
N ARG B 72 -41.10 55.09 -2.80
CA ARG B 72 -40.35 56.32 -3.02
C ARG B 72 -39.28 56.15 -4.09
N LYS B 73 -38.32 55.26 -3.86
CA LYS B 73 -37.20 55.12 -4.78
C LYS B 73 -37.36 53.87 -5.63
N PRO B 74 -37.10 53.95 -6.94
CA PRO B 74 -37.15 52.77 -7.79
C PRO B 74 -35.89 51.93 -7.78
N GLU B 75 -34.79 52.42 -7.20
CA GLU B 75 -33.55 51.65 -7.15
C GLU B 75 -33.73 50.37 -6.32
N VAL B 76 -34.42 50.48 -5.18
CA VAL B 76 -34.63 49.31 -4.34
C VAL B 76 -35.54 48.31 -5.03
N VAL B 77 -36.54 48.79 -5.77
CA VAL B 77 -37.40 47.90 -6.54
C VAL B 77 -36.60 47.21 -7.64
N ALA B 78 -35.75 47.97 -8.33
CA ALA B 78 -34.93 47.39 -9.40
C ALA B 78 -33.90 46.42 -8.83
N ALA B 79 -33.35 46.72 -7.66
CA ALA B 79 -32.36 45.84 -7.05
C ALA B 79 -32.95 44.47 -6.73
N TRP B 80 -34.19 44.46 -6.21
CA TRP B 80 -34.84 43.19 -5.90
C TRP B 80 -35.24 42.41 -7.15
N GLY B 81 -35.33 43.08 -8.30
CA GLY B 81 -35.67 42.37 -9.53
C GLY B 81 -34.62 41.32 -9.90
N ILE B 82 -33.35 41.65 -9.68
CA ILE B 82 -32.29 40.68 -9.94
C ILE B 82 -32.40 39.49 -8.99
N GLY B 83 -32.73 39.76 -7.73
CA GLY B 83 -32.85 38.69 -6.75
C GLY B 83 -33.95 37.69 -7.07
N GLN B 84 -35.04 38.15 -7.69
CA GLN B 84 -36.12 37.25 -8.06
C GLN B 84 -35.64 36.20 -9.06
N LYS B 85 -34.83 36.61 -10.03
CA LYS B 85 -34.29 35.67 -11.00
C LYS B 85 -33.30 34.71 -10.35
N LEU B 86 -32.47 35.22 -9.43
CA LEU B 86 -31.50 34.36 -8.76
C LEU B 86 -32.18 33.31 -7.88
N TRP B 87 -33.23 33.72 -7.17
CA TRP B 87 -33.95 32.76 -6.32
C TRP B 87 -34.62 31.68 -7.15
N THR B 88 -35.18 32.03 -8.29
CA THR B 88 -35.90 31.09 -9.15
C THR B 88 -34.98 30.39 -10.15
N HIS B 89 -33.68 30.64 -10.09
CA HIS B 89 -32.70 29.99 -10.95
C HIS B 89 -32.96 30.28 -12.43
N ASP B 90 -33.53 31.45 -12.72
CA ASP B 90 -33.70 31.88 -14.11
C ASP B 90 -32.35 32.42 -14.59
N TYR B 91 -31.54 31.52 -15.16
CA TYR B 91 -30.18 31.87 -15.52
C TYR B 91 -30.15 32.96 -16.59
N ALA B 92 -31.03 32.86 -17.59
CA ALA B 92 -31.07 33.87 -18.65
C ALA B 92 -31.74 35.15 -18.19
N GLY B 93 -32.65 35.07 -17.21
CA GLY B 93 -33.38 36.24 -16.77
C GLY B 93 -32.58 37.24 -15.96
N VAL B 94 -31.45 36.80 -15.38
CA VAL B 94 -30.63 37.71 -14.59
C VAL B 94 -30.07 38.83 -15.45
N TYR B 95 -29.64 38.50 -16.67
CA TYR B 95 -29.06 39.51 -17.56
C TYR B 95 -30.11 40.55 -17.96
N GLU B 96 -31.38 40.14 -18.08
CA GLU B 96 -32.44 41.10 -18.36
C GLU B 96 -32.63 42.06 -17.19
N ALA B 97 -32.66 41.53 -15.97
CA ALA B 97 -32.86 42.38 -14.80
C ALA B 97 -31.66 43.31 -14.58
N ILE B 98 -30.45 42.82 -14.84
CA ILE B 98 -29.26 43.65 -14.66
C ILE B 98 -29.29 44.84 -15.60
N ARG B 99 -29.64 44.60 -16.87
CA ARG B 99 -29.79 45.68 -17.85
C ARG B 99 -31.25 46.13 -17.83
N GLY B 100 -31.58 46.91 -16.80
CA GLY B 100 -32.93 47.39 -16.59
C GLY B 100 -32.97 48.88 -16.30
N TYR B 101 -33.53 49.25 -15.16
CA TYR B 101 -33.55 50.64 -14.74
C TYR B 101 -32.13 51.19 -14.67
N ASP B 102 -31.95 52.40 -15.20
CA ASP B 102 -30.63 53.03 -15.27
C ASP B 102 -30.02 53.19 -13.88
N TRP B 103 -28.93 52.48 -13.63
CA TRP B 103 -28.27 52.56 -12.33
C TRP B 103 -27.63 53.93 -12.15
N SER B 104 -27.74 54.46 -10.94
CA SER B 104 -27.17 55.77 -10.64
C SER B 104 -25.65 55.69 -10.58
N GLN B 105 -25.02 56.84 -10.34
CA GLN B 105 -23.56 56.90 -10.28
C GLN B 105 -23.02 56.13 -9.07
N GLU B 106 -23.81 56.03 -8.00
CA GLU B 106 -23.33 55.36 -6.80
C GLU B 106 -23.05 53.88 -7.06
N ALA B 107 -24.09 53.18 -7.56
CA ALA B 107 -23.99 51.73 -7.80
C ALA B 107 -23.19 51.45 -9.06
N LYS B 108 -22.81 52.49 -9.80
CA LYS B 108 -21.95 52.28 -10.99
C LYS B 108 -20.77 51.40 -10.57
N ASP B 109 -20.36 50.48 -11.44
CA ASP B 109 -19.26 49.52 -11.13
C ASP B 109 -19.76 48.50 -10.12
N MET B 110 -20.30 48.91 -8.97
CA MET B 110 -20.73 47.86 -8.06
C MET B 110 -21.70 46.90 -8.73
N VAL B 111 -22.32 47.30 -9.83
CA VAL B 111 -23.17 46.40 -10.62
C VAL B 111 -22.39 45.74 -11.74
N ALA B 112 -21.53 46.52 -12.41
CA ALA B 112 -20.77 45.98 -13.54
C ALA B 112 -19.85 44.85 -13.11
N ALA B 113 -19.17 45.02 -11.98
CA ALA B 113 -18.31 43.94 -11.47
C ALA B 113 -19.13 42.72 -11.09
N PHE B 114 -20.29 42.93 -10.47
CA PHE B 114 -21.16 41.81 -10.14
C PHE B 114 -21.66 41.09 -11.39
N SER B 115 -22.03 41.86 -12.42
CA SER B 115 -22.48 41.24 -13.67
C SER B 115 -21.35 40.44 -14.31
N ASP B 116 -20.12 40.94 -14.25
CA ASP B 116 -18.99 40.19 -14.77
C ASP B 116 -18.77 38.90 -13.99
N LEU B 117 -18.95 38.95 -12.66
CA LEU B 117 -18.75 37.76 -11.85
C LEU B 117 -19.78 36.68 -12.18
N TYR B 118 -21.02 37.09 -12.47
CA TYR B 118 -22.05 36.10 -12.80
C TYR B 118 -21.69 35.31 -14.04
N THR B 119 -21.15 35.98 -15.06
CA THR B 119 -20.75 35.27 -16.28
C THR B 119 -19.63 34.27 -15.99
N LYS B 120 -18.66 34.66 -15.16
CA LYS B 120 -17.57 33.74 -14.83
C LYS B 120 -18.09 32.52 -14.08
N ARG B 121 -18.98 32.73 -13.11
CA ARG B 121 -19.56 31.61 -12.38
C ARG B 121 -20.39 30.73 -13.29
N MET B 122 -21.15 31.34 -14.21
CA MET B 122 -22.00 30.57 -15.11
C MET B 122 -21.17 29.69 -16.04
N PHE B 123 -20.00 30.18 -16.46
CA PHE B 123 -19.16 29.41 -17.35
C PHE B 123 -18.68 28.12 -16.69
N GLN B 124 -18.33 28.19 -15.40
CA GLN B 124 -17.85 27.00 -14.71
C GLN B 124 -18.92 25.91 -14.63
N LEU B 125 -20.19 26.31 -14.47
CA LEU B 125 -21.26 25.32 -14.48
C LEU B 125 -21.37 24.64 -15.84
N LEU B 126 -21.28 25.41 -16.92
CA LEU B 126 -21.39 24.83 -18.26
C LEU B 126 -20.24 23.88 -18.55
N LEU B 127 -19.04 24.23 -18.09
CA LEU B 127 -17.88 23.37 -18.33
C LEU B 127 -17.99 22.04 -17.59
N SER B 128 -18.60 22.04 -16.41
CA SER B 128 -18.66 20.85 -15.56
C SER B 128 -19.98 20.10 -15.67
N ALA B 129 -20.90 20.53 -16.54
CA ALA B 129 -22.21 19.88 -16.60
C ALA B 129 -22.72 19.72 -18.03
N TYR B 130 -21.89 19.89 -19.04
CA TYR B 130 -22.35 19.81 -20.43
C TYR B 130 -21.28 19.12 -21.27
N SER B 131 -21.73 18.44 -22.31
CA SER B 131 -20.85 17.86 -23.32
C SER B 131 -21.10 18.40 -24.72
N THR B 132 -22.35 18.40 -25.17
CA THR B 132 -22.73 18.99 -26.45
C THR B 132 -23.89 19.93 -26.23
N ILE B 133 -23.70 21.21 -26.55
CA ILE B 133 -24.72 22.23 -26.35
C ILE B 133 -24.79 23.09 -27.60
N THR B 134 -26.00 23.38 -28.05
CA THR B 134 -26.19 24.24 -29.22
C THR B 134 -25.75 25.67 -28.90
N ILE B 135 -25.34 26.38 -29.95
CA ILE B 135 -24.88 27.76 -29.77
C ILE B 135 -26.03 28.66 -29.34
N HIS B 136 -27.27 28.30 -29.67
CA HIS B 136 -28.41 29.11 -29.28
C HIS B 136 -28.56 29.17 -27.77
N ASP B 137 -28.51 28.01 -27.11
CA ASP B 137 -28.57 27.99 -25.65
C ASP B 137 -27.28 28.44 -25.00
N LEU B 138 -26.15 28.32 -25.71
CA LEU B 138 -24.89 28.82 -25.18
C LEU B 138 -24.93 30.34 -25.01
N ALA B 139 -25.53 31.04 -25.97
CA ALA B 139 -25.66 32.48 -25.85
C ALA B 139 -26.64 32.88 -24.75
N LEU B 140 -27.68 32.06 -24.53
CA LEU B 140 -28.66 32.37 -23.50
C LEU B 140 -28.05 32.27 -22.11
N PHE B 141 -27.33 31.19 -21.83
CA PHE B 141 -26.74 31.01 -20.50
C PHE B 141 -25.57 31.96 -20.28
N LEU B 142 -24.68 32.07 -21.26
CA LEU B 142 -23.50 32.90 -21.08
C LEU B 142 -23.85 34.39 -21.18
N GLY B 143 -24.85 34.74 -21.97
CA GLY B 143 -25.41 36.09 -21.92
C GLY B 143 -25.31 36.93 -23.17
N MET B 144 -24.15 36.88 -23.85
CA MET B 144 -23.91 37.76 -24.98
C MET B 144 -24.58 37.21 -26.24
N THR B 145 -24.29 37.86 -27.37
CA THR B 145 -24.91 37.52 -28.64
C THR B 145 -24.35 36.20 -29.18
N GLU B 146 -25.00 35.70 -30.23
CA GLU B 146 -24.57 34.44 -30.84
C GLU B 146 -23.17 34.56 -31.41
N ASP B 147 -22.87 35.65 -32.10
CA ASP B 147 -21.53 35.84 -32.66
C ASP B 147 -20.50 36.00 -31.56
N ASP B 148 -20.84 36.69 -30.48
CA ASP B 148 -19.89 36.88 -29.39
C ASP B 148 -19.71 35.61 -28.58
N ALA B 149 -20.80 34.85 -28.37
CA ALA B 149 -20.70 33.59 -27.64
C ALA B 149 -19.83 32.59 -28.40
N THR B 150 -19.97 32.53 -29.72
CA THR B 150 -19.14 31.63 -30.52
C THR B 150 -17.67 32.03 -30.44
N THR B 151 -17.38 33.33 -30.52
CA THR B 151 -15.99 33.78 -30.46
C THR B 151 -15.37 33.53 -29.09
N TYR B 152 -16.12 33.77 -28.02
CA TYR B 152 -15.57 33.65 -26.67
C TYR B 152 -15.15 32.20 -26.37
N VAL B 153 -16.00 31.24 -26.74
CA VAL B 153 -15.75 29.85 -26.34
C VAL B 153 -14.51 29.29 -27.03
N VAL B 154 -14.26 29.68 -28.28
CA VAL B 154 -13.11 29.14 -29.00
C VAL B 154 -11.79 29.67 -28.44
N GLU B 155 -11.82 30.80 -27.73
CA GLU B 155 -10.61 31.26 -27.04
C GLU B 155 -10.30 30.43 -25.80
N ASN B 156 -11.30 29.76 -25.23
CA ASN B 156 -11.10 28.86 -24.11
C ASN B 156 -10.86 27.42 -24.54
N GLY B 157 -10.91 27.14 -25.85
CA GLY B 157 -10.69 25.82 -26.39
C GLY B 157 -11.95 25.14 -26.88
N TRP B 158 -13.12 25.62 -26.45
CA TRP B 158 -14.40 25.06 -26.90
C TRP B 158 -14.53 25.17 -28.41
N THR B 159 -14.56 24.03 -29.09
CA THR B 159 -14.79 24.00 -30.53
C THR B 159 -16.28 23.83 -30.80
N VAL B 160 -16.72 24.41 -31.92
CA VAL B 160 -18.13 24.47 -32.26
C VAL B 160 -18.33 24.00 -33.69
N ASP B 161 -19.32 23.13 -33.88
CA ASP B 161 -19.70 22.71 -35.22
C ASP B 161 -20.30 23.88 -35.98
N ALA B 162 -19.87 24.07 -37.22
CA ALA B 162 -20.33 25.17 -38.05
C ALA B 162 -21.54 24.81 -38.91
N ALA B 163 -22.01 23.57 -38.84
CA ALA B 163 -23.15 23.12 -39.63
C ALA B 163 -24.43 23.03 -38.80
N SER B 164 -24.40 22.30 -37.69
CA SER B 164 -25.57 22.16 -36.83
C SER B 164 -25.65 23.23 -35.76
N GLN B 165 -24.70 24.17 -35.72
CA GLN B 165 -24.68 25.26 -34.75
C GLN B 165 -24.68 24.74 -33.32
N MET B 166 -23.71 23.88 -33.04
CA MET B 166 -23.56 23.28 -31.71
C MET B 166 -22.07 23.20 -31.36
N ALA B 167 -21.76 23.43 -30.09
CA ALA B 167 -20.40 23.40 -29.59
C ALA B 167 -20.21 22.17 -28.72
N SER B 168 -19.05 21.52 -28.85
CA SER B 168 -18.69 20.37 -28.05
C SER B 168 -17.82 20.82 -26.88
N VAL B 169 -18.10 20.30 -25.70
CA VAL B 169 -17.49 20.75 -24.46
C VAL B 169 -16.33 19.84 -24.07
N LYS B 170 -15.21 20.43 -23.68
CA LYS B 170 -14.08 19.72 -23.13
C LYS B 170 -13.70 20.35 -21.79
N LYS B 171 -13.00 19.57 -20.97
CA LYS B 171 -12.63 20.00 -19.63
C LYS B 171 -11.31 20.75 -19.58
N GLN B 172 -10.89 21.34 -20.71
CA GLN B 172 -9.66 22.13 -20.79
C GLN B 172 -8.44 21.33 -20.33
N ALA B 173 -7.87 21.71 -19.19
CA ALA B 173 -6.71 21.04 -18.65
C ALA B 173 -6.76 21.14 -17.12
N VAL B 174 -5.66 20.77 -16.47
CA VAL B 174 -5.54 20.82 -15.03
C VAL B 174 -4.20 21.45 -14.68
N LYS B 175 -3.93 21.54 -13.37
CA LYS B 175 -2.69 22.11 -12.87
C LYS B 175 -1.98 21.07 -12.00
N ARG B 176 -0.82 21.43 -11.49
CA ARG B 176 -0.03 20.57 -10.63
C ARG B 176 0.16 21.12 -9.23
N GLU B 177 0.51 22.41 -9.11
CA GLU B 177 0.74 23.06 -7.83
C GLU B 177 1.75 22.28 -6.99
N GLN B 178 1.51 22.21 -5.68
CA GLN B 178 2.39 21.50 -4.75
C GLN B 178 1.62 21.26 -3.46
N LYS B 179 2.29 20.67 -2.48
CA LYS B 179 1.71 20.44 -1.16
C LYS B 179 2.39 21.28 -0.08
N VAL B 180 3.70 21.13 0.07
CA VAL B 180 4.52 21.87 1.03
C VAL B 180 3.84 21.91 2.39
N ASP B 181 3.67 20.74 3.02
CA ASP B 181 3.03 20.67 4.33
C ASP B 181 4.05 20.71 5.46
N SER B 182 4.96 19.73 5.49
CA SER B 182 6.06 19.65 6.45
C SER B 182 5.56 19.43 7.87
N SER B 183 4.25 19.46 8.08
CA SER B 183 3.66 19.10 9.36
C SER B 183 3.05 17.71 9.25
N LYS B 184 3.93 16.71 9.24
CA LYS B 184 3.52 15.31 9.11
C LYS B 184 3.97 14.47 10.29
N LEU B 185 5.23 14.60 10.71
CA LEU B 185 5.71 13.84 11.85
C LEU B 185 5.00 14.25 13.13
N GLN B 186 4.71 15.55 13.28
CA GLN B 186 4.08 16.05 14.49
C GLN B 186 2.70 15.44 14.68
N ARG B 187 1.91 15.37 13.60
CA ARG B 187 0.55 14.83 13.71
C ARG B 187 0.58 13.33 13.99
N LEU B 188 1.51 12.61 13.37
CA LEU B 188 1.59 11.16 13.57
C LEU B 188 1.94 10.83 15.02
N THR B 189 2.86 11.61 15.61
CA THR B 189 3.26 11.37 17.00
C THR B 189 2.08 11.54 17.95
N GLU B 190 1.19 12.51 17.67
CA GLU B 190 0.03 12.72 18.53
C GLU B 190 -0.90 11.52 18.53
N TYR B 191 -1.12 10.91 17.36
CA TYR B 191 -2.01 9.75 17.28
C TYR B 191 -1.43 8.56 18.04
N VAL B 192 -0.12 8.34 17.93
CA VAL B 192 0.50 7.20 18.58
C VAL B 192 0.38 7.32 20.10
N PHE B 193 0.63 8.51 20.63
CA PHE B 193 0.57 8.71 22.08
C PHE B 193 -0.85 8.47 22.60
N HIS B 194 -1.86 8.98 21.90
CA HIS B 194 -3.23 8.83 22.37
C HIS B 194 -3.74 7.40 22.18
N LEU B 195 -3.20 6.68 21.19
CA LEU B 195 -3.66 5.32 20.94
C LEU B 195 -3.34 4.39 22.11
N GLU B 196 -2.11 4.46 22.61
CA GLU B 196 -1.69 3.59 23.71
C GLU B 196 -1.96 4.22 25.07
N HIS B 197 -3.20 4.68 25.26
CA HIS B 197 -3.68 5.22 26.52
C HIS B 197 -2.76 6.29 27.12
N MET C 1 31.33 3.66 -10.73
CA MET C 1 32.57 3.22 -10.07
C MET C 1 33.34 2.25 -10.96
N ASP C 2 32.64 1.24 -11.48
CA ASP C 2 33.29 0.25 -12.33
C ASP C 2 33.83 0.87 -13.61
N ILE C 3 33.21 1.95 -14.08
CA ILE C 3 33.69 2.62 -15.28
C ILE C 3 34.86 3.54 -14.94
N GLU C 4 35.02 3.91 -13.67
CA GLU C 4 36.05 4.87 -13.29
C GLU C 4 37.44 4.27 -13.45
N GLN C 5 37.67 3.07 -12.92
CA GLN C 5 39.01 2.48 -12.99
C GLN C 5 39.39 2.11 -14.41
N LYS C 6 38.40 1.83 -15.27
CA LYS C 6 38.71 1.54 -16.67
C LYS C 6 39.34 2.75 -17.35
N GLN C 7 38.84 3.94 -17.08
CA GLN C 7 39.47 5.14 -17.61
C GLN C 7 40.76 5.47 -16.87
N ALA C 8 40.85 5.10 -15.59
CA ALA C 8 41.98 5.53 -14.76
C ALA C 8 43.31 5.01 -15.32
N GLU C 9 43.35 3.75 -15.74
CA GLU C 9 44.58 3.21 -16.31
C GLU C 9 44.94 3.93 -17.61
N ILE C 10 43.95 4.17 -18.47
CA ILE C 10 44.22 4.83 -19.75
C ILE C 10 44.59 6.30 -19.54
N ILE C 11 43.97 6.95 -18.55
CA ILE C 11 44.24 8.37 -18.32
C ILE C 11 45.70 8.59 -17.96
N ASP C 12 46.27 7.71 -17.13
CA ASP C 12 47.65 7.87 -16.70
C ASP C 12 48.61 7.85 -17.88
N GLN C 13 48.39 6.92 -18.82
CA GLN C 13 49.22 6.91 -20.03
C GLN C 13 49.01 8.17 -20.87
N LEU C 14 47.76 8.63 -20.96
CA LEU C 14 47.45 9.81 -21.78
C LEU C 14 48.10 11.06 -21.19
N VAL C 15 47.96 11.26 -19.89
CA VAL C 15 48.51 12.47 -19.27
C VAL C 15 50.04 12.44 -19.28
N LYS C 16 50.62 11.25 -19.10
CA LYS C 16 52.07 11.14 -19.04
C LYS C 16 52.72 11.57 -20.35
N ARG C 17 52.18 11.09 -21.48
CA ARG C 17 52.70 11.51 -22.77
C ARG C 17 52.37 12.99 -23.04
N ALA C 18 51.11 13.37 -22.83
CA ALA C 18 50.66 14.72 -23.16
C ALA C 18 51.45 15.77 -22.39
N SER C 19 52.00 15.42 -21.23
CA SER C 19 52.84 16.34 -20.50
C SER C 19 54.19 16.57 -21.17
N THR C 20 54.56 15.74 -22.14
CA THR C 20 55.88 15.80 -22.75
C THR C 20 55.86 16.01 -24.26
N CYS C 21 54.72 15.90 -24.93
CA CYS C 21 54.71 16.08 -26.37
C CYS C 21 55.01 17.52 -26.76
N LYS C 22 55.63 17.67 -27.93
CA LYS C 22 55.86 18.97 -28.52
C LYS C 22 54.56 19.54 -29.08
N SER C 23 54.66 20.70 -29.71
CA SER C 23 53.47 21.38 -30.21
C SER C 23 52.75 20.56 -31.28
N GLU C 24 53.51 19.96 -32.20
CA GLU C 24 52.88 19.23 -33.30
C GLU C 24 52.34 17.87 -32.84
N ALA C 25 53.03 17.23 -31.88
CA ALA C 25 52.66 15.87 -31.50
C ALA C 25 51.30 15.79 -30.83
N LEU C 26 50.79 16.89 -30.30
CA LEU C 26 49.45 16.88 -29.69
C LEU C 26 48.37 16.69 -30.75
N GLY C 27 48.63 17.10 -31.98
CA GLY C 27 47.69 16.96 -33.07
C GLY C 27 47.12 15.55 -33.19
N PRO C 28 47.99 14.58 -33.53
CA PRO C 28 47.54 13.19 -33.54
C PRO C 28 47.09 12.69 -32.17
N LEU C 29 47.62 13.27 -31.09
CA LEU C 29 47.30 12.78 -29.75
C LEU C 29 45.83 13.01 -29.42
N ILE C 30 45.31 14.20 -29.68
CA ILE C 30 43.92 14.51 -29.35
C ILE C 30 42.97 13.66 -30.17
N ILE C 31 43.32 13.36 -31.42
CA ILE C 31 42.43 12.60 -32.29
C ILE C 31 42.18 11.21 -31.70
N GLU C 32 43.26 10.53 -31.30
CA GLU C 32 43.11 9.20 -30.71
C GLU C 32 42.47 9.28 -29.33
N ALA C 33 42.78 10.33 -28.57
CA ALA C 33 42.27 10.45 -27.21
C ALA C 33 40.74 10.49 -27.19
N THR C 34 40.14 11.24 -28.13
CA THR C 34 38.70 11.31 -28.22
C THR C 34 38.09 10.12 -28.94
N SER C 35 38.90 9.27 -29.57
CA SER C 35 38.39 8.15 -30.35
C SER C 35 38.47 6.82 -29.62
N HIS C 36 39.22 6.73 -28.53
CA HIS C 36 39.33 5.47 -27.80
C HIS C 36 37.98 5.12 -27.17
N PRO C 37 37.44 3.93 -27.43
CA PRO C 37 36.10 3.61 -26.91
C PRO C 37 36.11 3.17 -25.45
N SER C 38 36.90 3.84 -24.63
CA SER C 38 36.84 3.72 -23.19
C SER C 38 36.86 5.07 -22.48
N LEU C 39 37.58 6.05 -23.02
CA LEU C 39 37.77 7.32 -22.36
C LEU C 39 36.56 8.21 -22.56
N PHE C 40 35.98 8.69 -21.46
CA PHE C 40 34.86 9.63 -21.50
C PHE C 40 35.16 10.96 -20.82
N ALA C 41 36.24 11.05 -20.05
CA ALA C 41 36.61 12.27 -19.35
C ALA C 41 37.92 12.79 -19.93
N PHE C 42 37.93 14.09 -20.25
CA PHE C 42 39.08 14.69 -20.93
C PHE C 42 39.63 15.94 -20.25
N SER C 43 38.99 16.45 -19.20
CA SER C 43 39.44 17.68 -18.58
C SER C 43 40.82 17.56 -17.96
N GLU C 44 41.25 16.35 -17.60
CA GLU C 44 42.62 16.18 -17.11
C GLU C 44 43.64 16.57 -18.15
N ILE C 45 43.42 16.18 -19.40
CA ILE C 45 44.26 16.64 -20.50
C ILE C 45 44.08 18.14 -20.70
N LEU C 46 42.84 18.62 -20.57
CA LEU C 46 42.59 20.06 -20.68
C LEU C 46 43.29 20.83 -19.57
N ALA C 47 43.24 20.31 -18.34
CA ALA C 47 43.89 20.98 -17.22
C ALA C 47 45.41 20.91 -17.31
N LEU C 48 45.95 19.99 -18.10
CA LEU C 48 47.39 19.87 -18.22
C LEU C 48 47.93 21.12 -18.92
N PRO C 49 48.99 21.74 -18.40
CA PRO C 49 49.35 23.09 -18.87
C PRO C 49 49.85 23.18 -20.30
N ASN C 50 50.25 22.06 -20.93
CA ASN C 50 50.80 22.14 -22.27
C ASN C 50 49.77 22.64 -23.27
N VAL C 51 48.53 22.18 -23.16
CA VAL C 51 47.49 22.61 -24.10
C VAL C 51 47.12 24.08 -23.89
N ALA C 52 47.46 24.66 -22.73
CA ALA C 52 47.15 26.06 -22.50
C ALA C 52 47.88 26.97 -23.48
N GLN C 53 49.16 26.70 -23.73
CA GLN C 53 49.93 27.48 -24.69
C GLN C 53 49.63 27.13 -26.13
N LEU C 54 48.93 26.02 -26.39
CA LEU C 54 48.54 25.68 -27.75
C LEU C 54 47.46 26.60 -28.29
N GLU C 55 46.68 27.23 -27.41
CA GLU C 55 45.59 28.10 -27.86
C GLU C 55 46.16 29.33 -28.56
N GLY C 56 45.90 29.44 -29.86
CA GLY C 56 46.37 30.58 -30.62
C GLY C 56 47.07 30.21 -31.92
N THR C 57 47.76 29.07 -31.93
CA THR C 57 48.51 28.65 -33.11
C THR C 57 47.55 28.03 -34.12
N THR C 58 48.11 27.46 -35.20
CA THR C 58 47.29 26.84 -36.24
C THR C 58 46.56 25.60 -35.74
N ASP C 59 47.00 25.01 -34.63
CA ASP C 59 46.34 23.85 -34.05
C ASP C 59 45.16 24.24 -33.14
N SER C 60 44.66 25.48 -33.25
CA SER C 60 43.56 25.91 -32.41
C SER C 60 42.28 25.12 -32.67
N VAL C 61 42.14 24.52 -33.85
CA VAL C 61 40.97 23.70 -34.13
C VAL C 61 40.94 22.47 -33.24
N TYR C 62 42.11 21.91 -32.95
CA TYR C 62 42.16 20.72 -32.09
C TYR C 62 41.67 21.03 -30.69
N LEU C 63 42.04 22.19 -30.14
CA LEU C 63 41.62 22.53 -28.79
C LEU C 63 40.10 22.65 -28.69
N ASP C 64 39.49 23.38 -29.62
CA ASP C 64 38.04 23.49 -29.61
C ASP C 64 37.37 22.14 -29.80
N LEU C 65 38.02 21.23 -30.53
CA LEU C 65 37.53 19.86 -30.62
C LEU C 65 37.53 19.19 -29.24
N LEU C 66 38.60 19.40 -28.48
CA LEU C 66 38.67 18.85 -27.12
C LEU C 66 37.63 19.48 -26.21
N ARG C 67 37.45 20.80 -26.31
CA ARG C 67 36.45 21.46 -25.47
C ARG C 67 35.05 20.95 -25.76
N LEU C 68 34.75 20.64 -27.03
CA LEU C 68 33.47 20.04 -27.35
C LEU C 68 33.29 18.69 -26.66
N PHE C 69 34.34 17.87 -26.66
CA PHE C 69 34.25 16.57 -25.99
C PHE C 69 34.27 16.73 -24.48
N ALA C 70 35.00 17.72 -23.96
CA ALA C 70 35.00 17.97 -22.53
C ALA C 70 33.62 18.36 -22.03
N HIS C 71 32.95 19.27 -22.76
CA HIS C 71 31.58 19.66 -22.44
C HIS C 71 30.93 20.15 -23.73
N GLY C 72 30.12 19.29 -24.33
CA GLY C 72 29.45 19.63 -25.58
C GLY C 72 28.52 18.51 -25.98
N THR C 73 27.80 18.75 -27.07
CA THR C 73 26.74 17.83 -27.49
C THR C 73 26.65 17.85 -29.01
N TRP C 74 25.85 16.92 -29.55
CA TRP C 74 25.62 16.87 -30.99
C TRP C 74 24.98 18.14 -31.50
N GLY C 75 24.00 18.68 -30.76
CA GLY C 75 23.39 19.93 -31.15
C GLY C 75 24.38 21.07 -31.20
N ASP C 76 25.34 21.09 -30.27
CA ASP C 76 26.37 22.11 -30.30
C ASP C 76 27.32 21.93 -31.48
N TYR C 77 27.59 20.68 -31.87
CA TYR C 77 28.51 20.45 -32.98
C TYR C 77 27.89 20.86 -34.31
N LYS C 78 26.60 20.58 -34.51
CA LYS C 78 25.97 20.91 -35.79
C LYS C 78 25.97 22.42 -36.03
N CYS C 79 25.79 23.21 -34.97
CA CYS C 79 25.83 24.66 -35.12
C CYS C 79 27.21 25.14 -35.58
N ASN C 80 28.27 24.57 -35.03
CA ASN C 80 29.64 24.94 -35.35
C ASN C 80 30.33 23.87 -36.19
N ALA C 81 29.59 23.24 -37.10
CA ALA C 81 30.15 22.16 -37.90
C ALA C 81 31.14 22.65 -38.94
N THR C 82 31.20 23.97 -39.19
CA THR C 82 32.08 24.49 -40.24
C THR C 82 33.53 24.53 -39.76
N ARG C 83 33.79 25.25 -38.67
CA ARG C 83 35.16 25.40 -38.18
C ARG C 83 35.74 24.08 -37.70
N LEU C 84 34.92 23.27 -37.03
CA LEU C 84 35.42 22.01 -36.48
C LEU C 84 35.79 21.05 -37.60
N PRO C 85 36.87 20.28 -37.44
CA PRO C 85 37.27 19.34 -38.49
C PRO C 85 36.30 18.17 -38.60
N HIS C 86 36.35 17.53 -39.77
CA HIS C 86 35.50 16.38 -40.03
C HIS C 86 35.86 15.23 -39.11
N LEU C 87 34.83 14.57 -38.56
CA LEU C 87 35.01 13.52 -37.57
C LEU C 87 34.85 12.14 -38.22
N SER C 88 35.73 11.22 -37.83
CA SER C 88 35.58 9.83 -38.24
C SER C 88 34.34 9.23 -37.56
N PRO C 89 33.80 8.14 -38.13
CA PRO C 89 32.60 7.54 -37.52
C PRO C 89 32.78 7.15 -36.07
N ASP C 90 33.99 6.74 -35.67
CA ASP C 90 34.21 6.40 -34.27
C ASP C 90 34.03 7.61 -33.36
N GLN C 91 34.55 8.77 -33.76
CA GLN C 91 34.42 9.98 -32.95
C GLN C 91 32.96 10.37 -32.81
N ILE C 92 32.19 10.30 -33.91
CA ILE C 92 30.77 10.64 -33.85
C ILE C 92 30.03 9.70 -32.91
N LEU C 93 30.34 8.40 -32.97
CA LEU C 93 29.68 7.44 -32.11
C LEU C 93 29.95 7.75 -30.64
N LYS C 94 31.18 8.14 -30.30
CA LYS C 94 31.51 8.48 -28.92
C LYS C 94 30.69 9.66 -28.44
N LEU C 95 30.53 10.69 -29.27
CA LEU C 95 29.81 11.88 -28.85
C LEU C 95 28.31 11.64 -28.76
N LYS C 96 27.78 10.69 -29.54
CA LYS C 96 26.38 10.32 -29.40
C LYS C 96 26.12 9.68 -28.04
N GLN C 97 27.08 8.89 -27.54
CA GLN C 97 26.95 8.34 -26.20
C GLN C 97 26.96 9.45 -25.15
N LEU C 98 27.81 10.46 -25.35
CA LEU C 98 27.85 11.59 -24.42
C LEU C 98 26.55 12.38 -24.42
N THR C 99 25.78 12.31 -25.51
CA THR C 99 24.50 12.99 -25.57
C THR C 99 23.55 12.48 -24.49
N VAL C 100 23.48 11.16 -24.31
CA VAL C 100 22.57 10.60 -23.32
C VAL C 100 23.00 10.99 -21.92
N LEU C 101 24.32 11.04 -21.67
CA LEU C 101 24.82 11.34 -20.33
C LEU C 101 24.42 12.74 -19.89
N THR C 102 24.54 13.73 -20.78
CA THR C 102 24.16 15.10 -20.42
C THR C 102 22.68 15.19 -20.11
N LEU C 103 21.84 14.56 -20.93
CA LEU C 103 20.41 14.57 -20.66
C LEU C 103 20.06 13.76 -19.42
N ALA C 104 20.81 12.69 -19.14
CA ALA C 104 20.58 11.90 -17.94
C ALA C 104 21.07 12.60 -16.69
N GLU C 105 21.82 13.70 -16.81
CA GLU C 105 22.29 14.42 -15.64
C GLU C 105 21.18 15.20 -14.97
N SER C 106 20.31 15.84 -15.74
CA SER C 106 19.25 16.70 -15.21
C SER C 106 17.88 16.04 -15.24
N ASN C 107 17.81 14.74 -15.54
CA ASN C 107 16.53 14.05 -15.61
C ASN C 107 16.75 12.57 -15.37
N LYS C 108 15.65 11.89 -15.02
CA LYS C 108 15.68 10.45 -14.78
C LYS C 108 14.82 9.65 -15.75
N VAL C 109 13.73 10.21 -16.26
CA VAL C 109 12.88 9.57 -17.25
C VAL C 109 13.04 10.34 -18.55
N LEU C 110 13.65 9.72 -19.55
CA LEU C 110 13.91 10.39 -20.82
C LEU C 110 12.79 10.09 -21.81
N PRO C 111 12.03 11.09 -22.25
CA PRO C 111 11.01 10.84 -23.26
C PRO C 111 11.63 10.50 -24.61
N TYR C 112 10.88 9.74 -25.40
CA TYR C 112 11.38 9.34 -26.72
C TYR C 112 11.58 10.54 -27.63
N ASP C 113 10.63 11.48 -27.62
CA ASP C 113 10.67 12.59 -28.58
C ASP C 113 11.93 13.42 -28.41
N THR C 114 12.36 13.65 -27.17
CA THR C 114 13.60 14.39 -26.94
C THR C 114 14.79 13.64 -27.52
N LEU C 115 14.82 12.32 -27.37
CA LEU C 115 15.96 11.54 -27.82
C LEU C 115 16.10 11.57 -29.34
N MET C 116 14.98 11.50 -30.07
CA MET C 116 15.05 11.50 -31.53
C MET C 116 15.64 12.81 -32.05
N VAL C 117 15.27 13.94 -31.45
CA VAL C 117 15.76 15.23 -31.92
C VAL C 117 17.27 15.36 -31.72
N GLU C 118 17.76 14.99 -30.53
CA GLU C 118 19.17 15.17 -30.23
C GLU C 118 20.05 14.14 -30.94
N LEU C 119 19.59 12.89 -31.00
CA LEU C 119 20.40 11.82 -31.59
C LEU C 119 20.21 11.69 -33.10
N ASP C 120 19.22 12.38 -33.67
CA ASP C 120 18.97 12.39 -35.11
C ASP C 120 18.76 10.98 -35.67
N VAL C 121 17.68 10.36 -35.21
CA VAL C 121 17.24 9.08 -35.75
C VAL C 121 15.86 9.27 -36.36
N SER C 122 15.31 8.22 -36.97
CA SER C 122 14.07 8.34 -37.72
C SER C 122 12.89 7.66 -37.04
N ASN C 123 13.00 6.37 -36.73
CA ASN C 123 11.89 5.62 -36.12
C ASN C 123 12.30 5.10 -34.75
N VAL C 124 11.37 4.37 -34.13
CA VAL C 124 11.61 3.86 -32.78
C VAL C 124 12.67 2.75 -32.81
N ARG C 125 12.63 1.88 -33.81
CA ARG C 125 13.54 0.73 -33.82
C ARG C 125 14.99 1.17 -33.97
N GLU C 126 15.26 2.17 -34.80
CA GLU C 126 16.63 2.66 -34.92
C GLU C 126 17.14 3.23 -33.61
N LEU C 127 16.30 3.97 -32.89
CA LEU C 127 16.70 4.52 -31.61
C LEU C 127 16.94 3.43 -30.57
N GLU C 128 16.04 2.44 -30.52
CA GLU C 128 16.18 1.37 -29.54
C GLU C 128 17.42 0.52 -29.82
N ASP C 129 17.75 0.31 -31.09
CA ASP C 129 18.96 -0.44 -31.42
C ASP C 129 20.21 0.27 -30.93
N PHE C 130 20.23 1.60 -31.05
CA PHE C 130 21.38 2.37 -30.57
C PHE C 130 21.52 2.27 -29.06
N LEU C 131 20.41 2.37 -28.33
CA LEU C 131 20.47 2.35 -26.87
C LEU C 131 21.00 1.02 -26.36
N ILE C 132 20.55 -0.09 -26.95
CA ILE C 132 20.91 -1.41 -26.45
C ILE C 132 22.39 -1.70 -26.70
N ASN C 133 22.87 -1.43 -27.92
CA ASN C 133 24.20 -1.85 -28.32
C ASN C 133 25.28 -0.81 -28.06
N GLU C 134 24.92 0.40 -27.63
CA GLU C 134 25.91 1.45 -27.42
C GLU C 134 25.85 2.12 -26.06
N CYS C 135 24.75 1.99 -25.32
CA CYS C 135 24.63 2.65 -24.02
C CYS C 135 24.57 1.66 -22.87
N MET C 136 23.62 0.73 -22.89
CA MET C 136 23.49 -0.20 -21.78
C MET C 136 24.57 -1.27 -21.80
N TYR C 137 24.88 -1.81 -22.99
CA TYR C 137 25.86 -2.88 -23.07
C TYR C 137 27.28 -2.36 -22.86
N ALA C 138 27.54 -1.08 -23.15
CA ALA C 138 28.83 -0.49 -22.86
C ALA C 138 29.04 -0.23 -21.38
N GLY C 139 28.00 -0.38 -20.56
CA GLY C 139 28.09 -0.12 -19.14
C GLY C 139 27.97 1.33 -18.74
N ILE C 140 27.76 2.23 -19.69
CA ILE C 140 27.68 3.66 -19.37
C ILE C 140 26.46 3.94 -18.51
N VAL C 141 25.31 3.38 -18.88
CA VAL C 141 24.06 3.60 -18.15
C VAL C 141 23.46 2.26 -17.75
N ARG C 142 22.35 2.30 -17.01
CA ARG C 142 21.67 1.07 -16.59
C ARG C 142 20.19 1.42 -16.36
N GLY C 143 19.34 1.05 -17.31
CA GLY C 143 17.94 1.38 -17.20
C GLY C 143 17.02 0.36 -17.83
N LYS C 144 15.79 0.76 -18.13
CA LYS C 144 14.81 -0.09 -18.80
C LYS C 144 14.11 0.70 -19.88
N LEU C 145 13.71 0.01 -20.94
CA LEU C 145 13.04 0.63 -22.08
C LEU C 145 11.56 0.27 -22.09
N ASP C 146 10.71 1.27 -22.25
CA ASP C 146 9.28 1.10 -22.36
C ASP C 146 8.81 1.54 -23.74
N GLN C 147 7.76 0.89 -24.24
CA GLN C 147 7.26 1.15 -25.58
C GLN C 147 5.87 1.75 -25.61
N LEU C 148 5.00 1.42 -24.64
CA LEU C 148 3.67 2.01 -24.62
C LEU C 148 3.73 3.50 -24.30
N LYS C 149 4.51 3.87 -23.27
CA LYS C 149 4.64 5.26 -22.89
C LYS C 149 5.76 5.98 -23.63
N ARG C 150 6.59 5.26 -24.38
CA ARG C 150 7.69 5.83 -25.15
C ARG C 150 8.64 6.63 -24.25
N CYS C 151 9.23 5.92 -23.30
CA CYS C 151 10.16 6.53 -22.35
C CYS C 151 11.24 5.54 -21.98
N PHE C 152 12.39 6.07 -21.56
CA PHE C 152 13.54 5.26 -21.18
C PHE C 152 14.03 5.75 -19.82
N GLU C 153 13.86 4.94 -18.79
CA GLU C 153 14.26 5.30 -17.44
C GLU C 153 15.77 5.13 -17.28
N VAL C 154 16.38 6.06 -16.54
CA VAL C 154 17.83 6.05 -16.33
C VAL C 154 18.13 6.14 -14.84
N PRO C 155 18.06 5.04 -14.10
CA PRO C 155 18.42 5.09 -12.67
C PRO C 155 19.89 5.45 -12.45
N PHE C 156 20.81 4.69 -13.05
CA PHE C 156 22.23 4.90 -12.87
C PHE C 156 22.84 5.43 -14.16
N ALA C 157 23.62 6.51 -14.05
CA ALA C 157 24.29 7.09 -15.20
C ALA C 157 25.58 7.75 -14.73
N ALA C 158 26.69 7.41 -15.39
CA ALA C 158 27.97 8.01 -15.03
C ALA C 158 27.98 9.49 -15.38
N GLY C 159 28.44 10.30 -14.44
CA GLY C 159 28.50 11.74 -14.66
C GLY C 159 29.62 12.12 -15.62
N ARG C 160 29.52 13.35 -16.13
CA ARG C 160 30.50 13.89 -17.04
C ARG C 160 31.40 14.90 -16.32
N ASP C 161 32.47 15.29 -17.01
CA ASP C 161 33.37 16.30 -16.47
C ASP C 161 32.66 17.64 -16.35
N LEU C 162 33.00 18.39 -15.31
CA LEU C 162 32.29 19.62 -15.01
C LEU C 162 32.64 20.72 -16.00
N ARG C 163 31.62 21.31 -16.61
CA ARG C 163 31.81 22.50 -17.42
C ARG C 163 31.90 23.73 -16.51
N PRO C 164 32.58 24.79 -16.96
CA PRO C 164 32.66 26.01 -16.14
C PRO C 164 31.30 26.56 -15.77
N GLY C 165 30.97 26.52 -14.48
CA GLY C 165 29.68 26.99 -14.01
C GLY C 165 28.85 25.91 -13.35
N GLN C 166 29.51 24.89 -12.81
CA GLN C 166 28.84 23.80 -12.11
C GLN C 166 29.32 23.58 -10.69
N LEU C 167 30.57 23.90 -10.39
CA LEU C 167 31.09 23.67 -9.03
C LEU C 167 30.34 24.50 -8.01
N GLY C 168 29.94 25.72 -8.37
CA GLY C 168 29.13 26.52 -7.47
C GLY C 168 27.78 25.89 -7.18
N ASN C 169 27.16 25.29 -8.20
CA ASN C 169 25.90 24.60 -7.98
C ASN C 169 26.08 23.34 -7.16
N MET C 170 27.23 22.66 -7.29
CA MET C 170 27.48 21.47 -6.50
C MET C 170 27.51 21.78 -5.01
N LEU C 171 28.17 22.87 -4.62
CA LEU C 171 28.21 23.23 -3.21
C LEU C 171 26.83 23.57 -2.68
N HIS C 172 26.05 24.31 -3.46
CA HIS C 172 24.68 24.64 -3.04
C HIS C 172 23.83 23.39 -2.94
N THR C 173 23.96 22.49 -3.92
CA THR C 173 23.20 21.24 -3.88
C THR C 173 23.62 20.38 -2.69
N LEU C 174 24.92 20.31 -2.41
CA LEU C 174 25.40 19.53 -1.28
C LEU C 174 25.00 20.19 0.04
N SER C 175 25.15 21.52 0.13
CA SER C 175 24.78 22.21 1.37
C SER C 175 23.30 22.11 1.65
N ASN C 176 22.47 22.17 0.61
CA ASN C 176 21.03 22.02 0.80
C ASN C 176 20.70 20.63 1.34
N TRP C 177 21.36 19.60 0.82
CA TRP C 177 21.17 18.26 1.37
C TRP C 177 21.63 18.17 2.81
N LEU C 178 22.75 18.82 3.13
CA LEU C 178 23.26 18.80 4.50
C LEU C 178 22.29 19.46 5.46
N ASN C 179 21.70 20.59 5.07
CA ASN C 179 20.75 21.28 5.93
C ASN C 179 19.50 20.43 6.16
N THR C 180 19.00 19.77 5.12
CA THR C 180 17.85 18.90 5.27
C THR C 180 18.16 17.74 6.22
N SER C 181 19.37 17.18 6.12
CA SER C 181 19.78 16.14 7.06
C SER C 181 19.92 16.69 8.46
N GLU C 182 20.48 17.89 8.60
CA GLU C 182 20.68 18.47 9.93
C GLU C 182 19.37 18.90 10.56
N ASN C 183 18.49 19.54 9.78
CA ASN C 183 17.20 19.96 10.32
C ASN C 183 16.33 18.78 10.70
N LEU C 184 16.59 17.61 10.13
CA LEU C 184 15.87 16.41 10.52
C LEU C 184 16.34 15.87 11.87
N LEU C 185 17.47 16.35 12.37
CA LEU C 185 17.98 15.87 13.65
C LEU C 185 17.18 16.44 14.81
N ILE C 186 17.15 17.77 14.92
CA ILE C 186 16.41 18.40 16.02
C ILE C 186 14.91 18.17 15.87
N SER C 187 14.43 17.98 14.62
CA SER C 187 13.02 17.66 14.43
C SER C 187 12.67 16.32 15.06
N ILE C 188 13.54 15.32 14.92
CA ILE C 188 13.33 14.05 15.58
C ILE C 188 13.44 14.20 17.09
N GLN C 189 14.41 14.99 17.55
CA GLN C 189 14.63 15.16 18.99
C GLN C 189 13.43 15.80 19.66
N ASP C 190 12.81 16.78 19.01
CA ASP C 190 11.66 17.46 19.60
C ASP C 190 10.49 16.50 19.80
N LYS C 191 10.27 15.60 18.83
CA LYS C 191 9.17 14.65 18.96
C LYS C 191 9.36 13.73 20.16
N ILE C 192 10.60 13.27 20.39
CA ILE C 192 10.86 12.42 21.54
C ILE C 192 10.64 13.17 22.84
N LYS C 193 11.18 14.40 22.93
CA LYS C 193 10.98 15.20 24.13
C LYS C 193 9.51 15.56 24.34
N TRP C 194 8.75 15.69 23.25
CA TRP C 194 7.33 15.96 23.38
C TRP C 194 6.62 14.81 24.07
N ALA C 195 7.00 13.58 23.77
CA ALA C 195 6.38 12.43 24.42
C ALA C 195 6.67 12.41 25.92
N ASP C 196 7.91 12.72 26.31
CA ASP C 196 8.25 12.73 27.73
C ASP C 196 7.45 13.79 28.49
N ASN C 197 7.33 14.98 27.91
CA ASN C 197 6.62 16.06 28.60
C ASN C 197 5.15 15.71 28.81
N MET C 198 4.50 15.15 27.79
CA MET C 198 3.10 14.80 27.93
C MET C 198 2.90 13.62 28.87
N SER C 199 3.82 12.66 28.85
CA SER C 199 3.70 11.51 29.75
C SER C 199 3.85 11.92 31.21
N GLU C 200 4.84 12.78 31.51
CA GLU C 200 5.06 13.20 32.89
C GLU C 200 3.92 14.08 33.40
N MET C 201 3.42 14.99 32.56
CA MET C 201 2.32 15.84 32.99
C MET C 201 1.06 15.00 33.25
N ASP C 202 0.83 13.98 32.44
CA ASP C 202 -0.33 13.11 32.65
C ASP C 202 -0.23 12.34 33.96
N LYS C 203 0.95 11.76 34.25
CA LYS C 203 1.06 10.91 35.44
C LYS C 203 0.94 11.74 36.72
N LYS C 204 1.44 12.98 36.71
CA LYS C 204 1.21 13.87 37.83
C LYS C 204 -0.28 14.21 37.96
N HIS C 205 -0.97 14.36 36.82
CA HIS C 205 -2.37 14.76 36.87
C HIS C 205 -3.26 13.61 37.35
N ARG C 206 -3.03 12.39 36.86
CA ARG C 206 -3.84 11.27 37.35
C ARG C 206 -3.55 11.00 38.81
N LYS C 207 -2.35 11.38 39.29
CA LYS C 207 -2.01 11.20 40.70
C LYS C 207 -2.88 12.07 41.60
N GLU C 208 -3.30 13.25 41.11
CA GLU C 208 -4.19 14.11 41.88
C GLU C 208 -5.61 13.59 41.91
N ALA C 209 -5.94 12.55 41.14
CA ALA C 209 -7.30 12.04 41.07
C ALA C 209 -7.63 11.15 42.26
N GLU C 210 -6.86 10.06 42.44
CA GLU C 210 -7.18 9.13 43.51
C GLU C 210 -6.94 9.77 44.87
N GLU C 211 -5.96 10.68 44.96
CA GLU C 211 -5.74 11.39 46.22
C GLU C 211 -6.92 12.28 46.57
N GLY C 212 -7.66 12.75 45.56
CA GLY C 212 -8.85 13.53 45.83
C GLY C 212 -9.97 12.70 46.46
N VAL C 213 -10.16 11.47 45.98
CA VAL C 213 -11.22 10.62 46.49
C VAL C 213 -10.80 9.87 47.75
N GLU C 214 -9.50 9.60 47.93
CA GLU C 214 -9.04 8.95 49.15
C GLU C 214 -9.46 9.74 50.39
N GLU C 215 -9.35 11.07 50.33
CA GLU C 215 -9.87 11.90 51.41
C GLU C 215 -11.39 11.80 51.50
N VAL C 216 -12.06 11.69 50.35
CA VAL C 216 -13.52 11.61 50.34
C VAL C 216 -14.00 10.33 51.03
N LYS C 217 -13.33 9.20 50.76
CA LYS C 217 -13.77 7.93 51.31
C LYS C 217 -13.75 7.93 52.83
N LYS C 218 -12.67 8.44 53.42
CA LYS C 218 -12.57 8.44 54.88
C LYS C 218 -13.45 9.50 55.52
N SER C 219 -13.78 10.57 54.79
CA SER C 219 -14.58 11.64 55.36
C SER C 219 -15.99 11.19 55.68
N LEU C 220 -16.60 10.39 54.80
CA LEU C 220 -17.97 9.93 54.98
C LEU C 220 -18.07 8.54 55.57
N SER C 221 -16.96 7.97 56.02
CA SER C 221 -16.97 6.65 56.63
C SER C 221 -16.62 6.73 58.11
N MET D 1 50.59 -8.92 -5.27
CA MET D 1 49.72 -9.80 -4.51
C MET D 1 48.67 -10.44 -5.41
N ALA D 2 47.59 -10.90 -4.80
CA ALA D 2 46.51 -11.54 -5.55
C ALA D 2 45.75 -10.48 -6.35
N PRO D 3 45.64 -10.62 -7.67
CA PRO D 3 44.93 -9.62 -8.47
C PRO D 3 43.42 -9.79 -8.34
N SER D 4 42.69 -8.88 -8.97
CA SER D 4 41.24 -8.91 -8.93
C SER D 4 40.71 -10.08 -9.76
N SER D 5 39.51 -10.52 -9.40
CA SER D 5 38.88 -11.65 -10.09
C SER D 5 38.21 -11.16 -11.36
N SER D 6 38.49 -11.86 -12.47
CA SER D 6 37.91 -11.54 -13.76
C SER D 6 36.70 -12.43 -14.10
N SER D 7 36.26 -13.26 -13.16
CA SER D 7 35.12 -14.14 -13.42
C SER D 7 33.85 -13.35 -13.68
N GLY D 8 33.62 -12.27 -12.93
CA GLY D 8 32.44 -11.47 -13.07
C GLY D 8 31.27 -11.85 -12.17
N LEU D 9 31.40 -12.93 -11.40
CA LEU D 9 30.33 -13.31 -10.48
C LEU D 9 30.36 -12.42 -9.25
N THR D 10 29.22 -12.36 -8.57
CA THR D 10 29.06 -11.59 -7.34
C THR D 10 28.81 -12.54 -6.18
N PHE D 11 29.50 -12.30 -5.07
CA PHE D 11 29.41 -13.13 -3.87
C PHE D 11 28.64 -12.38 -2.79
N LYS D 12 27.66 -13.05 -2.19
CA LYS D 12 26.82 -12.47 -1.15
C LYS D 12 27.00 -13.27 0.13
N LEU D 13 27.80 -12.74 1.06
CA LEU D 13 28.05 -13.40 2.32
C LEU D 13 26.87 -13.20 3.27
N HIS D 14 26.78 -14.09 4.27
CA HIS D 14 25.77 -14.01 5.30
C HIS D 14 26.44 -13.99 6.68
N PRO D 15 25.85 -13.31 7.66
CA PRO D 15 26.48 -13.24 8.99
C PRO D 15 26.55 -14.58 9.70
N LEU D 16 25.73 -15.54 9.29
CA LEU D 16 25.76 -16.89 9.92
C LEU D 16 27.21 -17.43 9.82
N VAL D 17 27.81 -17.31 8.64
CA VAL D 17 29.16 -17.83 8.44
C VAL D 17 30.14 -17.15 9.40
N MET D 18 29.94 -15.86 9.65
CA MET D 18 30.84 -15.12 10.54
C MET D 18 30.84 -15.71 11.95
N LEU D 19 29.66 -15.91 12.53
CA LEU D 19 29.60 -16.35 13.91
C LEU D 19 30.05 -17.80 14.05
N ASN D 20 29.81 -18.63 13.04
CA ASN D 20 30.21 -20.03 13.11
C ASN D 20 31.73 -20.18 13.17
N ILE D 21 32.44 -19.41 12.36
CA ILE D 21 33.90 -19.54 12.31
C ILE D 21 34.54 -19.05 13.60
N SER D 22 34.06 -17.91 14.12
CA SER D 22 34.64 -17.37 15.34
C SER D 22 34.41 -18.31 16.52
N ASP D 23 33.22 -18.91 16.62
CA ASP D 23 32.95 -19.83 17.72
C ASP D 23 33.84 -21.07 17.65
N HIS D 24 34.09 -21.57 16.44
CA HIS D 24 34.94 -22.75 16.30
C HIS D 24 36.35 -22.48 16.81
N PHE D 25 36.90 -21.31 16.49
CA PHE D 25 38.22 -20.95 16.99
C PHE D 25 38.21 -20.75 18.51
N THR D 26 37.08 -20.30 19.06
CA THR D 26 36.99 -20.05 20.49
C THR D 26 37.01 -21.35 21.28
N ARG D 27 36.23 -22.34 20.85
CA ARG D 27 36.13 -23.60 21.59
C ARG D 27 37.46 -24.33 21.62
N VAL D 28 38.19 -24.34 20.50
CA VAL D 28 39.43 -25.09 20.43
C VAL D 28 40.49 -24.48 21.34
N LYS D 29 40.67 -23.15 21.27
CA LYS D 29 41.73 -22.51 22.05
C LYS D 29 41.40 -22.51 23.54
N THR D 30 40.13 -22.31 23.90
CA THR D 30 39.77 -22.22 25.31
C THR D 30 39.94 -23.54 26.05
N GLN D 31 40.08 -24.65 25.32
CA GLN D 31 40.29 -25.96 25.94
C GLN D 31 41.71 -26.48 25.79
N LEU D 32 42.41 -26.10 24.72
CA LEU D 32 43.81 -26.51 24.57
C LEU D 32 44.66 -25.91 25.69
N ASN D 33 44.55 -24.60 25.90
CA ASN D 33 45.18 -23.98 27.04
C ASN D 33 44.45 -24.40 28.33
N PRO D 34 45.18 -24.56 29.43
CA PRO D 34 44.53 -24.91 30.70
C PRO D 34 43.54 -23.84 31.12
N PRO D 35 42.25 -24.15 31.15
CA PRO D 35 41.24 -23.14 31.49
C PRO D 35 41.38 -22.60 32.90
N ALA D 36 41.82 -23.42 33.85
CA ALA D 36 41.95 -23.00 35.24
C ALA D 36 43.07 -21.97 35.40
N MET D 51 49.27 -17.84 27.38
CA MET D 51 50.19 -18.49 26.42
C MET D 51 49.53 -19.78 25.91
N LEU D 52 48.56 -19.65 24.98
CA LEU D 52 47.85 -20.83 24.45
C LEU D 52 48.68 -21.46 23.32
N LEU D 53 49.85 -22.01 23.66
CA LEU D 53 50.76 -22.56 22.62
C LEU D 53 50.77 -21.59 21.44
N GLN D 54 50.33 -22.03 20.27
CA GLN D 54 50.21 -21.11 19.11
C GLN D 54 48.73 -21.13 18.68
N ASN D 55 48.13 -19.95 18.56
CA ASN D 55 46.69 -19.85 18.16
C ASN D 55 46.38 -21.00 17.19
N PRO D 56 45.57 -22.00 17.58
CA PRO D 56 45.25 -23.15 16.73
C PRO D 56 44.37 -22.76 15.54
N ARG D 57 44.16 -23.70 14.61
CA ARG D 57 43.38 -23.45 13.41
C ARG D 57 42.39 -24.58 13.22
N VAL D 58 41.28 -24.28 12.56
CA VAL D 58 40.22 -25.23 12.32
C VAL D 58 39.97 -25.33 10.82
N TYR D 59 39.11 -26.27 10.43
CA TYR D 59 38.78 -26.48 9.03
C TYR D 59 37.32 -26.89 8.93
N GLY D 60 36.76 -26.69 7.74
CA GLY D 60 35.37 -27.04 7.50
C GLY D 60 34.98 -26.69 6.08
N CYS D 61 33.69 -26.86 5.78
CA CYS D 61 33.16 -26.59 4.46
C CYS D 61 31.96 -25.65 4.57
N VAL D 62 31.74 -24.87 3.52
CA VAL D 62 30.65 -23.91 3.44
C VAL D 62 29.67 -24.36 2.37
N ILE D 63 28.38 -24.24 2.67
CA ILE D 63 27.32 -24.63 1.74
C ILE D 63 26.67 -23.38 1.20
N GLY D 64 25.93 -23.55 0.11
CA GLY D 64 25.23 -22.45 -0.52
C GLY D 64 24.88 -22.77 -1.95
N LEU D 65 23.88 -22.05 -2.45
CA LEU D 65 23.39 -22.23 -3.81
C LEU D 65 23.93 -21.12 -4.72
N GLN D 66 23.76 -21.33 -6.02
CA GLN D 66 24.26 -20.39 -7.02
C GLN D 66 23.24 -20.26 -8.14
N ARG D 67 22.76 -19.04 -8.37
CA ARG D 67 21.81 -18.75 -9.43
C ARG D 67 22.43 -17.72 -10.38
N GLY D 68 22.43 -18.05 -11.66
CA GLY D 68 22.97 -17.14 -12.67
C GLY D 68 24.44 -16.86 -12.47
N ARG D 69 24.76 -15.65 -12.01
CA ARG D 69 26.14 -15.23 -11.77
C ARG D 69 26.33 -14.78 -10.33
N THR D 70 25.49 -15.26 -9.42
CA THR D 70 25.58 -14.90 -8.00
C THR D 70 25.87 -16.15 -7.19
N VAL D 71 26.93 -16.08 -6.39
CA VAL D 71 27.29 -17.17 -5.49
C VAL D 71 26.92 -16.74 -4.08
N GLU D 72 25.97 -17.45 -3.47
CA GLU D 72 25.42 -17.09 -2.18
C GLU D 72 25.81 -18.13 -1.14
N ILE D 73 26.30 -17.67 0.00
CA ILE D 73 26.77 -18.54 1.08
C ILE D 73 25.86 -18.35 2.28
N PHE D 74 25.37 -19.46 2.82
CA PHE D 74 24.40 -19.42 3.91
C PHE D 74 24.92 -20.03 5.20
N ASN D 75 25.40 -21.27 5.16
CA ASN D 75 25.79 -21.99 6.38
C ASN D 75 27.12 -22.69 6.16
N SER D 76 27.58 -23.39 7.19
CA SER D 76 28.84 -24.11 7.12
C SER D 76 28.86 -25.17 8.21
N PHE D 77 29.75 -26.14 8.05
CA PHE D 77 29.96 -27.18 9.05
C PHE D 77 31.45 -27.43 9.23
N GLU D 78 31.80 -27.94 10.40
CA GLU D 78 33.20 -28.18 10.74
C GLU D 78 33.69 -29.48 10.13
N LEU D 79 34.99 -29.73 10.24
CA LEU D 79 35.62 -30.91 9.65
C LEU D 79 36.96 -31.19 10.30
N ILE D 80 37.23 -32.45 10.65
CA ILE D 80 38.49 -32.80 11.28
C ILE D 80 39.60 -32.85 10.23
N PHE D 81 40.72 -32.19 10.52
CA PHE D 81 41.87 -32.23 9.64
C PHE D 81 42.71 -33.46 9.96
N ASP D 82 42.95 -34.29 8.95
CA ASP D 82 43.74 -35.51 9.14
C ASP D 82 45.22 -35.13 9.29
N PRO D 83 45.86 -35.45 10.42
CA PRO D 83 47.28 -35.11 10.58
C PRO D 83 48.24 -36.13 9.98
N ALA D 84 47.75 -37.30 9.56
CA ALA D 84 48.63 -38.32 9.02
C ALA D 84 49.11 -37.96 7.62
N LEU D 85 48.17 -37.79 6.69
CA LEU D 85 48.50 -37.47 5.31
C LEU D 85 48.47 -35.97 5.02
N ASP D 86 48.25 -35.14 6.05
CA ASP D 86 48.22 -33.68 5.91
C ASP D 86 47.17 -33.24 4.89
N THR D 87 45.98 -33.85 4.97
CA THR D 87 44.87 -33.51 4.11
C THR D 87 43.58 -33.63 4.91
N LEU D 88 42.45 -33.54 4.23
CA LEU D 88 41.14 -33.67 4.85
C LEU D 88 40.61 -35.08 4.60
N ASP D 89 40.28 -35.79 5.67
CA ASP D 89 39.79 -37.15 5.53
C ASP D 89 38.43 -37.17 4.84
N ARG D 90 38.25 -38.14 3.96
CA ARG D 90 37.05 -38.21 3.12
C ARG D 90 35.88 -38.88 3.83
N SER D 91 36.14 -39.80 4.76
CA SER D 91 35.06 -40.50 5.44
C SER D 91 34.20 -39.54 6.26
N PHE D 92 34.84 -38.62 6.98
CA PHE D 92 34.08 -37.65 7.76
C PHE D 92 33.33 -36.67 6.86
N LEU D 93 33.96 -36.27 5.74
CA LEU D 93 33.31 -35.34 4.83
C LEU D 93 32.03 -35.94 4.25
N GLU D 94 32.07 -37.22 3.88
CA GLU D 94 30.87 -37.88 3.37
C GLU D 94 29.78 -37.94 4.44
N LYS D 95 30.17 -38.26 5.68
CA LYS D 95 29.19 -38.35 6.76
C LYS D 95 28.53 -37.00 7.01
N LYS D 96 29.32 -35.93 7.10
CA LYS D 96 28.75 -34.61 7.34
C LYS D 96 27.90 -34.16 6.16
N GLN D 97 28.36 -34.43 4.93
CA GLN D 97 27.61 -34.01 3.75
C GLN D 97 26.25 -34.68 3.68
N GLU D 98 26.18 -35.97 4.01
CA GLU D 98 24.92 -36.69 3.96
C GLU D 98 23.92 -36.14 4.96
N LEU D 99 24.38 -35.84 6.18
CA LEU D 99 23.47 -35.33 7.20
C LEU D 99 22.91 -33.96 6.83
N TYR D 100 23.75 -33.08 6.27
CA TYR D 100 23.29 -31.74 5.94
C TYR D 100 22.31 -31.74 4.77
N LYS D 101 22.45 -32.69 3.84
CA LYS D 101 21.53 -32.75 2.72
C LYS D 101 20.11 -33.09 3.15
N LYS D 102 19.95 -33.76 4.29
CA LYS D 102 18.62 -34.09 4.78
C LYS D 102 17.89 -32.86 5.30
N VAL D 103 18.59 -32.00 6.03
CA VAL D 103 17.99 -30.78 6.58
C VAL D 103 18.00 -29.66 5.55
N PHE D 104 19.09 -29.50 4.81
CA PHE D 104 19.18 -28.51 3.74
C PHE D 104 19.18 -29.24 2.41
N PRO D 105 18.06 -29.28 1.69
CA PRO D 105 17.99 -30.05 0.43
C PRO D 105 18.34 -29.28 -0.82
N ASP D 106 18.81 -28.03 -0.71
CA ASP D 106 19.12 -27.21 -1.89
C ASP D 106 20.51 -26.58 -1.82
N PHE D 107 21.31 -26.93 -0.82
CA PHE D 107 22.64 -26.36 -0.64
C PHE D 107 23.70 -27.41 -0.94
N TYR D 108 24.68 -27.04 -1.77
CA TYR D 108 25.80 -27.89 -2.09
C TYR D 108 27.10 -27.22 -1.66
N VAL D 109 28.15 -28.05 -1.51
CA VAL D 109 29.42 -27.54 -1.02
C VAL D 109 30.01 -26.55 -2.02
N LEU D 110 30.46 -25.41 -1.51
CA LEU D 110 31.03 -24.37 -2.34
C LEU D 110 32.49 -24.05 -2.02
N GLY D 111 33.03 -24.53 -0.91
CA GLY D 111 34.41 -24.23 -0.56
C GLY D 111 34.71 -24.67 0.86
N TRP D 112 35.86 -24.20 1.35
CA TRP D 112 36.33 -24.55 2.67
C TRP D 112 36.83 -23.29 3.38
N TYR D 113 36.83 -23.34 4.71
CA TYR D 113 37.25 -22.23 5.54
C TYR D 113 38.37 -22.65 6.47
N SER D 114 39.16 -21.66 6.89
CA SER D 114 40.21 -21.87 7.87
C SER D 114 40.50 -20.54 8.54
N THR D 115 41.15 -20.61 9.70
CA THR D 115 41.51 -19.42 10.47
C THR D 115 43.00 -19.13 10.29
N GLY D 116 43.32 -17.91 9.89
CA GLY D 116 44.70 -17.53 9.68
C GLY D 116 44.79 -16.10 9.18
N SER D 117 46.02 -15.69 8.88
CA SER D 117 46.29 -14.33 8.42
C SER D 117 46.37 -14.22 6.91
N ASP D 118 47.13 -15.09 6.25
CA ASP D 118 47.31 -15.02 4.81
C ASP D 118 47.36 -16.44 4.24
N ALA D 119 46.71 -16.62 3.09
CA ALA D 119 46.72 -17.91 2.43
C ALA D 119 48.10 -18.23 1.87
N THR D 120 48.49 -19.49 1.95
CA THR D 120 49.79 -19.95 1.49
C THR D 120 49.62 -20.98 0.38
N GLU D 121 50.75 -21.33 -0.25
CA GLU D 121 50.73 -22.34 -1.30
C GLU D 121 50.43 -23.74 -0.76
N SER D 122 50.63 -23.97 0.54
CA SER D 122 50.26 -25.26 1.12
C SER D 122 48.76 -25.50 1.04
N ASP D 123 47.96 -24.44 1.14
CA ASP D 123 46.52 -24.59 0.99
C ASP D 123 46.14 -24.97 -0.43
N MET D 124 46.96 -24.60 -1.42
CA MET D 124 46.69 -24.96 -2.80
C MET D 124 46.66 -26.47 -2.99
N HIS D 125 47.58 -27.19 -2.35
CA HIS D 125 47.56 -28.64 -2.41
C HIS D 125 46.28 -29.19 -1.80
N ILE D 126 45.85 -28.64 -0.66
CA ILE D 126 44.56 -28.99 -0.11
C ILE D 126 43.44 -28.54 -1.04
N HIS D 127 43.54 -27.30 -1.55
CA HIS D 127 42.50 -26.76 -2.42
C HIS D 127 42.31 -27.63 -3.66
N LYS D 128 43.38 -28.26 -4.15
CA LYS D 128 43.25 -29.14 -5.30
C LYS D 128 42.40 -30.36 -4.98
N ALA D 129 42.33 -30.76 -3.72
CA ALA D 129 41.51 -31.92 -3.36
C ALA D 129 40.02 -31.61 -3.46
N LEU D 130 39.62 -30.39 -3.10
CA LEU D 130 38.21 -30.02 -3.14
C LEU D 130 37.69 -29.71 -4.53
N MET D 131 38.56 -29.65 -5.55
CA MET D 131 38.08 -29.46 -6.91
C MET D 131 37.29 -30.65 -7.44
N ASP D 132 37.32 -31.79 -6.74
CA ASP D 132 36.51 -32.93 -7.13
C ASP D 132 35.02 -32.58 -7.07
N ILE D 133 34.60 -31.85 -6.05
CA ILE D 133 33.23 -31.41 -5.89
C ILE D 133 33.20 -29.89 -6.03
N ASN D 134 32.35 -29.39 -6.93
CA ASN D 134 32.26 -27.96 -7.23
C ASN D 134 33.62 -27.43 -7.71
N GLU D 135 33.97 -27.89 -8.92
CA GLU D 135 35.29 -27.76 -9.52
C GLU D 135 36.02 -26.45 -9.21
N SER D 136 35.31 -25.32 -9.25
CA SER D 136 35.89 -24.02 -8.93
C SER D 136 35.32 -23.54 -7.60
N PRO D 137 35.91 -23.89 -6.47
CA PRO D 137 35.40 -23.46 -5.18
C PRO D 137 36.06 -22.17 -4.69
N VAL D 138 35.54 -21.67 -3.58
CA VAL D 138 36.07 -20.48 -2.94
C VAL D 138 36.80 -20.88 -1.66
N TYR D 139 37.52 -19.92 -1.08
CA TYR D 139 38.32 -20.17 0.13
C TYR D 139 38.19 -18.94 1.02
N VAL D 140 37.25 -19.00 1.96
CA VAL D 140 37.06 -17.92 2.92
C VAL D 140 38.06 -18.07 4.05
N LEU D 141 38.77 -16.99 4.37
CA LEU D 141 39.80 -16.99 5.39
C LEU D 141 39.46 -15.92 6.44
N LEU D 142 39.51 -16.31 7.71
CA LEU D 142 39.20 -15.41 8.81
C LEU D 142 40.44 -15.14 9.64
N ASN D 143 40.65 -13.86 9.98
CA ASN D 143 41.79 -13.47 10.79
C ASN D 143 41.33 -13.22 12.21
N PRO D 144 41.70 -14.04 13.19
CA PRO D 144 41.22 -13.87 14.56
C PRO D 144 42.01 -12.91 15.43
N ALA D 145 43.05 -12.28 14.89
CA ALA D 145 43.84 -11.34 15.67
C ALA D 145 42.99 -10.15 16.09
N ILE D 146 42.71 -10.04 17.39
CA ILE D 146 41.86 -8.98 17.91
C ILE D 146 42.62 -7.65 17.86
N ASN D 147 42.21 -6.78 16.94
CA ASN D 147 42.83 -5.47 16.77
C ASN D 147 41.75 -4.40 16.81
N HIS D 148 41.99 -3.35 17.58
CA HIS D 148 41.03 -2.25 17.73
C HIS D 148 41.22 -1.17 16.69
N ALA D 149 42.25 -1.27 15.84
CA ALA D 149 42.50 -0.26 14.82
C ALA D 149 41.86 -0.59 13.48
N GLN D 150 41.19 -1.73 13.36
CA GLN D 150 40.58 -2.12 12.10
C GLN D 150 39.17 -1.54 12.01
N LYS D 151 38.70 -1.35 10.77
CA LYS D 151 37.39 -0.74 10.53
C LYS D 151 36.56 -1.54 9.54
N ASP D 152 36.81 -2.85 9.45
CA ASP D 152 35.98 -3.73 8.64
C ASP D 152 36.15 -5.16 9.14
N LEU D 153 35.24 -6.03 8.71
CA LEU D 153 35.28 -7.42 9.13
C LEU D 153 36.55 -8.08 8.60
N PRO D 154 37.35 -8.71 9.46
CA PRO D 154 38.63 -9.32 9.03
C PRO D 154 38.45 -10.64 8.27
N VAL D 155 38.18 -10.53 6.98
CA VAL D 155 37.92 -11.70 6.15
C VAL D 155 38.28 -11.36 4.72
N THR D 156 38.81 -12.34 4.00
CA THR D 156 39.04 -12.25 2.56
C THR D 156 38.51 -13.50 1.89
N ILE D 157 37.78 -13.32 0.79
CA ILE D 157 37.21 -14.42 0.03
C ILE D 157 38.08 -14.60 -1.21
N TYR D 158 38.74 -15.76 -1.30
CA TYR D 158 39.61 -16.07 -2.42
C TYR D 158 38.90 -16.99 -3.40
N GLU D 159 39.38 -16.97 -4.64
CA GLU D 159 38.75 -17.71 -5.72
C GLU D 159 39.81 -18.48 -6.51
N SER D 160 39.48 -19.70 -6.91
CA SER D 160 40.38 -20.52 -7.71
C SER D 160 40.54 -19.90 -9.09
N GLU D 161 41.79 -19.83 -9.56
CA GLU D 161 42.13 -19.19 -10.82
C GLU D 161 43.07 -20.09 -11.61
N PHE D 162 42.62 -20.56 -12.76
CA PHE D 162 43.45 -21.39 -13.63
C PHE D 162 44.17 -20.48 -14.63
N HIS D 163 45.49 -20.40 -14.52
CA HIS D 163 46.32 -19.62 -15.42
C HIS D 163 47.23 -20.54 -16.22
N VAL D 164 48.08 -19.93 -17.05
CA VAL D 164 49.02 -20.66 -17.89
C VAL D 164 50.41 -20.05 -17.71
N ILE D 165 50.63 -19.41 -16.56
CA ILE D 165 51.87 -18.69 -16.28
C ILE D 165 53.08 -19.60 -16.47
N ASP D 166 53.95 -19.22 -17.41
CA ASP D 166 55.19 -19.95 -17.69
C ASP D 166 54.92 -21.42 -18.02
N GLY D 167 53.84 -21.68 -18.74
CA GLY D 167 53.49 -23.05 -19.13
C GLY D 167 52.90 -23.91 -18.04
N ILE D 168 53.48 -23.86 -16.84
CA ILE D 168 52.94 -24.62 -15.70
C ILE D 168 51.53 -24.10 -15.39
N PRO D 169 50.57 -24.98 -15.07
CA PRO D 169 49.22 -24.49 -14.72
C PRO D 169 49.24 -23.41 -13.65
N GLN D 170 49.83 -23.72 -12.49
CA GLN D 170 50.05 -22.73 -11.43
C GLN D 170 48.76 -22.02 -11.05
N SER D 171 47.83 -22.79 -10.48
CA SER D 171 46.59 -22.21 -9.98
C SER D 171 46.89 -21.22 -8.86
N ILE D 172 46.67 -19.94 -9.13
CA ILE D 172 47.01 -18.86 -8.21
C ILE D 172 45.73 -18.34 -7.56
N PHE D 173 45.77 -18.15 -6.24
CA PHE D 173 44.64 -17.57 -5.54
C PHE D 173 44.53 -16.08 -5.88
N VAL D 174 43.30 -15.63 -6.16
CA VAL D 174 43.04 -14.23 -6.44
C VAL D 174 41.92 -13.73 -5.54
N HIS D 175 41.88 -12.42 -5.35
CA HIS D 175 40.91 -11.79 -4.47
C HIS D 175 39.62 -11.47 -5.22
N THR D 176 38.51 -11.59 -4.51
CA THR D 176 37.20 -11.28 -5.05
C THR D 176 36.48 -10.32 -4.11
N SER D 177 35.50 -9.60 -4.67
CA SER D 177 34.71 -8.64 -3.91
C SER D 177 33.43 -9.30 -3.41
N TYR D 178 33.09 -9.03 -2.16
CA TYR D 178 31.92 -9.63 -1.54
C TYR D 178 31.12 -8.55 -0.84
N THR D 179 29.83 -8.84 -0.61
CA THR D 179 28.95 -7.95 0.13
C THR D 179 28.25 -8.75 1.22
N ILE D 180 28.10 -8.13 2.39
CA ILE D 180 27.47 -8.80 3.53
C ILE D 180 25.97 -8.53 3.42
N GLU D 181 25.31 -9.37 2.66
CA GLU D 181 23.86 -9.27 2.49
C GLU D 181 23.15 -9.98 3.63
N THR D 182 22.21 -9.29 4.27
CA THR D 182 21.51 -9.83 5.41
C THR D 182 20.01 -9.55 5.28
N VAL D 183 19.21 -10.43 5.88
CA VAL D 183 17.77 -10.27 5.92
C VAL D 183 17.39 -9.38 7.09
N GLU D 184 16.14 -8.93 7.13
CA GLU D 184 15.69 -8.09 8.23
C GLU D 184 15.63 -8.89 9.54
N ALA D 185 15.29 -10.18 9.45
CA ALA D 185 15.24 -11.01 10.65
C ALA D 185 16.59 -11.11 11.33
N GLU D 186 17.67 -11.23 10.56
CA GLU D 186 19.01 -11.23 11.13
C GLU D 186 19.36 -9.88 11.73
N ARG D 187 18.79 -8.80 11.19
CA ARG D 187 19.05 -7.46 11.73
C ARG D 187 18.55 -7.34 13.16
N ILE D 188 17.37 -7.87 13.45
CA ILE D 188 16.78 -7.72 14.77
C ILE D 188 17.64 -8.44 15.82
N SER D 189 18.08 -9.66 15.50
CA SER D 189 18.87 -10.42 16.46
C SER D 189 20.25 -9.82 16.67
N VAL D 190 20.83 -9.24 15.62
CA VAL D 190 22.19 -8.70 15.72
C VAL D 190 22.23 -7.52 16.68
N ASP D 191 21.28 -6.59 16.54
CA ASP D 191 21.25 -5.45 17.43
C ASP D 191 20.82 -5.81 18.84
N HIS D 192 20.08 -6.91 18.99
CA HIS D 192 19.67 -7.35 20.33
C HIS D 192 20.84 -7.86 21.13
N VAL D 193 21.83 -8.48 20.48
CA VAL D 193 22.97 -9.08 21.16
C VAL D 193 24.15 -8.12 21.22
N ALA D 194 24.38 -7.36 20.16
CA ALA D 194 25.52 -6.44 20.14
C ALA D 194 25.38 -5.38 21.23
N HIS D 195 24.33 -4.57 21.17
CA HIS D 195 24.05 -3.59 22.21
C HIS D 195 23.05 -4.17 23.21
N LEU D 196 23.51 -5.20 23.93
CA LEU D 196 22.68 -5.82 24.95
C LEU D 196 22.37 -4.81 26.06
N LYS D 197 21.13 -4.84 26.52
CA LYS D 197 20.68 -3.85 27.49
C LYS D 197 21.30 -4.13 28.85
N PRO D 198 22.06 -3.18 29.44
CA PRO D 198 22.70 -3.36 30.75
C PRO D 198 21.69 -3.41 31.88
N ALA D 205 12.96 5.09 27.21
CA ALA D 205 12.98 3.95 26.29
C ALA D 205 11.60 3.72 25.68
N THR D 206 10.67 3.23 26.50
CA THR D 206 9.31 2.88 26.07
C THR D 206 9.31 2.13 24.75
N GLN D 207 8.52 2.59 23.79
CA GLN D 207 8.50 1.99 22.47
C GLN D 207 8.72 3.05 21.40
N LEU D 208 8.15 4.24 21.60
CA LEU D 208 8.31 5.32 20.63
C LEU D 208 9.76 5.80 20.57
N ALA D 209 10.38 6.01 21.74
CA ALA D 209 11.76 6.47 21.76
C ALA D 209 12.70 5.43 21.18
N ALA D 210 12.46 4.15 21.48
CA ALA D 210 13.33 3.09 20.96
C ALA D 210 13.29 3.02 19.44
N HIS D 211 12.09 3.14 18.85
CA HIS D 211 11.98 3.07 17.39
C HIS D 211 12.64 4.27 16.73
N LEU D 212 12.39 5.48 17.25
CA LEU D 212 12.96 6.67 16.65
C LEU D 212 14.48 6.72 16.82
N THR D 213 15.00 6.22 17.94
CA THR D 213 16.43 6.26 18.18
C THR D 213 17.21 5.46 17.15
N GLY D 214 16.66 4.33 16.71
CA GLY D 214 17.33 3.55 15.68
C GLY D 214 17.50 4.33 14.38
N ILE D 215 16.45 5.00 13.95
CA ILE D 215 16.55 5.88 12.79
C ILE D 215 17.42 7.10 13.12
N HIS D 216 17.30 7.60 14.36
CA HIS D 216 18.07 8.78 14.75
C HIS D 216 19.57 8.52 14.69
N SER D 217 20.01 7.34 15.13
CA SER D 217 21.42 7.01 15.06
C SER D 217 21.88 6.84 13.62
N ALA D 218 21.05 6.25 12.77
CA ALA D 218 21.42 6.01 11.38
C ALA D 218 21.65 7.33 10.64
N ILE D 219 20.75 8.30 10.84
CA ILE D 219 20.91 9.59 10.17
C ILE D 219 22.15 10.31 10.68
N LYS D 220 22.46 10.15 11.97
CA LYS D 220 23.67 10.75 12.52
C LYS D 220 24.92 10.20 11.83
N MET D 221 24.94 8.90 11.57
CA MET D 221 26.05 8.32 10.81
C MET D 221 26.06 8.85 9.38
N LEU D 222 24.88 8.99 8.76
CA LEU D 222 24.80 9.53 7.41
C LEU D 222 25.27 10.97 7.37
N ASN D 223 24.90 11.77 8.37
CA ASN D 223 25.22 13.19 8.37
C ASN D 223 26.73 13.43 8.43
N SER D 224 27.45 12.59 9.17
CA SER D 224 28.90 12.78 9.29
C SER D 224 29.61 12.60 7.94
N ARG D 225 29.21 11.58 7.18
CA ARG D 225 29.86 11.35 5.89
C ARG D 225 29.60 12.48 4.91
N ILE D 226 28.37 13.02 4.88
CA ILE D 226 28.06 14.13 4.00
C ILE D 226 28.92 15.34 4.35
N ARG D 227 29.10 15.60 5.64
CA ARG D 227 29.97 16.70 6.05
C ARG D 227 31.41 16.46 5.63
N VAL D 228 31.90 15.23 5.79
CA VAL D 228 33.29 14.93 5.48
C VAL D 228 33.58 15.18 4.01
N LEU D 229 32.67 14.73 3.13
CA LEU D 229 32.83 15.01 1.71
C LEU D 229 32.71 16.50 1.43
N TYR D 230 31.90 17.21 2.21
CA TYR D 230 31.72 18.65 2.00
C TYR D 230 33.00 19.42 2.27
N GLN D 231 33.74 19.05 3.32
CA GLN D 231 34.96 19.78 3.65
C GLN D 231 35.99 19.68 2.54
N HIS D 232 36.13 18.49 1.94
CA HIS D 232 37.12 18.31 0.87
C HIS D 232 36.78 19.14 -0.36
N ILE D 233 35.50 19.22 -0.73
CA ILE D 233 35.13 19.98 -1.93
C ILE D 233 35.29 21.47 -1.69
N VAL D 234 34.86 21.97 -0.52
CA VAL D 234 35.01 23.41 -0.25
C VAL D 234 36.48 23.78 -0.14
N ALA D 235 37.32 22.88 0.38
CA ALA D 235 38.75 23.11 0.35
C ALA D 235 39.26 23.17 -1.09
N MET D 236 38.71 22.32 -1.96
CA MET D 236 39.03 22.40 -3.38
C MET D 236 38.55 23.71 -3.98
N GLN D 237 37.45 24.27 -3.46
CA GLN D 237 36.87 25.48 -4.04
C GLN D 237 37.79 26.69 -3.87
N LYS D 238 38.38 26.85 -2.68
CA LYS D 238 39.14 28.06 -2.39
C LYS D 238 40.56 27.75 -1.92
N GLY D 239 40.74 26.64 -1.20
CA GLY D 239 42.05 26.30 -0.67
C GLY D 239 43.03 25.85 -1.74
N ASP D 240 44.12 25.20 -1.34
CA ASP D 240 45.11 24.76 -2.32
C ASP D 240 44.62 23.54 -3.07
N LYS D 241 44.47 22.41 -2.35
CA LYS D 241 43.77 21.19 -2.76
C LYS D 241 43.88 20.92 -4.26
N PRO D 242 45.07 20.52 -4.76
CA PRO D 242 45.23 20.29 -6.20
C PRO D 242 44.08 19.48 -6.81
N CYS D 243 43.61 19.92 -7.98
CA CYS D 243 42.35 19.43 -8.52
C CYS D 243 42.39 17.91 -8.71
N GLU D 244 41.34 17.25 -8.24
CA GLU D 244 41.19 15.80 -8.38
C GLU D 244 39.85 15.57 -9.07
N ASN D 245 39.88 15.58 -10.40
CA ASN D 245 38.64 15.50 -11.17
C ASN D 245 37.97 14.14 -11.08
N SER D 246 38.70 13.11 -10.67
CA SER D 246 38.11 11.77 -10.59
C SER D 246 36.98 11.72 -9.58
N VAL D 247 37.16 12.36 -8.42
CA VAL D 247 36.09 12.35 -7.42
C VAL D 247 34.93 13.23 -7.87
N LEU D 248 35.20 14.23 -8.72
CA LEU D 248 34.13 15.12 -9.16
C LEU D 248 33.12 14.38 -10.03
N ARG D 249 33.59 13.49 -10.90
CA ARG D 249 32.67 12.73 -11.76
C ARG D 249 31.74 11.86 -10.92
N GLN D 250 32.28 11.18 -9.92
CA GLN D 250 31.46 10.34 -9.06
C GLN D 250 30.48 11.16 -8.23
N VAL D 251 30.89 12.36 -7.82
CA VAL D 251 29.99 13.22 -7.05
C VAL D 251 28.79 13.62 -7.89
N SER D 252 29.03 14.03 -9.14
CA SER D 252 27.92 14.42 -10.02
C SER D 252 27.00 13.24 -10.30
N SER D 253 27.57 12.07 -10.54
CA SER D 253 26.75 10.87 -10.74
C SER D 253 25.96 10.53 -9.49
N LEU D 254 26.56 10.74 -8.31
CA LEU D 254 25.82 10.60 -7.07
C LEU D 254 24.71 11.63 -6.96
N LEU D 255 24.99 12.88 -7.35
CA LEU D 255 24.06 13.97 -7.11
C LEU D 255 22.88 13.98 -8.08
N ARG D 256 22.99 13.28 -9.21
CA ARG D 256 21.92 13.29 -10.22
C ARG D 256 20.88 12.21 -9.97
N SER D 257 20.78 11.70 -8.74
CA SER D 257 19.77 10.70 -8.42
C SER D 257 19.11 10.94 -7.07
N LEU D 258 19.27 12.13 -6.49
CA LEU D 258 18.70 12.39 -5.17
C LEU D 258 17.18 12.24 -5.09
N PRO D 259 16.37 12.74 -6.05
CA PRO D 259 14.91 12.64 -5.90
C PRO D 259 14.38 11.21 -5.85
N ALA D 260 15.27 10.23 -5.98
CA ALA D 260 14.93 8.81 -5.84
C ALA D 260 13.82 8.39 -6.79
N ALA D 261 12.57 8.38 -6.30
CA ALA D 261 11.47 7.94 -7.14
C ALA D 261 11.06 9.03 -8.13
N GLU D 262 10.57 10.16 -7.62
CA GLU D 262 10.21 11.33 -8.42
C GLU D 262 9.34 10.93 -9.62
N SER D 263 8.16 10.42 -9.32
CA SER D 263 7.24 9.99 -10.36
C SER D 263 5.82 10.05 -9.84
N GLU D 264 4.88 10.30 -10.75
CA GLU D 264 3.46 10.32 -10.38
C GLU D 264 2.97 8.94 -9.98
N LYS D 265 3.58 7.88 -10.53
CA LYS D 265 3.21 6.53 -10.15
C LYS D 265 3.50 6.27 -8.68
N PHE D 266 4.66 6.75 -8.20
CA PHE D 266 5.01 6.57 -6.79
C PHE D 266 4.13 7.41 -5.88
N ASN D 267 3.83 8.65 -6.29
CA ASN D 267 3.03 9.54 -5.45
C ASN D 267 1.64 8.99 -5.23
N GLU D 268 1.02 8.41 -6.26
CA GLU D 268 -0.32 7.86 -6.11
C GLU D 268 -0.32 6.71 -5.10
N ASN D 269 0.70 5.85 -5.14
CA ASN D 269 0.76 4.74 -4.20
C ASN D 269 1.18 5.19 -2.81
N PHE D 270 2.12 6.14 -2.72
CA PHE D 270 2.59 6.59 -1.42
C PHE D 270 1.46 7.26 -0.64
N LEU D 271 0.68 8.10 -1.31
CA LEU D 271 -0.48 8.71 -0.66
C LEU D 271 -1.59 7.69 -0.43
N MET D 272 -1.65 6.63 -1.25
CA MET D 272 -2.61 5.57 -1.00
C MET D 272 -2.34 4.88 0.33
N GLU D 273 -1.07 4.57 0.60
CA GLU D 273 -0.72 3.90 1.85
C GLU D 273 -0.91 4.82 3.04
N TYR D 274 -0.66 6.12 2.87
CA TYR D 274 -0.83 7.07 3.96
C TYR D 274 -2.28 7.11 4.43
N ASN D 275 -3.23 7.10 3.50
CA ASN D 275 -4.64 7.13 3.88
C ASN D 275 -5.13 5.80 4.42
N ASP D 276 -4.54 4.69 3.98
CA ASP D 276 -4.94 3.38 4.49
C ASP D 276 -4.61 3.24 5.96
N LYS D 277 -3.42 3.69 6.36
CA LYS D 277 -3.02 3.60 7.77
C LYS D 277 -3.87 4.52 8.64
N LEU D 278 -4.23 5.70 8.13
CA LEU D 278 -5.09 6.60 8.89
C LEU D 278 -6.47 6.00 9.11
N LEU D 279 -6.97 5.23 8.14
CA LEU D 279 -8.27 4.59 8.29
C LEU D 279 -8.26 3.60 9.44
N MET D 280 -7.19 2.81 9.56
CA MET D 280 -7.06 1.90 10.69
C MET D 280 -6.93 2.67 12.00
N SER D 281 -6.19 3.78 11.97
CA SER D 281 -6.06 4.61 13.17
C SER D 281 -7.40 5.19 13.58
N TYR D 282 -8.21 5.60 12.59
CA TYR D 282 -9.54 6.13 12.90
C TYR D 282 -10.41 5.07 13.57
N LEU D 283 -10.40 3.85 13.04
CA LEU D 283 -11.20 2.79 13.63
C LEU D 283 -10.63 2.33 14.97
N ALA D 284 -9.29 2.36 15.11
CA ALA D 284 -8.68 1.97 16.38
C ALA D 284 -9.09 2.91 17.51
N MET D 285 -9.13 4.22 17.22
CA MET D 285 -9.51 5.19 18.24
C MET D 285 -10.96 4.98 18.70
N ILE D 286 -11.86 4.69 17.75
CA ILE D 286 -13.26 4.52 18.10
C ILE D 286 -13.46 3.30 18.98
N THR D 287 -12.68 2.23 18.75
CA THR D 287 -12.73 1.08 19.64
C THR D 287 -12.29 1.47 21.04
N ASN D 288 -11.23 2.28 21.16
CA ASN D 288 -10.81 2.76 22.46
C ASN D 288 -11.87 3.65 23.09
N CYS D 289 -12.49 4.52 22.30
CA CYS D 289 -13.57 5.36 22.81
C CYS D 289 -14.78 4.53 23.23
N THR D 290 -15.10 3.50 22.45
CA THR D 290 -16.21 2.62 22.82
C THR D 290 -15.92 1.90 24.13
N SER D 291 -14.68 1.43 24.31
CA SER D 291 -14.32 0.82 25.58
C SER D 291 -14.38 1.83 26.72
N ASN D 292 -13.92 3.06 26.48
CA ASN D 292 -14.00 4.10 27.50
C ASN D 292 -15.44 4.55 27.72
N MET D 293 -16.28 4.45 26.69
CA MET D 293 -17.68 4.84 26.84
C MET D 293 -18.45 3.81 27.67
N ASN D 294 -18.03 2.55 27.64
CA ASN D 294 -18.79 1.49 28.29
C ASN D 294 -18.86 1.71 29.80
N GLU D 295 -17.71 1.63 30.48
CA GLU D 295 -17.71 1.52 31.94
C GLU D 295 -18.23 2.78 32.62
N VAL D 296 -18.08 3.95 31.98
CA VAL D 296 -18.57 5.18 32.60
C VAL D 296 -20.09 5.15 32.70
N VAL D 297 -20.75 4.57 31.70
CA VAL D 297 -22.21 4.52 31.69
C VAL D 297 -22.73 3.62 32.81
N ASP D 298 -22.05 2.51 33.07
CA ASP D 298 -22.44 1.67 34.21
C ASP D 298 -22.22 2.39 35.53
N LYS D 299 -21.15 3.19 35.63
CA LYS D 299 -20.97 4.02 36.81
C LYS D 299 -22.13 5.01 36.96
N PHE D 300 -22.65 5.51 35.85
CA PHE D 300 -23.81 6.38 35.89
C PHE D 300 -25.05 5.62 36.36
N ASN D 301 -25.22 4.38 35.88
CA ASN D 301 -26.42 3.62 36.22
C ASN D 301 -26.37 3.13 37.66
N THR D 302 -25.21 2.72 38.16
CA THR D 302 -25.12 2.24 39.52
C THR D 302 -25.21 3.38 40.54
N ALA D 303 -25.01 4.62 40.12
CA ALA D 303 -25.16 5.78 41.00
C ALA D 303 -26.56 6.37 40.88
N TYR D 304 -26.93 6.77 39.66
CA TYR D 304 -28.27 7.28 39.38
C TYR D 304 -29.10 6.11 38.83
N ASP D 305 -29.64 5.31 39.74
CA ASP D 305 -30.33 4.09 39.36
C ASP D 305 -31.62 4.41 38.61
N LYS D 306 -31.83 3.72 37.49
CA LYS D 306 -33.06 3.89 36.72
C LYS D 306 -34.23 3.21 37.40
N HIS D 307 -33.96 2.15 38.17
CA HIS D 307 -35.03 1.41 38.85
C HIS D 307 -35.79 2.28 39.85
N SER D 308 -35.20 3.40 40.28
CA SER D 308 -35.86 4.31 41.20
C SER D 308 -37.11 4.93 40.56
N THR E 28 36.79 -14.23 32.12
CA THR E 28 35.37 -14.01 32.38
C THR E 28 34.54 -14.23 31.13
N SER E 29 34.86 -13.48 30.07
CA SER E 29 34.12 -13.60 28.82
C SER E 29 34.33 -14.96 28.16
N ASP E 30 35.41 -15.66 28.49
CA ASP E 30 35.68 -16.99 27.95
C ASP E 30 35.55 -18.09 29.00
N ASN E 31 35.08 -17.75 30.20
CA ASN E 31 34.94 -18.74 31.26
C ASN E 31 33.63 -19.52 31.18
N ILE E 32 32.67 -19.08 30.37
CA ILE E 32 31.43 -19.82 30.21
C ILE E 32 31.69 -21.15 29.51
N PHE E 33 32.73 -21.21 28.69
CA PHE E 33 33.10 -22.41 27.95
C PHE E 33 33.83 -23.40 28.85
N TYR E 34 34.51 -24.39 28.25
CA TYR E 34 35.21 -25.45 28.97
C TYR E 34 34.22 -26.29 29.79
N TYR E 35 33.39 -27.03 29.06
CA TYR E 35 32.66 -28.13 29.65
C TYR E 35 33.63 -29.00 30.45
N ASP E 36 33.43 -29.04 31.77
CA ASP E 36 34.29 -29.80 32.66
C ASP E 36 33.56 -31.08 33.05
N ASP E 37 34.00 -32.21 32.48
CA ASP E 37 33.34 -33.48 32.74
C ASP E 37 33.44 -33.87 34.21
N THR E 38 34.62 -33.68 34.82
CA THR E 38 34.79 -34.02 36.23
C THR E 38 33.98 -33.09 37.13
N SER E 39 33.63 -31.90 36.64
CA SER E 39 32.79 -31.00 37.41
C SER E 39 31.31 -31.24 37.11
N GLN E 40 30.98 -31.50 35.85
CA GLN E 40 29.58 -31.73 35.47
C GLN E 40 29.02 -32.96 36.16
N THR E 41 29.82 -34.02 36.26
CA THR E 41 29.35 -35.25 36.90
C THR E 41 29.04 -35.03 38.38
N ARG E 42 29.64 -34.00 38.99
CA ARG E 42 29.38 -33.73 40.40
C ARG E 42 27.92 -33.36 40.63
N PHE E 43 27.36 -32.52 39.76
CA PHE E 43 25.95 -32.15 39.90
C PHE E 43 25.01 -33.30 39.55
N GLN E 44 25.47 -34.27 38.74
CA GLN E 44 24.60 -35.36 38.33
C GLN E 44 24.31 -36.32 39.47
N GLN E 45 25.29 -36.58 40.33
CA GLN E 45 25.10 -37.55 41.40
C GLN E 45 24.25 -37.00 42.54
N GLU E 46 24.42 -35.73 42.88
CA GLU E 46 23.70 -35.15 44.01
C GLU E 46 22.20 -35.11 43.75
N LYS E 47 21.79 -34.76 42.52
CA LYS E 47 20.40 -34.67 42.14
C LYS E 47 19.55 -33.84 43.11
N PRO E 48 19.85 -32.55 43.25
CA PRO E 48 19.07 -31.71 44.17
C PRO E 48 17.76 -31.22 43.57
N TRP E 49 17.54 -31.41 42.28
CA TRP E 49 16.33 -30.96 41.61
C TRP E 49 15.17 -31.94 41.75
N GLU E 50 15.40 -33.11 42.34
CA GLU E 50 14.34 -34.10 42.47
C GLU E 50 13.26 -33.64 43.44
N ASN E 51 13.65 -32.95 44.52
CA ASN E 51 12.70 -32.57 45.55
C ASN E 51 11.79 -31.44 45.08
N ASP E 52 12.37 -30.29 44.75
CA ASP E 52 11.54 -29.15 44.36
C ASP E 52 11.66 -28.89 42.86
N PRO E 53 10.55 -28.67 42.17
CA PRO E 53 10.62 -28.33 40.74
C PRO E 53 11.08 -26.92 40.46
N HIS E 54 11.14 -26.05 41.46
CA HIS E 54 11.50 -24.65 41.30
C HIS E 54 13.01 -24.42 41.39
N TYR E 55 13.82 -25.44 41.12
CA TYR E 55 15.26 -25.32 41.34
C TYR E 55 15.89 -24.33 40.37
N PHE E 56 15.56 -24.43 39.09
CA PHE E 56 16.16 -23.58 38.07
C PHE E 56 15.36 -22.31 37.89
N LYS E 57 16.06 -21.16 37.90
CA LYS E 57 15.43 -19.86 37.75
C LYS E 57 16.19 -18.96 36.79
N ARG E 58 17.00 -19.53 35.90
CA ARG E 58 17.78 -18.75 34.95
C ARG E 58 18.07 -19.59 33.72
N VAL E 59 17.97 -18.96 32.55
CA VAL E 59 18.31 -19.61 31.28
C VAL E 59 19.17 -18.66 30.46
N LYS E 60 20.48 -18.90 30.45
CA LYS E 60 21.38 -18.12 29.62
C LYS E 60 21.45 -18.72 28.21
N ILE E 61 21.49 -17.85 27.21
CA ILE E 61 21.49 -18.26 25.81
C ILE E 61 22.65 -17.58 25.11
N SER E 62 23.46 -18.37 24.39
CA SER E 62 24.62 -17.84 23.71
C SER E 62 24.20 -17.02 22.48
N ALA E 63 25.16 -16.26 21.96
CA ALA E 63 24.89 -15.42 20.80
C ALA E 63 24.69 -16.26 19.54
N LEU E 64 25.51 -17.29 19.36
CA LEU E 64 25.40 -18.13 18.17
C LEU E 64 24.07 -18.89 18.15
N ALA E 65 23.64 -19.42 19.30
CA ALA E 65 22.44 -20.23 19.34
C ALA E 65 21.21 -19.42 18.91
N LEU E 66 21.06 -18.22 19.48
CA LEU E 66 19.90 -17.40 19.14
C LEU E 66 19.86 -17.06 17.66
N LEU E 67 21.01 -16.73 17.07
CA LEU E 67 21.07 -16.42 15.65
C LEU E 67 20.69 -17.62 14.81
N LYS E 68 21.15 -18.82 15.18
CA LYS E 68 20.82 -20.01 14.42
C LYS E 68 19.35 -20.36 14.53
N MET E 69 18.77 -20.24 15.74
CA MET E 69 17.36 -20.56 15.90
C MET E 69 16.47 -19.61 15.10
N VAL E 70 16.81 -18.32 15.08
CA VAL E 70 15.96 -17.34 14.41
C VAL E 70 15.97 -17.56 12.90
N VAL E 71 17.15 -17.78 12.32
CA VAL E 71 17.26 -17.93 10.87
C VAL E 71 16.47 -19.15 10.40
N HIS E 72 16.62 -20.28 11.10
CA HIS E 72 15.92 -21.50 10.71
C HIS E 72 14.41 -21.33 10.85
N ALA E 73 13.97 -20.67 11.94
CA ALA E 73 12.54 -20.47 12.14
C ALA E 73 11.96 -19.50 11.12
N ARG E 74 12.68 -18.42 10.81
CA ARG E 74 12.19 -17.46 9.83
C ARG E 74 12.10 -18.08 8.44
N SER E 75 13.08 -18.90 8.06
CA SER E 75 13.07 -19.54 6.76
C SER E 75 12.07 -20.69 6.67
N GLY E 76 11.44 -21.06 7.78
CA GLY E 76 10.48 -22.14 7.79
C GLY E 76 9.09 -21.78 7.29
N GLY E 77 8.87 -20.52 6.91
CA GLY E 77 7.58 -20.13 6.40
C GLY E 77 6.49 -20.15 7.47
N THR E 78 5.28 -20.52 7.04
CA THR E 78 4.13 -20.58 7.93
C THR E 78 3.95 -21.94 8.58
N ILE E 79 4.84 -22.89 8.33
CA ILE E 79 4.76 -24.22 8.91
C ILE E 79 5.80 -24.35 10.02
N GLU E 80 5.46 -25.12 11.04
CA GLU E 80 6.34 -25.29 12.18
C GLU E 80 7.57 -26.11 11.83
N ILE E 81 8.63 -25.91 12.60
CA ILE E 81 9.88 -26.65 12.48
C ILE E 81 10.24 -27.21 13.84
N MET E 82 11.39 -27.89 13.91
CA MET E 82 11.83 -28.52 15.16
C MET E 82 13.34 -28.64 15.12
N GLY E 83 13.93 -28.66 16.31
CA GLY E 83 15.38 -28.72 16.43
C GLY E 83 15.79 -29.00 17.86
N LEU E 84 17.11 -29.12 18.05
CA LEU E 84 17.69 -29.44 19.34
C LEU E 84 18.88 -28.52 19.60
N MET E 85 19.15 -28.30 20.89
CA MET E 85 20.30 -27.50 21.30
C MET E 85 21.08 -28.24 22.37
N GLN E 86 22.37 -27.91 22.48
CA GLN E 86 23.29 -28.55 23.42
C GLN E 86 23.86 -27.51 24.36
N GLY E 87 24.11 -27.91 25.60
CA GLY E 87 24.66 -26.99 26.58
C GLY E 87 25.02 -27.71 27.87
N LYS E 88 25.63 -26.95 28.76
CA LYS E 88 25.99 -27.43 30.09
C LYS E 88 25.02 -26.85 31.12
N THR E 89 25.32 -27.08 32.40
CA THR E 89 24.50 -26.53 33.48
C THR E 89 25.38 -26.16 34.64
N ASP E 90 24.91 -25.19 35.44
CA ASP E 90 25.67 -24.72 36.62
C ASP E 90 24.68 -24.09 37.60
N GLY E 91 24.54 -24.70 38.78
CA GLY E 91 23.64 -24.15 39.78
C GLY E 91 22.20 -24.21 39.32
N ASP E 92 21.54 -23.05 39.31
CA ASP E 92 20.16 -22.93 38.88
C ASP E 92 20.03 -22.40 37.46
N THR E 93 21.13 -22.32 36.72
CA THR E 93 21.13 -21.80 35.36
C THR E 93 21.41 -22.91 34.37
N ILE E 94 20.64 -22.92 33.27
CA ILE E 94 20.82 -23.90 32.21
C ILE E 94 21.40 -23.22 30.98
N ILE E 95 22.73 -23.27 30.84
CA ILE E 95 23.39 -22.59 29.74
C ILE E 95 23.14 -23.35 28.44
N VAL E 96 22.84 -22.61 27.37
CA VAL E 96 22.64 -23.17 26.05
C VAL E 96 23.76 -22.65 25.15
N MET E 97 24.53 -23.56 24.58
CA MET E 97 25.71 -23.19 23.80
C MET E 97 25.41 -23.10 22.30
N ASP E 98 24.93 -24.19 21.71
CA ASP E 98 24.67 -24.24 20.28
C ASP E 98 23.44 -25.09 20.01
N ALA E 99 22.87 -24.91 18.82
CA ALA E 99 21.67 -25.62 18.41
C ALA E 99 21.85 -26.15 17.00
N PHE E 100 21.08 -27.20 16.68
CA PHE E 100 21.13 -27.80 15.36
C PHE E 100 19.72 -28.23 14.96
N ALA E 101 19.51 -28.35 13.66
CA ALA E 101 18.19 -28.66 13.11
C ALA E 101 17.94 -30.17 13.11
N LEU E 102 16.67 -30.53 12.88
CA LEU E 102 16.25 -31.92 12.81
C LEU E 102 15.05 -32.03 11.87
N PRO E 103 15.12 -32.91 10.86
CA PRO E 103 14.04 -33.01 9.85
C PRO E 103 12.83 -33.77 10.37
N VAL E 104 12.07 -33.11 11.25
CA VAL E 104 10.83 -33.66 11.80
C VAL E 104 9.71 -32.70 11.46
N GLU E 105 8.63 -33.24 10.88
CA GLU E 105 7.50 -32.43 10.45
C GLU E 105 6.35 -32.58 11.43
N GLY E 106 5.66 -31.45 11.69
CA GLY E 106 4.50 -31.46 12.56
C GLY E 106 4.82 -31.73 14.01
N THR E 107 5.61 -30.85 14.63
CA THR E 107 5.94 -31.01 16.03
C THR E 107 4.78 -30.66 16.95
N GLU E 108 3.83 -29.86 16.48
CA GLU E 108 2.65 -29.50 17.27
C GLU E 108 1.57 -30.56 17.22
N THR E 109 1.68 -31.56 16.34
CA THR E 109 0.67 -32.60 16.20
C THR E 109 1.08 -33.89 16.90
N ARG E 110 2.24 -34.44 16.53
CA ARG E 110 2.70 -35.70 17.07
C ARG E 110 3.56 -35.45 18.31
N VAL E 111 3.13 -35.99 19.46
CA VAL E 111 3.92 -35.87 20.67
C VAL E 111 5.16 -36.74 20.56
N ASN E 112 6.26 -36.28 21.16
CA ASN E 112 7.55 -36.98 21.09
C ASN E 112 7.93 -37.30 19.64
N ALA E 113 7.85 -36.27 18.79
CA ALA E 113 8.09 -36.44 17.37
C ALA E 113 9.57 -36.52 17.03
N GLN E 114 10.47 -36.31 18.00
CA GLN E 114 11.90 -36.37 17.74
C GLN E 114 12.39 -37.78 17.47
N ASP E 115 11.57 -38.81 17.73
CA ASP E 115 11.99 -40.18 17.53
C ASP E 115 12.21 -40.53 16.06
N ASP E 116 11.63 -39.76 15.14
CA ASP E 116 11.80 -40.04 13.72
C ASP E 116 13.25 -39.91 13.30
N ALA E 117 13.94 -38.89 13.81
CA ALA E 117 15.35 -38.65 13.49
C ALA E 117 16.26 -39.06 14.64
N TYR E 118 15.94 -40.16 15.33
CA TYR E 118 16.78 -40.62 16.43
C TYR E 118 18.16 -41.02 15.93
N GLU E 119 18.22 -41.69 14.78
CA GLU E 119 19.52 -42.03 14.20
C GLU E 119 20.31 -40.77 13.83
N TYR E 120 19.61 -39.74 13.35
CA TYR E 120 20.26 -38.47 13.07
C TYR E 120 20.83 -37.85 14.35
N MET E 121 20.06 -37.90 15.44
CA MET E 121 20.53 -37.32 16.70
C MET E 121 21.79 -38.05 17.19
N VAL E 122 21.83 -39.38 17.05
CA VAL E 122 23.00 -40.13 17.46
C VAL E 122 24.20 -39.79 16.58
N GLU E 123 24.00 -39.79 15.26
CA GLU E 123 25.10 -39.55 14.35
C GLU E 123 25.64 -38.13 14.47
N TYR E 124 24.75 -37.14 14.55
CA TYR E 124 25.21 -35.75 14.63
C TYR E 124 26.01 -35.49 15.89
N SER E 125 25.53 -36.00 17.04
CA SER E 125 26.26 -35.82 18.29
C SER E 125 27.58 -36.58 18.26
N GLN E 126 27.58 -37.80 17.71
CA GLN E 126 28.81 -38.59 17.65
C GLN E 126 29.84 -37.93 16.75
N THR E 127 29.43 -37.51 15.56
CA THR E 127 30.37 -36.92 14.61
C THR E 127 30.94 -35.60 15.13
N ASN E 128 30.11 -34.76 15.74
CA ASN E 128 30.57 -33.47 16.23
C ASN E 128 31.50 -33.61 17.43
N LYS E 129 31.49 -34.74 18.12
CA LYS E 129 32.31 -34.91 19.31
C LYS E 129 33.81 -34.86 18.98
N LEU E 130 34.18 -35.20 17.74
CA LEU E 130 35.59 -35.29 17.41
C LEU E 130 36.24 -33.91 17.28
N ALA E 131 35.55 -32.97 16.62
CA ALA E 131 36.22 -31.70 16.27
C ALA E 131 36.22 -30.71 17.43
N GLY E 132 35.05 -30.21 17.81
CA GLY E 132 34.99 -29.21 18.87
C GLY E 132 33.83 -29.32 19.83
N ARG E 133 32.89 -30.23 19.58
CA ARG E 133 31.66 -30.30 20.36
C ARG E 133 31.78 -31.33 21.46
N LEU E 134 31.39 -30.95 22.68
CA LEU E 134 31.40 -31.86 23.81
C LEU E 134 30.13 -31.82 24.65
N GLU E 135 29.36 -30.74 24.60
CA GLU E 135 28.21 -30.60 25.49
C GLU E 135 27.10 -31.58 25.12
N ASN E 136 26.40 -32.06 26.14
CA ASN E 136 25.26 -32.93 25.93
C ASN E 136 24.05 -32.14 25.43
N VAL E 137 23.14 -32.87 24.78
CA VAL E 137 21.90 -32.25 24.31
C VAL E 137 21.02 -31.95 25.51
N VAL E 138 20.49 -30.72 25.57
CA VAL E 138 19.73 -30.26 26.73
C VAL E 138 18.23 -30.30 26.44
N GLY E 139 17.79 -29.54 25.44
CA GLY E 139 16.37 -29.38 25.18
C GLY E 139 16.08 -29.28 23.69
N TRP E 140 14.78 -29.11 23.39
CA TRP E 140 14.28 -29.02 22.04
C TRP E 140 13.56 -27.69 21.85
N TYR E 141 13.60 -27.19 20.61
CA TYR E 141 12.92 -25.94 20.27
C TYR E 141 12.07 -26.13 19.02
N HIS E 142 10.93 -25.46 18.99
CA HIS E 142 10.13 -25.37 17.77
C HIS E 142 9.83 -23.92 17.48
N SER E 143 8.96 -23.64 16.50
CA SER E 143 8.68 -22.27 16.08
C SER E 143 7.18 -22.15 15.80
N HIS E 144 6.46 -21.53 16.72
CA HIS E 144 5.06 -21.22 16.48
C HIS E 144 4.98 -20.03 15.53
N PRO E 145 4.39 -20.17 14.36
CA PRO E 145 4.41 -19.09 13.35
C PRO E 145 3.29 -18.06 13.47
N GLY E 146 3.45 -17.15 14.43
CA GLY E 146 2.60 -15.98 14.50
C GLY E 146 1.32 -16.13 15.27
N TYR E 147 1.28 -16.97 16.31
CA TYR E 147 0.09 -17.05 17.14
C TYR E 147 0.43 -17.14 18.63
N GLY E 148 1.66 -16.86 19.01
CA GLY E 148 2.01 -16.81 20.43
C GLY E 148 3.42 -17.27 20.66
N CYS E 149 3.79 -17.31 21.93
CA CYS E 149 5.10 -17.74 22.39
C CYS E 149 4.93 -18.65 23.61
N TRP E 150 3.99 -19.59 23.50
CA TRP E 150 3.51 -20.37 24.64
C TRP E 150 3.75 -21.86 24.42
N LEU E 151 3.24 -22.66 25.35
CA LEU E 151 3.29 -24.12 25.27
C LEU E 151 1.88 -24.67 25.16
N SER E 152 1.66 -25.54 24.18
CA SER E 152 0.35 -26.12 23.95
C SER E 152 0.18 -27.40 24.76
N GLY E 153 -1.03 -27.97 24.68
CA GLY E 153 -1.29 -29.23 25.36
C GLY E 153 -0.44 -30.36 24.82
N ILE E 154 -0.15 -30.34 23.52
CA ILE E 154 0.78 -31.32 22.95
C ILE E 154 2.19 -31.04 23.43
N ASP E 155 2.57 -29.76 23.52
CA ASP E 155 3.93 -29.40 23.89
C ASP E 155 4.28 -29.84 25.30
N VAL E 156 3.36 -29.66 26.25
CA VAL E 156 3.65 -30.00 27.64
C VAL E 156 3.82 -31.51 27.81
N SER E 157 3.03 -32.29 27.08
CA SER E 157 3.12 -33.75 27.18
C SER E 157 4.49 -34.25 26.73
N THR E 158 5.01 -33.67 25.63
CA THR E 158 6.34 -34.08 25.15
C THR E 158 7.42 -33.72 26.17
N GLN E 159 7.34 -32.53 26.76
CA GLN E 159 8.33 -32.11 27.74
C GLN E 159 8.24 -32.96 29.01
N ARG E 160 7.05 -33.48 29.33
CA ARG E 160 6.90 -34.31 30.51
C ARG E 160 7.74 -35.56 30.42
N LEU E 161 7.70 -36.23 29.26
CA LEU E 161 8.48 -37.45 29.08
C LEU E 161 9.98 -37.16 29.07
N ASN E 162 10.38 -36.08 28.38
CA ASN E 162 11.80 -35.74 28.31
C ASN E 162 12.35 -35.36 29.68
N GLN E 163 11.57 -34.60 30.46
CA GLN E 163 12.00 -34.26 31.81
C GLN E 163 12.03 -35.49 32.70
N GLN E 164 11.17 -36.46 32.46
CA GLN E 164 11.15 -37.68 33.26
C GLN E 164 12.44 -38.47 33.09
N HIS E 165 12.93 -38.59 31.85
CA HIS E 165 14.12 -39.39 31.59
C HIS E 165 15.38 -38.59 31.89
N GLN E 166 15.61 -37.50 31.17
CA GLN E 166 16.72 -36.60 31.45
C GLN E 166 16.21 -35.44 32.28
N GLU E 167 16.76 -35.28 33.49
CA GLU E 167 16.28 -34.24 34.39
C GLU E 167 16.45 -32.83 33.83
N PRO E 168 17.60 -32.43 33.27
CA PRO E 168 17.68 -31.11 32.66
C PRO E 168 17.05 -31.12 31.26
N PHE E 169 15.95 -30.38 31.12
CA PHE E 169 15.25 -30.31 29.81
C PHE E 169 14.47 -29.01 29.70
N LEU E 170 14.79 -28.19 28.69
CA LEU E 170 14.09 -26.93 28.45
C LEU E 170 13.18 -27.07 27.24
N ALA E 171 12.53 -25.96 26.89
CA ALA E 171 11.67 -25.92 25.71
C ALA E 171 11.63 -24.48 25.22
N VAL E 172 12.39 -24.19 24.17
CA VAL E 172 12.46 -22.84 23.62
C VAL E 172 11.42 -22.69 22.53
N VAL E 173 10.61 -21.65 22.61
CA VAL E 173 9.60 -21.34 21.61
C VAL E 173 9.86 -19.92 21.12
N ILE E 174 10.09 -19.76 19.83
CA ILE E 174 10.35 -18.45 19.24
C ILE E 174 9.36 -18.22 18.11
N ASP E 175 8.98 -16.97 17.92
CA ASP E 175 8.00 -16.57 16.92
C ASP E 175 8.68 -15.83 15.78
N PRO E 176 8.65 -16.35 14.55
CA PRO E 176 9.37 -15.71 13.46
C PRO E 176 8.65 -14.57 12.76
N THR E 177 7.35 -14.38 13.00
CA THR E 177 6.60 -13.33 12.34
C THR E 177 6.56 -12.06 13.19
N ARG E 178 6.13 -12.19 14.44
CA ARG E 178 6.11 -11.03 15.35
C ARG E 178 7.52 -10.51 15.60
N THR E 179 8.54 -11.35 15.46
CA THR E 179 9.91 -10.86 15.53
C THR E 179 10.18 -9.84 14.45
N VAL E 180 9.74 -10.13 13.23
CA VAL E 180 9.83 -9.15 12.14
C VAL E 180 8.92 -7.97 12.41
N SER E 181 7.74 -8.23 12.99
CA SER E 181 6.68 -7.23 13.06
C SER E 181 7.04 -6.00 13.89
N ALA E 182 7.17 -6.16 15.21
CA ALA E 182 7.25 -4.94 16.02
C ALA E 182 8.67 -4.40 16.17
N GLY E 183 9.49 -5.01 17.03
CA GLY E 183 10.87 -4.59 17.12
C GLY E 183 11.89 -5.58 17.65
N LYS E 184 11.50 -6.81 17.96
CA LYS E 184 12.38 -7.64 18.78
C LYS E 184 12.01 -9.10 18.62
N VAL E 185 12.93 -9.96 19.05
CA VAL E 185 12.71 -11.40 18.98
C VAL E 185 11.70 -11.82 20.05
N GLU E 186 10.77 -12.69 19.67
CA GLU E 186 9.74 -13.18 20.60
C GLU E 186 10.14 -14.55 21.12
N ILE E 187 11.14 -14.54 22.00
CA ILE E 187 11.69 -15.77 22.56
C ILE E 187 10.94 -16.12 23.84
N GLY E 188 11.04 -17.38 24.25
CA GLY E 188 10.42 -17.84 25.48
C GLY E 188 10.87 -19.23 25.88
N ALA E 189 11.25 -19.38 27.15
CA ALA E 189 11.70 -20.66 27.68
C ALA E 189 10.73 -21.13 28.77
N PHE E 190 10.59 -22.45 28.89
CA PHE E 190 9.64 -23.02 29.82
C PHE E 190 10.20 -24.31 30.39
N ARG E 191 9.69 -24.68 31.57
CA ARG E 191 10.00 -25.94 32.22
C ARG E 191 8.73 -26.51 32.81
N THR E 192 8.55 -27.82 32.67
CA THR E 192 7.28 -28.47 32.99
C THR E 192 7.24 -28.90 34.46
N TYR E 193 6.15 -28.57 35.13
CA TYR E 193 5.93 -29.03 36.49
C TYR E 193 5.60 -30.52 36.51
N SER E 194 5.98 -31.18 37.60
CA SER E 194 5.63 -32.59 37.77
C SER E 194 4.12 -32.74 37.95
N LYS E 195 3.61 -33.88 37.50
CA LYS E 195 2.18 -34.16 37.61
C LYS E 195 1.75 -34.21 39.07
N GLY E 196 0.62 -33.60 39.37
CA GLY E 196 0.07 -33.54 40.72
C GLY E 196 0.57 -32.38 41.55
N TYR E 197 1.79 -31.92 41.30
CA TYR E 197 2.36 -30.81 42.07
C TYR E 197 1.63 -29.53 41.70
N LYS E 198 0.81 -29.03 42.62
CA LYS E 198 0.06 -27.80 42.39
C LYS E 198 0.84 -26.63 42.95
N PRO E 199 1.22 -25.65 42.13
CA PRO E 199 2.06 -24.55 42.60
C PRO E 199 1.27 -23.60 43.48
N PRO E 200 1.63 -23.48 44.77
CA PRO E 200 0.95 -22.54 45.68
C PRO E 200 1.53 -21.13 45.61
N ASP E 201 1.74 -20.62 44.41
CA ASP E 201 2.31 -19.29 44.24
C ASP E 201 1.46 -18.44 43.30
N GLU E 202 0.91 -19.06 42.27
CA GLU E 202 0.11 -18.37 41.24
C GLU E 202 0.87 -17.17 40.66
N PRO E 203 2.04 -17.40 40.07
CA PRO E 203 2.80 -16.28 39.50
C PRO E 203 2.07 -15.63 38.34
N VAL E 204 2.30 -14.33 38.18
CA VAL E 204 1.67 -13.55 37.13
C VAL E 204 2.56 -13.60 35.89
N SER E 205 1.96 -13.27 34.74
CA SER E 205 2.68 -13.26 33.48
C SER E 205 2.14 -12.16 32.59
N GLU E 206 2.94 -11.75 31.62
CA GLU E 206 2.55 -10.68 30.72
C GLU E 206 1.42 -11.14 29.79
N TYR E 207 0.54 -10.20 29.46
CA TYR E 207 -0.56 -10.51 28.56
C TYR E 207 -0.05 -10.69 27.13
N GLN E 208 -0.62 -11.67 26.43
CA GLN E 208 -0.25 -11.97 25.05
C GLN E 208 -1.50 -12.08 24.21
N THR E 209 -1.39 -11.64 22.95
CA THR E 209 -2.50 -11.73 22.02
C THR E 209 -2.57 -13.14 21.45
N ILE E 210 -3.73 -13.79 21.58
CA ILE E 210 -3.93 -15.16 21.18
C ILE E 210 -5.05 -15.21 20.16
N PRO E 211 -4.86 -15.86 19.00
CA PRO E 211 -5.96 -16.01 18.05
C PRO E 211 -7.06 -16.88 18.64
N LEU E 212 -8.28 -16.66 18.13
CA LEU E 212 -9.46 -17.30 18.70
C LEU E 212 -9.46 -18.82 18.52
N ASN E 213 -8.65 -19.35 17.61
CA ASN E 213 -8.60 -20.80 17.40
C ASN E 213 -7.53 -21.48 18.26
N LYS E 214 -6.81 -20.73 19.09
CA LYS E 214 -5.81 -21.30 19.99
C LYS E 214 -6.04 -20.94 21.45
N ILE E 215 -7.02 -20.10 21.77
CA ILE E 215 -7.26 -19.71 23.16
C ILE E 215 -7.74 -20.90 23.97
N GLU E 216 -8.49 -21.81 23.34
CA GLU E 216 -9.05 -22.95 24.08
C GLU E 216 -7.95 -23.82 24.68
N ASP E 217 -6.89 -24.07 23.92
CA ASP E 217 -5.78 -24.87 24.44
C ASP E 217 -5.07 -24.14 25.57
N PHE E 218 -4.89 -22.83 25.46
CA PHE E 218 -4.24 -22.06 26.51
C PHE E 218 -5.04 -22.11 27.81
N GLY E 219 -6.36 -21.99 27.72
CA GLY E 219 -7.18 -21.95 28.93
C GLY E 219 -7.11 -23.24 29.72
N VAL E 220 -7.07 -24.38 29.03
CA VAL E 220 -7.04 -25.67 29.72
C VAL E 220 -5.71 -25.86 30.45
N HIS E 221 -4.61 -25.56 29.77
CA HIS E 221 -3.26 -25.74 30.32
C HIS E 221 -2.66 -24.36 30.59
N CYS E 222 -2.71 -23.93 31.86
CA CYS E 222 -2.15 -22.65 32.26
C CYS E 222 -1.26 -22.72 33.50
N LYS E 223 -1.40 -23.74 34.33
CA LYS E 223 -0.59 -23.88 35.55
C LYS E 223 0.25 -25.15 35.48
N GLN E 224 0.84 -25.41 34.32
CA GLN E 224 1.66 -26.60 34.13
C GLN E 224 3.05 -26.31 33.57
N TYR E 225 3.34 -25.08 33.15
CA TYR E 225 4.62 -24.73 32.56
C TYR E 225 5.08 -23.38 33.11
N TYR E 226 5.86 -23.42 34.20
CA TYR E 226 6.43 -22.20 34.73
C TYR E 226 7.61 -21.75 33.86
N SER E 227 7.70 -20.45 33.64
CA SER E 227 8.70 -19.90 32.74
C SER E 227 9.99 -19.59 33.49
N LEU E 228 11.01 -19.15 32.74
CA LEU E 228 12.30 -18.81 33.30
C LEU E 228 12.84 -17.55 32.62
N ASP E 229 13.74 -16.87 33.31
CA ASP E 229 14.35 -15.66 32.77
C ASP E 229 15.33 -16.01 31.65
N VAL E 230 15.56 -15.05 30.77
CA VAL E 230 16.42 -15.23 29.60
C VAL E 230 17.38 -14.05 29.51
N THR E 231 18.67 -14.35 29.37
CA THR E 231 19.67 -13.33 29.11
C THR E 231 20.49 -13.70 27.87
N TYR E 232 21.49 -12.90 27.53
CA TYR E 232 22.30 -13.16 26.35
C TYR E 232 23.75 -12.82 26.65
N PHE E 233 24.63 -13.80 26.52
CA PHE E 233 26.06 -13.63 26.73
C PHE E 233 26.80 -13.89 25.42
N LYS E 234 28.10 -13.57 25.44
CA LYS E 234 28.94 -13.74 24.26
C LYS E 234 30.40 -13.75 24.71
N SER E 235 31.29 -14.02 23.77
CA SER E 235 32.72 -14.06 24.03
C SER E 235 33.40 -12.79 23.54
N SER E 236 34.69 -12.67 23.83
CA SER E 236 35.44 -11.48 23.44
C SER E 236 35.51 -11.34 21.93
N LEU E 237 35.77 -12.44 21.22
CA LEU E 237 35.81 -12.39 19.77
C LEU E 237 34.44 -12.06 19.18
N ASP E 238 33.38 -12.66 19.75
CA ASP E 238 32.03 -12.39 19.25
C ASP E 238 31.64 -10.93 19.44
N SER E 239 31.99 -10.35 20.59
CA SER E 239 31.62 -8.96 20.84
C SER E 239 32.34 -7.99 19.92
N HIS E 240 33.57 -8.34 19.50
CA HIS E 240 34.30 -7.45 18.59
C HIS E 240 33.71 -7.47 17.19
N LEU E 241 33.37 -8.65 16.68
CA LEU E 241 32.81 -8.75 15.33
C LEU E 241 31.44 -8.07 15.26
N LEU E 242 30.60 -8.27 16.27
CA LEU E 242 29.26 -7.70 16.24
C LEU E 242 29.30 -6.17 16.26
N ASP E 243 30.24 -5.60 17.02
CA ASP E 243 30.38 -4.15 17.03
C ASP E 243 30.78 -3.63 15.66
N LEU E 244 31.71 -4.30 14.99
CA LEU E 244 32.09 -3.91 13.64
C LEU E 244 30.98 -4.22 12.65
N LEU E 245 30.23 -5.29 12.87
CA LEU E 245 29.15 -5.66 11.95
C LEU E 245 28.02 -4.64 11.99
N TRP E 246 27.71 -4.11 13.18
CA TRP E 246 26.59 -3.18 13.30
C TRP E 246 26.89 -1.84 12.64
N ASN E 247 28.16 -1.42 12.60
CA ASN E 247 28.52 -0.15 12.00
C ASN E 247 28.29 -0.13 10.49
N LYS E 248 28.07 -1.27 9.87
CA LYS E 248 27.74 -1.35 8.45
C LYS E 248 26.30 -1.80 8.23
N TYR E 249 25.41 -1.40 9.15
CA TYR E 249 24.00 -1.71 9.06
C TYR E 249 23.11 -0.49 8.88
N TRP E 250 23.67 0.72 8.93
CA TRP E 250 22.86 1.92 8.80
C TRP E 250 22.20 2.00 7.43
N VAL E 251 22.84 1.44 6.40
CA VAL E 251 22.23 1.41 5.07
C VAL E 251 20.97 0.57 5.09
N ASN E 252 21.02 -0.59 5.75
CA ASN E 252 19.84 -1.45 5.81
C ASN E 252 18.74 -0.84 6.66
N THR E 253 19.08 -0.14 7.73
CA THR E 253 18.05 0.45 8.59
C THR E 253 17.24 1.50 7.85
N LEU E 254 17.80 2.11 6.81
CA LEU E 254 17.08 3.10 6.02
C LEU E 254 16.40 2.47 4.81
N SER E 255 17.19 1.84 3.94
CA SER E 255 16.68 1.29 2.68
C SER E 255 16.04 -0.08 2.92
N SER E 256 14.94 -0.06 3.66
CA SER E 256 14.20 -1.28 3.92
C SER E 256 12.78 -0.92 4.36
N SER E 257 11.80 -1.68 3.87
CA SER E 257 10.42 -1.53 4.27
C SER E 257 9.92 -2.83 4.86
N PRO E 258 9.88 -2.96 6.19
CA PRO E 258 9.37 -4.19 6.80
C PRO E 258 7.94 -4.51 6.41
N LEU E 259 7.11 -3.48 6.20
CA LEU E 259 5.73 -3.67 5.75
C LEU E 259 5.74 -3.93 4.24
N LEU E 260 6.22 -5.11 3.88
CA LEU E 260 6.36 -5.51 2.48
C LEU E 260 5.41 -6.64 2.12
N GLY E 261 5.49 -7.76 2.84
CA GLY E 261 4.58 -8.87 2.66
C GLY E 261 3.48 -8.96 3.70
N ASN E 262 3.40 -7.99 4.61
CA ASN E 262 2.40 -7.99 5.67
C ASN E 262 1.07 -7.42 5.17
N GLY E 263 0.51 -8.10 4.18
CA GLY E 263 -0.79 -7.76 3.66
C GLY E 263 -1.82 -8.81 4.01
N ASP E 264 -1.36 -10.06 4.09
CA ASP E 264 -2.21 -11.16 4.53
C ASP E 264 -2.12 -11.37 6.04
N TYR E 265 -0.95 -11.11 6.63
CA TYR E 265 -0.80 -11.24 8.07
C TYR E 265 -1.68 -10.24 8.81
N VAL E 266 -1.70 -8.99 8.35
CA VAL E 266 -2.54 -7.98 8.99
C VAL E 266 -4.01 -8.25 8.77
N ALA E 267 -4.34 -8.90 7.65
CA ALA E 267 -5.74 -9.21 7.37
C ALA E 267 -6.29 -10.21 8.37
N GLY E 268 -5.43 -11.08 8.90
CA GLY E 268 -5.90 -12.06 9.86
C GLY E 268 -6.35 -11.46 11.17
N GLN E 269 -5.52 -10.58 11.76
CA GLN E 269 -5.85 -10.01 13.06
C GLN E 269 -7.06 -9.10 12.98
N ILE E 270 -7.15 -8.29 11.92
CA ILE E 270 -8.32 -7.44 11.74
C ILE E 270 -9.58 -8.29 11.62
N SER E 271 -9.50 -9.38 10.83
CA SER E 271 -10.60 -10.33 10.79
C SER E 271 -10.79 -11.02 12.13
N ASP E 272 -9.69 -11.40 12.79
CA ASP E 272 -9.79 -12.08 14.07
C ASP E 272 -10.33 -11.19 15.17
N LEU E 273 -10.23 -9.87 15.03
CA LEU E 273 -10.78 -8.97 16.03
C LEU E 273 -12.30 -8.91 15.96
N ALA E 274 -12.88 -9.28 14.81
CA ALA E 274 -14.32 -9.15 14.63
C ALA E 274 -15.10 -10.10 15.52
N GLU E 275 -14.72 -11.39 15.52
CA GLU E 275 -15.48 -12.37 16.28
C GLU E 275 -15.38 -12.10 17.78
N LYS E 276 -14.21 -11.67 18.26
CA LYS E 276 -14.08 -11.32 19.66
C LYS E 276 -15.02 -10.17 20.02
N LEU E 277 -15.12 -9.16 19.14
CA LEU E 277 -16.11 -8.11 19.35
C LEU E 277 -17.52 -8.68 19.26
N GLU E 278 -17.76 -9.59 18.31
CA GLU E 278 -19.08 -10.21 18.20
C GLU E 278 -19.42 -11.02 19.44
N GLN E 279 -18.46 -11.78 19.96
CA GLN E 279 -18.70 -12.54 21.19
C GLN E 279 -18.94 -11.61 22.37
N ALA E 280 -18.17 -10.52 22.46
CA ALA E 280 -18.36 -9.57 23.55
C ALA E 280 -19.73 -8.91 23.47
N GLU E 281 -20.17 -8.55 22.25
CA GLU E 281 -21.49 -7.96 22.09
C GLU E 281 -22.58 -8.96 22.45
N SER E 282 -22.43 -10.22 22.05
CA SER E 282 -23.41 -11.24 22.39
C SER E 282 -23.46 -11.50 23.89
N HIS E 283 -22.30 -11.51 24.55
CA HIS E 283 -22.27 -11.69 25.99
C HIS E 283 -22.81 -10.47 26.72
N LEU E 284 -22.62 -9.28 26.16
CA LEU E 284 -23.08 -8.07 26.83
C LEU E 284 -24.60 -8.04 26.94
N VAL E 285 -25.30 -8.39 25.87
CA VAL E 285 -26.76 -8.30 25.88
C VAL E 285 -27.36 -9.35 26.80
N GLN E 286 -26.73 -10.52 26.91
CA GLN E 286 -27.27 -11.57 27.78
C GLN E 286 -27.20 -11.18 29.24
N SER E 287 -26.02 -10.72 29.68
CA SER E 287 -25.88 -10.25 31.06
C SER E 287 -26.62 -8.95 31.28
N ARG E 288 -26.69 -8.11 30.25
CA ARG E 288 -27.20 -6.74 30.38
C ARG E 288 -28.35 -6.47 29.42
N ASP E 303 -9.01 -7.87 34.51
CA ASP E 303 -9.34 -7.25 33.23
C ASP E 303 -10.81 -7.46 32.89
N GLU E 304 -11.42 -6.43 32.30
CA GLU E 304 -12.81 -6.52 31.88
C GLU E 304 -12.95 -7.53 30.74
N SER E 305 -14.05 -8.27 30.76
CA SER E 305 -14.25 -9.40 29.85
C SER E 305 -14.26 -8.96 28.39
N GLN E 306 -13.20 -9.29 27.66
CA GLN E 306 -13.08 -9.07 26.22
C GLN E 306 -13.47 -7.66 25.79
N LEU E 307 -13.21 -6.67 26.63
CA LEU E 307 -13.38 -5.28 26.24
C LEU E 307 -12.10 -4.47 26.34
N THR E 308 -11.41 -4.55 27.48
CA THR E 308 -10.12 -3.89 27.60
C THR E 308 -9.04 -4.65 26.85
N LYS E 309 -9.13 -5.98 26.85
CA LYS E 309 -8.16 -6.79 26.11
C LYS E 309 -8.25 -6.52 24.62
N ILE E 310 -9.47 -6.37 24.09
CA ILE E 310 -9.64 -6.09 22.68
C ILE E 310 -9.02 -4.75 22.31
N THR E 311 -9.19 -3.75 23.19
CA THR E 311 -8.57 -2.46 22.96
C THR E 311 -7.05 -2.58 22.91
N ARG E 312 -6.48 -3.41 23.78
CA ARG E 312 -5.04 -3.65 23.75
C ARG E 312 -4.62 -4.28 22.42
N ASP E 313 -5.40 -5.25 21.93
CA ASP E 313 -5.07 -5.90 20.67
C ASP E 313 -5.16 -4.93 19.51
N SER E 314 -6.19 -4.09 19.48
CA SER E 314 -6.33 -3.12 18.39
C SER E 314 -5.18 -2.14 18.37
N ALA E 315 -4.77 -1.65 19.54
CA ALA E 315 -3.59 -0.78 19.61
C ALA E 315 -2.33 -1.52 19.22
N LYS E 316 -2.22 -2.79 19.65
CA LYS E 316 -1.03 -3.57 19.32
C LYS E 316 -0.92 -3.84 17.83
N ILE E 317 -2.01 -3.65 17.08
CA ILE E 317 -1.95 -3.83 15.63
C ILE E 317 -1.69 -2.50 14.93
N THR E 318 -2.39 -1.44 15.35
CA THR E 318 -2.30 -0.17 14.64
C THR E 318 -0.96 0.51 14.84
N VAL E 319 -0.40 0.43 16.05
CA VAL E 319 0.81 1.18 16.38
C VAL E 319 1.97 0.74 15.50
N GLU E 320 2.11 -0.57 15.27
CA GLU E 320 3.21 -1.07 14.46
C GLU E 320 3.11 -0.56 13.03
N GLN E 321 1.90 -0.51 12.47
CA GLN E 321 1.74 0.03 11.13
C GLN E 321 2.09 1.51 11.08
N VAL E 322 1.65 2.27 12.08
CA VAL E 322 1.99 3.69 12.12
C VAL E 322 3.49 3.88 12.35
N HIS E 323 4.11 3.01 13.14
CA HIS E 323 5.55 3.07 13.33
C HIS E 323 6.27 2.85 12.01
N GLY E 324 5.77 1.93 11.18
CA GLY E 324 6.34 1.76 9.86
C GLY E 324 6.13 2.96 8.97
N LEU E 325 4.98 3.63 9.12
CA LEU E 325 4.72 4.84 8.34
C LEU E 325 5.68 5.96 8.72
N MET E 326 6.05 6.04 10.01
CA MET E 326 6.97 7.07 10.45
C MET E 326 8.31 6.95 9.74
N SER E 327 8.79 5.72 9.56
CA SER E 327 10.05 5.51 8.83
C SER E 327 9.93 5.96 7.38
N GLN E 328 8.78 5.69 6.75
CA GLN E 328 8.60 6.10 5.35
C GLN E 328 8.62 7.61 5.20
N VAL E 329 8.00 8.33 6.14
CA VAL E 329 8.01 9.79 6.08
C VAL E 329 9.42 10.33 6.24
N ILE E 330 10.20 9.74 7.15
CA ILE E 330 11.57 10.17 7.36
C ILE E 330 12.39 9.97 6.09
N LYS E 331 12.25 8.81 5.46
CA LYS E 331 12.98 8.56 4.21
C LYS E 331 12.47 9.45 3.09
N ASP E 332 11.21 9.87 3.14
CA ASP E 332 10.66 10.71 2.09
C ASP E 332 11.32 12.09 2.08
N GLU E 333 11.38 12.73 3.25
CA GLU E 333 11.95 14.08 3.31
C GLU E 333 13.46 14.06 3.07
N LEU E 334 14.15 13.05 3.61
CA LEU E 334 15.61 13.04 3.54
C LEU E 334 16.11 12.79 2.12
N PHE E 335 15.42 11.98 1.34
CA PHE E 335 15.85 11.63 -0.01
C PHE E 335 15.03 12.34 -1.09
N ASN E 336 13.71 12.17 -1.08
CA ASN E 336 12.84 12.85 -2.04
C ASN E 336 12.62 14.30 -1.62
N SER E 337 13.72 15.05 -1.56
CA SER E 337 13.62 16.40 -1.00
C SER E 337 12.94 17.36 -1.97
N MET E 338 13.66 17.75 -3.03
CA MET E 338 13.15 18.68 -4.04
C MET E 338 14.23 18.87 -5.11
N ARG E 339 13.82 19.32 -6.30
CA ARG E 339 14.68 19.28 -7.49
C ARG E 339 15.94 20.11 -7.29
N GLN E 340 15.78 21.38 -6.93
CA GLN E 340 16.91 22.31 -6.82
C GLN E 340 17.11 22.86 -5.41
N VAL F 5 -29.41 56.75 50.54
CA VAL F 5 -29.24 56.23 51.90
C VAL F 5 -27.93 56.75 52.50
N ASN F 6 -27.85 56.69 53.83
CA ASN F 6 -26.63 57.14 54.50
C ASN F 6 -25.43 56.27 54.10
N SER F 7 -25.62 54.95 54.06
CA SER F 7 -24.56 54.07 53.62
C SER F 7 -24.32 54.19 52.12
N VAL F 8 -25.33 54.61 51.35
CA VAL F 8 -25.17 54.78 49.91
C VAL F 8 -24.20 55.92 49.62
N GLU F 9 -24.24 56.98 50.44
CA GLU F 9 -23.31 58.09 50.24
C GLU F 9 -21.87 57.63 50.41
N ALA F 10 -21.61 56.81 51.43
CA ALA F 10 -20.28 56.23 51.58
C ALA F 10 -20.01 55.17 50.51
N VAL F 11 -21.06 54.52 50.01
CA VAL F 11 -20.90 53.53 48.96
C VAL F 11 -20.43 54.18 47.67
N ILE F 12 -20.90 55.41 47.39
CA ILE F 12 -20.46 56.12 46.20
C ILE F 12 -18.96 56.38 46.25
N THR F 13 -18.46 56.82 47.41
CA THR F 13 -17.02 56.95 47.58
C THR F 13 -16.35 55.58 47.55
N SER F 14 -16.99 54.57 48.12
CA SER F 14 -16.43 53.22 48.11
C SER F 14 -16.37 52.66 46.69
N ILE F 15 -17.25 53.12 45.80
CA ILE F 15 -17.22 52.67 44.42
C ILE F 15 -15.91 53.07 43.76
N GLN F 16 -15.50 54.31 44.00
CA GLN F 16 -14.21 54.81 43.43
C GLN F 16 -13.10 54.62 44.47
N GLY F 17 -13.41 53.99 45.61
CA GLY F 17 -12.42 53.82 46.69
C GLY F 17 -12.34 52.36 47.12
N LEU F 18 -13.11 51.98 48.13
CA LEU F 18 -13.08 50.59 48.67
C LEU F 18 -13.57 49.62 47.59
N SER F 19 -12.71 49.24 46.65
CA SER F 19 -13.10 48.29 45.57
C SER F 19 -13.22 46.87 46.16
N GLY F 20 -12.08 46.21 46.38
CA GLY F 20 -12.09 44.85 46.96
C GLY F 20 -13.20 44.00 46.38
N SER F 21 -13.14 43.71 45.07
CA SER F 21 -14.18 42.89 44.40
C SER F 21 -14.61 41.74 45.33
N PRO F 22 -13.68 40.87 45.78
CA PRO F 22 -14.07 39.74 46.61
C PRO F 22 -13.86 40.04 48.09
N GLU F 23 -13.89 41.33 48.46
CA GLU F 23 -13.68 41.73 49.87
C GLU F 23 -14.56 42.94 50.19
N ASP F 24 -14.11 44.14 49.82
CA ASP F 24 -14.89 45.38 50.09
C ASP F 24 -16.21 45.31 49.32
N LEU F 25 -16.14 45.11 47.99
CA LEU F 25 -17.38 44.98 47.18
C LEU F 25 -18.21 43.80 47.70
N SER F 26 -17.54 42.68 48.02
CA SER F 26 -18.27 41.51 48.59
C SER F 26 -19.04 41.96 49.84
N ALA F 27 -18.35 42.62 50.78
CA ALA F 27 -19.02 43.12 52.01
C ALA F 27 -20.16 44.06 51.62
N LEU F 28 -19.89 45.01 50.72
CA LEU F 28 -20.93 45.96 50.27
C LEU F 28 -22.14 45.17 49.74
N HIS F 29 -21.89 44.21 48.84
CA HIS F 29 -22.97 43.36 48.29
C HIS F 29 -23.73 42.69 49.44
N ASP F 30 -23.00 42.05 50.35
CA ASP F 30 -23.62 41.38 51.52
C ASP F 30 -24.49 42.39 52.26
N LEU F 31 -23.91 43.56 52.59
CA LEU F 31 -24.67 44.61 53.31
C LEU F 31 -25.95 44.94 52.53
N LEU F 32 -25.80 45.24 51.23
CA LEU F 32 -26.98 45.55 50.38
C LEU F 32 -28.00 44.40 50.47
N ARG F 33 -27.53 43.16 50.24
CA ARG F 33 -28.43 41.99 50.29
C ARG F 33 -29.17 41.96 51.64
N GLY F 34 -28.45 42.11 52.75
CA GLY F 34 -29.06 42.08 54.09
C GLY F 34 -29.43 43.48 54.56
N VAL F 45 -30.96 58.34 45.44
CA VAL F 45 -30.80 57.98 44.04
C VAL F 45 -31.73 58.83 43.18
N ASN F 46 -32.85 58.22 42.75
CA ASN F 46 -33.84 58.88 41.90
C ASN F 46 -33.22 59.44 40.63
N PHE F 47 -32.28 58.68 40.06
CA PHE F 47 -31.58 59.04 38.82
C PHE F 47 -30.81 60.36 38.94
N SER F 48 -30.49 60.78 40.16
CA SER F 48 -29.70 61.98 40.39
C SER F 48 -28.34 61.65 41.00
N THR F 49 -28.32 60.95 42.13
CA THR F 49 -27.05 60.47 42.68
C THR F 49 -26.48 59.34 41.83
N LEU F 50 -27.36 58.49 41.26
CA LEU F 50 -26.89 57.45 40.37
C LEU F 50 -26.28 58.04 39.10
N ASP F 51 -26.85 59.15 38.63
CA ASP F 51 -26.27 59.84 37.47
C ASP F 51 -24.87 60.36 37.77
N GLN F 52 -24.57 60.63 39.03
CA GLN F 52 -23.23 61.04 39.44
C GLN F 52 -22.35 59.87 39.86
N LEU F 53 -22.86 58.64 39.80
CA LEU F 53 -22.09 57.48 40.18
C LEU F 53 -21.29 56.96 38.98
N ASP F 54 -20.49 55.92 39.22
CA ASP F 54 -19.67 55.33 38.18
C ASP F 54 -20.46 54.24 37.45
N ALA F 55 -19.85 53.67 36.41
CA ALA F 55 -20.48 52.62 35.61
C ALA F 55 -19.76 51.29 35.76
N SER F 56 -18.45 51.25 35.50
CA SER F 56 -17.71 49.99 35.62
C SER F 56 -17.31 49.71 37.06
N LYS F 57 -16.84 50.72 37.78
CA LYS F 57 -16.43 50.53 39.16
C LYS F 57 -17.62 50.26 40.08
N HIS F 58 -18.78 50.81 39.75
CA HIS F 58 -19.96 50.60 40.59
C HIS F 58 -20.36 49.12 40.63
N SER F 59 -20.30 48.45 39.48
CA SER F 59 -20.63 47.02 39.39
C SER F 59 -22.01 46.73 39.94
N LEU F 60 -22.07 46.05 41.08
CA LEU F 60 -23.36 45.72 41.70
C LEU F 60 -24.12 46.97 42.12
N GLY F 61 -23.39 48.05 42.45
CA GLY F 61 -24.06 49.28 42.81
C GLY F 61 -24.82 49.90 41.66
N TYR F 62 -24.23 49.90 40.46
CA TYR F 62 -24.94 50.42 39.29
C TYR F 62 -26.16 49.59 38.98
N LEU F 63 -26.04 48.26 39.08
CA LEU F 63 -27.20 47.39 38.86
C LEU F 63 -28.27 47.62 39.92
N TYR F 64 -27.86 47.80 41.18
CA TYR F 64 -28.82 48.05 42.25
C TYR F 64 -29.57 49.36 42.02
N PHE F 65 -28.86 50.41 41.61
CA PHE F 65 -29.53 51.66 41.28
C PHE F 65 -30.43 51.50 40.07
N LEU F 66 -29.96 50.76 39.05
CA LEU F 66 -30.80 50.52 37.88
C LEU F 66 -32.02 49.69 38.22
N GLU F 67 -31.85 48.67 39.05
CA GLU F 67 -32.98 47.83 39.45
C GLU F 67 -34.00 48.63 40.26
N VAL F 68 -33.52 49.46 41.19
CA VAL F 68 -34.42 50.27 42.00
C VAL F 68 -35.15 51.30 41.14
N LEU F 69 -34.42 51.94 40.22
CA LEU F 69 -35.03 52.94 39.34
C LEU F 69 -36.05 52.32 38.40
N THR F 70 -35.81 51.09 37.96
CA THR F 70 -36.71 50.39 37.04
C THR F 70 -37.76 49.56 37.77
N CYS F 71 -37.80 49.63 39.10
CA CYS F 71 -38.78 48.85 39.86
C CYS F 71 -40.21 49.30 39.57
N GLY F 72 -40.39 50.56 39.17
CA GLY F 72 -41.70 51.08 38.85
C GLY F 72 -42.29 50.45 37.61
N PRO F 73 -43.61 50.47 37.49
CA PRO F 73 -44.25 49.89 36.30
C PRO F 73 -44.40 50.87 35.16
N VAL F 74 -43.68 52.00 35.24
CA VAL F 74 -43.76 53.00 34.19
C VAL F 74 -43.21 52.45 32.89
N SER F 75 -43.85 52.83 31.77
CA SER F 75 -43.47 52.35 30.46
C SER F 75 -43.56 53.51 29.48
N LYS F 76 -43.53 53.19 28.19
CA LYS F 76 -43.62 54.17 27.11
C LYS F 76 -42.50 55.19 27.18
N GLU F 77 -42.77 56.34 27.80
CA GLU F 77 -41.74 57.38 27.92
C GLU F 77 -40.57 56.88 28.75
N LYS F 78 -40.84 56.22 29.87
CA LYS F 78 -39.78 55.63 30.67
C LYS F 78 -39.14 54.45 29.95
N ALA F 79 -39.88 53.80 29.06
CA ALA F 79 -39.32 52.68 28.30
C ALA F 79 -38.22 53.13 27.36
N ALA F 80 -38.38 54.28 26.73
CA ALA F 80 -37.38 54.76 25.77
C ALA F 80 -36.11 55.22 26.48
N TYR F 81 -36.25 55.87 27.63
CA TYR F 81 -35.08 56.43 28.31
C TYR F 81 -34.16 55.34 28.85
N GLU F 82 -34.73 54.36 29.55
CA GLU F 82 -33.91 53.33 30.18
C GLU F 82 -33.29 52.40 29.14
N ILE F 83 -33.99 52.13 28.05
CA ILE F 83 -33.44 51.27 27.00
C ILE F 83 -32.17 51.86 26.41
N PRO F 84 -32.13 53.12 25.98
CA PRO F 84 -30.85 53.70 25.53
C PRO F 84 -29.80 53.75 26.62
N ILE F 85 -30.20 53.96 27.88
CA ILE F 85 -29.23 54.02 28.96
C ILE F 85 -28.64 52.65 29.24
N ILE F 86 -29.47 51.60 29.20
CA ILE F 86 -28.99 50.25 29.50
C ILE F 86 -28.00 49.78 28.45
N ALA F 87 -28.14 50.27 27.21
CA ALA F 87 -27.21 49.87 26.15
C ALA F 87 -25.79 50.34 26.46
N ARG F 88 -25.64 51.56 26.98
CA ARG F 88 -24.32 52.05 27.34
C ARG F 88 -23.72 51.22 28.47
N PHE F 89 -24.51 50.88 29.48
CA PHE F 89 -24.01 50.08 30.59
C PHE F 89 -23.65 48.67 30.14
N ILE F 90 -24.49 48.07 29.28
CA ILE F 90 -24.23 46.70 28.82
C ILE F 90 -22.95 46.64 28.01
N ASN F 91 -22.78 47.57 27.06
CA ASN F 91 -21.58 47.58 26.24
C ASN F 91 -20.35 47.91 27.08
N SER F 92 -20.45 48.90 27.95
CA SER F 92 -19.34 49.29 28.83
C SER F 92 -19.48 48.62 30.19
N CYS F 93 -19.45 47.29 30.17
CA CYS F 93 -19.57 46.48 31.38
C CYS F 93 -18.28 45.68 31.59
N ASP F 94 -17.77 45.71 32.81
CA ASP F 94 -16.57 44.95 33.13
C ASP F 94 -16.87 43.46 33.11
N ALA F 95 -15.92 42.67 32.58
CA ALA F 95 -16.10 41.23 32.50
C ALA F 95 -16.19 40.61 33.89
N GLY F 96 -15.34 41.05 34.81
CA GLY F 96 -15.37 40.49 36.16
C GLY F 96 -16.65 40.81 36.89
N GLN F 97 -17.13 42.05 36.79
CA GLN F 97 -18.38 42.43 37.45
C GLN F 97 -19.56 41.67 36.86
N ILE F 98 -19.57 41.50 35.54
CA ILE F 98 -20.66 40.76 34.90
C ILE F 98 -20.60 39.28 35.28
N ARG F 99 -19.39 38.74 35.44
CA ARG F 99 -19.24 37.32 35.75
C ARG F 99 -19.82 36.98 37.12
N LEU F 100 -19.57 37.83 38.12
CA LEU F 100 -20.08 37.59 39.46
C LEU F 100 -21.56 37.92 39.59
N ALA F 101 -22.18 38.48 38.56
CA ALA F 101 -23.55 38.93 38.64
C ALA F 101 -24.51 37.75 38.64
N SER F 102 -25.37 37.68 39.65
CA SER F 102 -26.38 36.64 39.79
C SER F 102 -27.62 36.99 38.98
N TYR F 103 -28.75 36.34 39.30
CA TYR F 103 -30.06 36.61 38.72
C TYR F 103 -30.28 38.10 38.45
N LYS F 104 -29.76 38.95 39.34
CA LYS F 104 -29.75 40.39 39.15
C LYS F 104 -29.42 40.80 37.73
N PHE F 105 -28.41 40.17 37.12
CA PHE F 105 -28.01 40.53 35.77
C PHE F 105 -29.06 40.13 34.75
N VAL F 106 -29.56 38.89 34.82
CA VAL F 106 -30.51 38.42 33.82
C VAL F 106 -31.84 39.16 33.94
N SER F 107 -32.18 39.64 35.13
CA SER F 107 -33.37 40.46 35.29
C SER F 107 -33.22 41.79 34.53
N LEU F 108 -32.03 42.38 34.57
CA LEU F 108 -31.78 43.60 33.83
C LEU F 108 -31.93 43.38 32.32
N CYS F 109 -31.37 42.27 31.82
CA CYS F 109 -31.46 41.99 30.39
C CYS F 109 -32.88 41.63 29.98
N LYS F 110 -33.63 40.95 30.87
CA LYS F 110 -35.00 40.60 30.55
C LYS F 110 -35.88 41.85 30.43
N ILE F 111 -35.66 42.83 31.30
CA ILE F 111 -36.38 44.10 31.20
C ILE F 111 -36.00 44.82 29.91
N LEU F 112 -34.75 44.66 29.48
CA LEU F 112 -34.27 45.36 28.29
C LEU F 112 -35.05 44.91 27.05
N LYS F 113 -35.29 43.61 26.92
CA LYS F 113 -36.00 43.09 25.77
C LYS F 113 -37.42 43.66 25.71
N ASP F 114 -38.13 43.59 26.83
CA ASP F 114 -39.50 44.10 26.88
C ASP F 114 -39.57 45.55 26.45
N HIS F 115 -38.51 46.33 26.73
CA HIS F 115 -38.47 47.71 26.27
C HIS F 115 -38.50 47.79 24.75
N VAL F 116 -37.74 46.91 24.09
CA VAL F 116 -37.62 46.97 22.63
C VAL F 116 -38.91 46.49 21.96
N ILE F 117 -39.49 45.39 22.44
CA ILE F 117 -40.68 44.84 21.81
C ILE F 117 -41.88 45.77 21.93
N ALA F 118 -41.87 46.70 22.88
CA ALA F 118 -42.95 47.67 23.01
C ALA F 118 -42.65 49.00 22.34
N LEU F 119 -41.40 49.45 22.35
CA LEU F 119 -41.04 50.70 21.70
C LEU F 119 -41.23 50.62 20.19
N GLY F 120 -40.85 49.49 19.58
CA GLY F 120 -40.92 49.36 18.14
C GLY F 120 -40.28 48.09 17.62
N ASP F 121 -39.42 48.22 16.62
CA ASP F 121 -38.81 47.07 16.00
C ASP F 121 -37.94 46.32 17.00
N PRO F 122 -38.09 44.99 17.12
CA PRO F 122 -37.25 44.24 18.07
C PRO F 122 -35.77 44.28 17.73
N LEU F 123 -35.41 44.56 16.47
CA LEU F 123 -34.01 44.63 16.08
C LEU F 123 -33.28 45.81 16.73
N ARG F 124 -34.03 46.78 17.27
CA ARG F 124 -33.42 47.97 17.84
C ARG F 124 -32.46 47.63 18.96
N GLY F 125 -32.77 46.60 19.76
CA GLY F 125 -31.93 46.23 20.88
C GLY F 125 -31.38 44.82 20.81
N VAL F 126 -31.43 44.20 19.63
CA VAL F 126 -30.91 42.84 19.48
C VAL F 126 -29.40 42.82 19.71
N GLY F 127 -28.69 43.79 19.14
CA GLY F 127 -27.24 43.85 19.26
C GLY F 127 -26.74 43.96 20.68
N PRO F 128 -27.24 44.94 21.43
CA PRO F 128 -26.84 45.03 22.85
C PRO F 128 -27.18 43.80 23.65
N LEU F 129 -28.32 43.15 23.37
CA LEU F 129 -28.71 41.97 24.12
C LEU F 129 -27.74 40.81 23.88
N LEU F 130 -27.27 40.66 22.64
CA LEU F 130 -26.35 39.57 22.33
C LEU F 130 -25.02 39.74 23.05
N ASN F 131 -24.59 40.98 23.30
CA ASN F 131 -23.31 41.21 23.95
C ASN F 131 -23.33 40.72 25.40
N ALA F 132 -24.49 40.73 26.04
CA ALA F 132 -24.56 40.29 27.43
C ALA F 132 -24.24 38.80 27.56
N VAL F 133 -24.64 37.99 26.58
CA VAL F 133 -24.36 36.56 26.62
C VAL F 133 -22.87 36.31 26.57
N GLN F 134 -22.15 37.08 25.75
CA GLN F 134 -20.72 36.85 25.56
C GLN F 134 -19.94 37.01 26.86
N LYS F 135 -20.26 38.04 27.64
CA LYS F 135 -19.51 38.30 28.87
C LYS F 135 -19.99 37.41 30.02
N LEU F 136 -21.31 37.26 30.17
CA LEU F 136 -21.84 36.49 31.30
C LEU F 136 -21.50 35.01 31.20
N GLN F 137 -21.26 34.51 29.98
CA GLN F 137 -20.90 33.11 29.81
C GLN F 137 -19.53 32.84 30.42
N VAL F 138 -19.48 31.90 31.36
CA VAL F 138 -18.22 31.55 32.03
C VAL F 138 -17.45 30.57 31.17
N SER F 139 -18.09 29.45 30.82
CA SER F 139 -17.48 28.42 29.99
C SER F 139 -18.28 28.24 28.71
N SER F 140 -17.57 27.85 27.64
CA SER F 140 -18.24 27.58 26.38
C SER F 140 -19.27 26.47 26.49
N LYS F 141 -19.14 25.63 27.52
CA LYS F 141 -20.09 24.58 27.85
C LYS F 141 -21.23 25.02 28.76
N ARG F 142 -21.24 26.29 29.20
CA ARG F 142 -22.34 26.80 30.02
C ARG F 142 -23.56 27.18 29.19
N LEU F 143 -24.72 26.62 29.51
CA LEU F 143 -25.98 27.01 28.88
C LEU F 143 -26.63 28.09 29.75
N THR F 144 -26.39 29.35 29.41
CA THR F 144 -26.94 30.45 30.16
C THR F 144 -28.45 30.55 29.93
N ALA F 145 -29.14 31.12 30.93
CA ALA F 145 -30.57 31.35 30.82
C ALA F 145 -30.91 32.41 29.77
N LEU F 146 -29.91 33.15 29.28
CA LEU F 146 -30.11 34.19 28.28
C LEU F 146 -30.12 33.65 26.85
N HIS F 147 -29.77 32.38 26.65
CA HIS F 147 -29.73 31.82 25.30
C HIS F 147 -31.10 31.79 24.63
N PRO F 148 -32.16 31.26 25.24
CA PRO F 148 -33.49 31.38 24.59
C PRO F 148 -33.97 32.80 24.48
N ASP F 149 -33.42 33.71 25.30
CA ASP F 149 -33.90 35.10 25.31
C ASP F 149 -33.53 35.81 24.02
N VAL F 150 -32.29 35.64 23.56
CA VAL F 150 -31.84 36.33 22.35
C VAL F 150 -32.30 35.59 21.11
N LEU F 151 -32.52 34.26 21.21
CA LEU F 151 -32.95 33.49 20.05
C LEU F 151 -34.36 33.91 19.62
N GLN F 152 -35.24 34.17 20.58
CA GLN F 152 -36.59 34.61 20.24
C GLN F 152 -36.56 35.97 19.56
N LEU F 153 -35.68 36.87 20.02
CA LEU F 153 -35.65 38.22 19.45
C LEU F 153 -35.13 38.22 18.02
N CYS F 154 -34.02 37.53 17.76
CA CYS F 154 -33.44 37.54 16.43
C CYS F 154 -34.34 36.85 15.41
N LEU F 155 -34.98 35.75 15.82
CA LEU F 155 -35.87 35.04 14.92
C LEU F 155 -37.07 35.91 14.53
N GLN F 156 -37.63 36.64 15.49
CA GLN F 156 -38.79 37.47 15.20
C GLN F 156 -38.40 38.72 14.41
N ALA F 157 -37.21 39.25 14.63
CA ALA F 157 -36.76 40.47 13.98
C ALA F 157 -36.20 40.24 12.58
N LYS F 158 -36.46 39.06 11.98
CA LYS F 158 -35.97 38.73 10.64
C LYS F 158 -34.45 38.89 10.54
N SER F 159 -33.75 38.37 11.55
CA SER F 159 -32.30 38.51 11.61
C SER F 159 -31.64 37.13 11.77
N TYR F 160 -32.02 36.19 10.90
CA TYR F 160 -31.52 34.83 11.00
C TYR F 160 -30.00 34.78 10.94
N LYS F 161 -29.40 35.65 10.13
CA LYS F 161 -27.94 35.63 9.97
C LYS F 161 -27.22 36.02 11.25
N SER F 162 -27.74 37.02 11.97
CA SER F 162 -27.04 37.51 13.15
C SER F 162 -27.13 36.55 14.32
N GLY F 163 -28.30 35.93 14.52
CA GLY F 163 -28.52 35.09 15.67
C GLY F 163 -27.91 33.70 15.57
N PHE F 164 -27.33 33.35 14.43
CA PHE F 164 -26.74 32.03 14.25
C PHE F 164 -25.33 31.93 14.82
N SER F 165 -24.69 33.06 15.14
CA SER F 165 -23.33 33.02 15.65
C SER F 165 -23.26 32.36 17.03
N ILE F 166 -24.30 32.52 17.84
CA ILE F 166 -24.30 31.96 19.18
C ILE F 166 -24.38 30.43 19.13
N LEU F 167 -25.16 29.89 18.21
CA LEU F 167 -25.37 28.45 18.11
C LEU F 167 -24.04 27.71 17.99
N SER F 168 -23.73 26.91 19.02
CA SER F 168 -22.48 26.16 19.10
C SER F 168 -22.77 24.68 19.24
N ASP F 169 -21.70 23.90 19.37
CA ASP F 169 -21.81 22.44 19.47
C ASP F 169 -21.09 21.89 20.69
N ASP F 170 -20.59 22.75 21.58
CA ASP F 170 -19.87 22.32 22.77
C ASP F 170 -20.68 22.46 24.05
N ILE F 171 -21.99 22.71 23.93
CA ILE F 171 -22.85 22.87 25.10
C ILE F 171 -23.20 21.49 25.64
N VAL F 172 -22.80 21.21 26.88
CA VAL F 172 -22.99 19.89 27.46
C VAL F 172 -23.65 20.00 28.83
N GLU F 173 -23.80 21.23 29.35
CA GLU F 173 -24.29 21.45 30.69
C GLU F 173 -25.65 22.14 30.63
N ILE F 174 -26.59 21.69 31.46
CA ILE F 174 -27.96 22.17 31.44
C ILE F 174 -28.24 22.90 32.75
N ASP F 175 -28.60 24.18 32.66
CA ASP F 175 -28.92 24.99 33.83
C ASP F 175 -30.40 24.92 34.19
N GLN F 176 -31.28 25.32 33.27
CA GLN F 176 -32.70 25.23 33.46
C GLN F 176 -33.32 24.40 32.33
N PRO F 177 -34.03 23.32 32.65
CA PRO F 177 -34.51 22.42 31.58
C PRO F 177 -35.36 23.10 30.53
N ARG F 178 -36.16 24.09 30.93
CA ARG F 178 -36.95 24.83 29.95
C ARG F 178 -36.06 25.58 28.98
N ASP F 179 -34.95 26.14 29.46
CA ASP F 179 -34.05 26.89 28.59
C ASP F 179 -33.37 26.02 27.54
N PHE F 180 -33.21 24.71 27.81
CA PHE F 180 -32.63 23.83 26.81
C PHE F 180 -33.61 23.55 25.68
N PHE F 181 -34.88 23.29 26.01
CA PHE F 181 -35.88 23.04 24.98
C PHE F 181 -36.07 24.25 24.08
N LEU F 182 -36.12 25.46 24.68
CA LEU F 182 -36.27 26.66 23.88
C LEU F 182 -35.02 26.93 23.05
N TYR F 183 -33.83 26.65 23.61
CA TYR F 183 -32.60 26.84 22.85
C TYR F 183 -32.56 25.93 21.63
N SER F 184 -32.96 24.67 21.79
CA SER F 184 -32.94 23.73 20.67
C SER F 184 -34.04 24.04 19.66
N TYR F 185 -35.25 24.32 20.14
CA TYR F 185 -36.36 24.59 19.25
C TYR F 185 -36.12 25.84 18.42
N TYR F 186 -35.79 26.95 19.08
CA TYR F 186 -35.50 28.19 18.35
C TYR F 186 -34.25 28.05 17.49
N GLY F 187 -33.23 27.37 18.00
CA GLY F 187 -32.04 27.14 17.22
C GLY F 187 -32.31 26.33 15.96
N GLY F 188 -33.25 25.39 16.03
CA GLY F 188 -33.62 24.63 14.85
C GLY F 188 -34.29 25.48 13.79
N MET F 189 -35.18 26.39 14.23
CA MET F 189 -35.89 27.24 13.28
C MET F 189 -34.95 28.16 12.53
N ILE F 190 -33.85 28.58 13.17
CA ILE F 190 -32.87 29.41 12.48
C ILE F 190 -32.22 28.65 11.34
N CYS F 191 -31.89 27.38 11.56
CA CYS F 191 -31.21 26.59 10.53
C CYS F 191 -32.10 26.33 9.33
N ILE F 192 -33.39 26.06 9.57
CA ILE F 192 -34.29 25.68 8.48
C ILE F 192 -34.42 26.84 7.49
N GLY F 193 -34.64 28.05 7.98
CA GLY F 193 -34.78 29.20 7.11
C GLY F 193 -33.48 29.64 6.47
N LEU F 194 -32.34 29.24 7.03
CA LEU F 194 -31.03 29.61 6.52
C LEU F 194 -30.44 28.56 5.59
N LYS F 195 -31.21 27.54 5.23
CA LYS F 195 -30.76 26.44 4.39
C LYS F 195 -29.56 25.73 5.02
N ARG F 196 -29.80 25.21 6.23
CA ARG F 196 -28.79 24.52 7.03
C ARG F 196 -29.37 23.23 7.59
N PHE F 197 -29.96 22.42 6.69
CA PHE F 197 -30.69 21.23 7.12
C PHE F 197 -29.82 20.25 7.89
N GLN F 198 -28.50 20.28 7.67
CA GLN F 198 -27.62 19.34 8.36
C GLN F 198 -27.67 19.56 9.87
N LYS F 199 -27.46 20.80 10.33
CA LYS F 199 -27.55 21.09 11.75
C LYS F 199 -29.00 21.15 12.23
N ALA F 200 -29.94 21.44 11.34
CA ALA F 200 -31.34 21.55 11.74
C ALA F 200 -31.85 20.24 12.31
N LEU F 201 -31.43 19.11 11.73
CA LEU F 201 -31.83 17.81 12.28
C LEU F 201 -31.25 17.59 13.67
N GLU F 202 -29.99 17.99 13.88
CA GLU F 202 -29.31 17.68 15.12
C GLU F 202 -29.99 18.33 16.32
N LEU F 203 -30.22 19.64 16.26
CA LEU F 203 -30.86 20.33 17.38
C LEU F 203 -32.29 19.82 17.59
N LEU F 204 -33.04 19.63 16.51
CA LEU F 204 -34.41 19.14 16.64
C LEU F 204 -34.44 17.66 17.05
N TYR F 205 -33.34 16.93 16.87
CA TYR F 205 -33.30 15.54 17.30
C TYR F 205 -33.22 15.44 18.82
N ASN F 206 -32.66 16.45 19.49
CA ASN F 206 -32.49 16.39 20.94
C ASN F 206 -33.78 16.62 21.69
N VAL F 207 -34.71 17.39 21.12
CA VAL F 207 -35.95 17.70 21.82
C VAL F 207 -36.78 16.43 22.03
N VAL F 208 -36.95 15.65 20.96
CA VAL F 208 -37.68 14.39 21.08
C VAL F 208 -36.92 13.40 21.95
N THR F 209 -35.60 13.34 21.79
CA THR F 209 -34.77 12.45 22.61
C THR F 209 -34.28 13.16 23.87
N ALA F 210 -35.26 13.56 24.68
CA ALA F 210 -35.00 14.19 25.97
C ALA F 210 -35.91 13.58 27.02
N PRO F 211 -35.42 13.45 28.26
CA PRO F 211 -36.26 12.90 29.33
C PRO F 211 -37.42 13.84 29.66
N MET F 212 -38.63 13.28 29.68
CA MET F 212 -39.81 14.04 30.05
C MET F 212 -40.86 13.07 30.58
N HIS F 213 -41.44 13.40 31.74
CA HIS F 213 -42.43 12.51 32.34
C HIS F 213 -43.69 12.42 31.49
N GLN F 214 -44.24 13.57 31.10
CA GLN F 214 -45.47 13.63 30.33
C GLN F 214 -45.23 14.39 29.02
N VAL F 215 -46.27 14.45 28.19
CA VAL F 215 -46.18 15.12 26.91
C VAL F 215 -46.07 16.63 27.12
N ASN F 216 -45.40 17.30 26.18
CA ASN F 216 -45.19 18.74 26.25
C ASN F 216 -45.49 19.35 24.89
N ALA F 217 -45.91 20.62 24.90
CA ALA F 217 -46.25 21.31 23.66
C ALA F 217 -45.05 21.44 22.74
N ILE F 218 -43.89 21.77 23.30
CA ILE F 218 -42.68 21.92 22.48
C ILE F 218 -42.27 20.59 21.86
N ALA F 219 -42.49 19.49 22.58
CA ALA F 219 -42.11 18.18 22.06
C ALA F 219 -42.87 17.84 20.78
N LEU F 220 -44.16 18.18 20.73
CA LEU F 220 -44.96 17.84 19.53
C LEU F 220 -44.53 18.75 18.37
N GLU F 221 -44.36 20.05 18.64
CA GLU F 221 -44.03 20.97 17.56
C GLU F 221 -42.68 20.65 16.93
N ALA F 222 -41.74 20.13 17.71
CA ALA F 222 -40.45 19.74 17.16
C ALA F 222 -40.57 18.50 16.29
N TYR F 223 -41.48 17.58 16.62
CA TYR F 223 -41.65 16.36 15.84
C TYR F 223 -42.16 16.67 14.44
N LYS F 224 -43.11 17.61 14.33
CA LYS F 224 -43.67 17.93 13.02
C LYS F 224 -42.62 18.51 12.08
N LYS F 225 -41.76 19.38 12.60
CA LYS F 225 -40.70 19.94 11.76
C LYS F 225 -39.64 18.89 11.43
N TYR F 226 -39.42 17.93 12.32
CA TYR F 226 -38.40 16.92 12.09
C TYR F 226 -38.71 16.06 10.87
N ILE F 227 -39.98 15.68 10.71
CA ILE F 227 -40.35 14.76 9.63
C ILE F 227 -40.16 15.42 8.28
N LEU F 228 -40.67 16.65 8.12
CA LEU F 228 -40.54 17.34 6.84
C LEU F 228 -39.08 17.62 6.49
N VAL F 229 -38.29 18.03 7.48
CA VAL F 229 -36.87 18.27 7.24
C VAL F 229 -36.18 16.96 6.86
N SER F 230 -36.57 15.86 7.48
CA SER F 230 -35.99 14.56 7.14
C SER F 230 -36.29 14.20 5.69
N LEU F 231 -37.52 14.44 5.24
CA LEU F 231 -37.88 14.13 3.86
C LEU F 231 -37.07 14.96 2.88
N ILE F 232 -36.85 16.24 3.19
CA ILE F 232 -36.11 17.12 2.28
C ILE F 232 -34.66 16.65 2.16
N HIS F 233 -34.04 16.30 3.28
CA HIS F 233 -32.61 15.97 3.29
C HIS F 233 -32.38 14.47 3.10
N ASN F 234 -32.92 13.65 4.01
CA ASN F 234 -32.67 12.22 3.94
C ASN F 234 -33.40 11.58 2.75
N GLY F 235 -34.73 11.71 2.72
CA GLY F 235 -35.50 11.18 1.62
C GLY F 235 -36.36 9.99 1.98
N GLN F 236 -36.65 9.82 3.27
CA GLN F 236 -37.48 8.73 3.72
C GLN F 236 -38.10 9.09 5.05
N PHE F 237 -39.14 8.36 5.42
CA PHE F 237 -39.83 8.54 6.70
C PHE F 237 -39.72 7.23 7.47
N THR F 238 -38.94 7.23 8.55
CA THR F 238 -38.84 6.07 9.42
C THR F 238 -40.04 6.08 10.37
N ASN F 239 -40.90 5.06 10.24
CA ASN F 239 -42.12 5.00 11.03
C ASN F 239 -41.86 4.68 12.49
N THR F 240 -40.64 4.28 12.84
CA THR F 240 -40.31 3.89 14.20
C THR F 240 -39.49 4.98 14.87
N LEU F 241 -39.91 5.38 16.07
CA LEU F 241 -39.16 6.37 16.83
C LEU F 241 -37.83 5.79 17.31
N PRO F 242 -36.79 6.62 17.39
CA PRO F 242 -35.52 6.13 17.92
C PRO F 242 -35.66 5.57 19.32
N LYS F 243 -34.88 4.52 19.61
CA LYS F 243 -34.99 3.84 20.89
C LYS F 243 -34.60 4.76 22.04
N CYS F 244 -33.55 5.55 21.86
CA CYS F 244 -33.09 6.46 22.90
C CYS F 244 -34.04 7.64 23.05
N ALA F 245 -35.25 7.37 23.55
CA ALA F 245 -36.26 8.40 23.73
C ALA F 245 -37.09 8.07 24.95
N SER F 246 -37.81 9.08 25.44
CA SER F 246 -38.63 8.91 26.63
C SER F 246 -39.75 7.90 26.38
N THR F 247 -40.11 7.18 27.43
CA THR F 247 -41.18 6.19 27.31
C THR F 247 -42.52 6.85 26.99
N ALA F 248 -42.74 8.07 27.50
CA ALA F 248 -43.99 8.78 27.20
C ALA F 248 -44.10 9.10 25.72
N ALA F 249 -42.97 9.46 25.09
CA ALA F 249 -42.99 9.77 23.66
C ALA F 249 -43.38 8.57 22.82
N GLN F 250 -42.86 7.39 23.16
CA GLN F 250 -43.14 6.21 22.36
C GLN F 250 -44.61 5.83 22.41
N ARG F 251 -45.23 5.92 23.58
CA ARG F 251 -46.61 5.47 23.73
C ARG F 251 -47.60 6.42 23.03
N SER F 252 -47.31 7.72 23.15
CA SER F 252 -48.22 8.73 22.55
C SER F 252 -47.40 9.80 21.83
N PHE F 253 -47.41 9.79 20.50
CA PHE F 253 -46.71 10.84 19.71
C PHE F 253 -47.38 10.86 18.35
N LYS F 254 -48.11 9.79 18.03
CA LYS F 254 -48.76 9.68 16.70
C LYS F 254 -50.14 10.33 16.75
N ASN F 255 -50.78 10.34 17.92
CA ASN F 255 -52.14 10.86 18.03
C ASN F 255 -52.25 12.25 17.41
N TYR F 256 -51.26 13.11 17.65
CA TYR F 256 -51.28 14.48 17.17
C TYR F 256 -50.46 14.67 15.90
N THR F 257 -49.97 13.58 15.30
CA THR F 257 -49.22 13.66 14.05
C THR F 257 -49.83 12.78 12.97
N GLY F 258 -51.17 12.72 12.93
CA GLY F 258 -51.88 11.93 11.95
C GLY F 258 -51.63 12.36 10.52
N PRO F 259 -52.04 13.59 10.17
CA PRO F 259 -51.84 14.06 8.80
C PRO F 259 -50.39 14.08 8.36
N TYR F 260 -49.46 14.35 9.28
CA TYR F 260 -48.05 14.36 8.93
C TYR F 260 -47.54 12.96 8.60
N ILE F 261 -48.07 11.94 9.28
CA ILE F 261 -47.61 10.57 9.05
C ILE F 261 -47.94 10.12 7.63
N GLU F 262 -49.16 10.42 7.17
CA GLU F 262 -49.58 9.97 5.85
C GLU F 262 -48.72 10.54 4.74
N LEU F 263 -48.18 11.74 4.93
CA LEU F 263 -47.29 12.33 3.92
C LEU F 263 -46.03 11.49 3.74
N GLY F 264 -45.46 10.99 4.84
CA GLY F 264 -44.24 10.22 4.74
C GLY F 264 -44.41 8.89 4.02
N ASN F 265 -45.52 8.20 4.28
CA ASN F 265 -45.76 6.92 3.62
C ASN F 265 -45.90 7.10 2.11
N CYS F 266 -46.58 8.15 1.68
CA CYS F 266 -46.70 8.42 0.25
C CYS F 266 -45.35 8.75 -0.36
N TYR F 267 -44.50 9.49 0.37
CA TYR F 267 -43.18 9.83 -0.14
C TYR F 267 -42.32 8.58 -0.29
N ASN F 268 -42.47 7.61 0.61
CA ASN F 268 -41.68 6.39 0.52
C ASN F 268 -42.04 5.59 -0.72
N ASP F 269 -43.34 5.57 -1.09
CA ASP F 269 -43.76 4.81 -2.26
C ASP F 269 -43.23 5.43 -3.54
N GLY F 270 -43.59 6.69 -3.80
CA GLY F 270 -43.14 7.37 -5.00
C GLY F 270 -44.29 7.90 -5.85
N LYS F 271 -45.51 7.74 -5.36
CA LYS F 271 -46.70 8.21 -6.08
C LYS F 271 -46.75 9.72 -6.00
N ILE F 272 -46.36 10.38 -7.10
CA ILE F 272 -46.37 11.84 -7.13
C ILE F 272 -47.80 12.38 -7.06
N GLY F 273 -48.75 11.67 -7.67
CA GLY F 273 -50.13 12.16 -7.70
C GLY F 273 -50.74 12.27 -6.32
N GLU F 274 -50.52 11.24 -5.49
CA GLU F 274 -51.07 11.27 -4.13
C GLU F 274 -50.48 12.41 -3.31
N LEU F 275 -49.16 12.60 -3.41
CA LEU F 275 -48.53 13.70 -2.70
C LEU F 275 -49.03 15.06 -3.19
N GLU F 276 -49.17 15.21 -4.51
CA GLU F 276 -49.66 16.46 -5.07
C GLU F 276 -51.12 16.72 -4.72
N ALA F 277 -51.89 15.68 -4.41
CA ALA F 277 -53.30 15.84 -4.07
C ALA F 277 -53.52 15.95 -2.55
N LEU F 278 -52.70 15.24 -1.76
CA LEU F 278 -52.87 15.27 -0.31
C LEU F 278 -52.61 16.66 0.26
N VAL F 279 -51.61 17.37 -0.28
CA VAL F 279 -51.28 18.70 0.21
C VAL F 279 -52.46 19.64 0.03
N VAL F 280 -53.07 19.62 -1.16
CA VAL F 280 -54.20 20.50 -1.42
C VAL F 280 -55.43 20.06 -0.64
N ALA F 281 -55.64 18.75 -0.53
CA ALA F 281 -56.84 18.25 0.15
C ALA F 281 -56.85 18.63 1.63
N ARG F 282 -55.70 18.52 2.30
CA ARG F 282 -55.59 18.83 3.72
C ARG F 282 -54.83 20.13 3.94
N ASN F 283 -55.06 21.12 3.06
CA ASN F 283 -54.37 22.40 3.16
C ASN F 283 -54.77 23.19 4.40
N ALA F 284 -55.95 22.91 4.98
CA ALA F 284 -56.40 23.68 6.13
C ALA F 284 -55.55 23.39 7.36
N GLU F 285 -55.32 22.11 7.65
CA GLU F 285 -54.57 21.76 8.86
C GLU F 285 -53.11 22.21 8.77
N PHE F 286 -52.49 22.03 7.60
CA PHE F 286 -51.07 22.37 7.45
C PHE F 286 -50.84 23.87 7.57
N GLU F 287 -51.74 24.68 7.01
CA GLU F 287 -51.60 26.13 7.09
C GLU F 287 -51.79 26.63 8.52
N GLU F 288 -52.56 25.91 9.33
CA GLU F 288 -52.83 26.35 10.70
C GLU F 288 -51.55 26.38 11.53
N ASP F 289 -50.69 25.37 11.38
CA ASP F 289 -49.45 25.28 12.13
C ASP F 289 -48.29 26.00 11.46
N LYS F 290 -48.57 26.87 10.49
CA LYS F 290 -47.55 27.62 9.76
C LYS F 290 -46.52 26.68 9.11
N ASN F 291 -47.00 25.55 8.61
CA ASN F 291 -46.13 24.57 7.98
C ASN F 291 -46.27 24.52 6.46
N LEU F 292 -47.32 25.12 5.91
CA LEU F 292 -47.60 24.98 4.47
C LEU F 292 -46.44 25.50 3.63
N GLY F 293 -45.74 26.54 4.10
CA GLY F 293 -44.59 27.02 3.36
C GLY F 293 -43.48 25.99 3.27
N LEU F 294 -43.25 25.26 4.37
CA LEU F 294 -42.21 24.24 4.37
C LEU F 294 -42.63 22.96 3.66
N VAL F 295 -43.92 22.61 3.71
CA VAL F 295 -44.38 21.40 3.05
C VAL F 295 -44.17 21.48 1.55
N LYS F 296 -44.44 22.64 0.96
CA LYS F 296 -44.22 22.82 -0.47
C LYS F 296 -42.75 22.61 -0.85
N GLN F 297 -41.83 22.82 0.10
CA GLN F 297 -40.43 22.50 -0.19
C GLN F 297 -40.22 21.00 -0.32
N ALA F 298 -41.04 20.20 0.36
CA ALA F 298 -40.99 18.75 0.20
C ALA F 298 -41.78 18.26 -1.02
N VAL F 299 -42.61 19.12 -1.61
CA VAL F 299 -43.35 18.73 -2.80
C VAL F 299 -42.40 18.57 -3.98
N SER F 300 -41.48 19.52 -4.16
CA SER F 300 -40.54 19.48 -5.26
C SER F 300 -39.32 18.61 -4.97
N SER F 301 -39.22 18.05 -3.75
CA SER F 301 -38.12 17.15 -3.42
C SER F 301 -38.33 15.74 -3.95
N LEU F 302 -39.56 15.39 -4.33
CA LEU F 302 -39.81 14.07 -4.91
C LEU F 302 -39.22 13.96 -6.30
N TYR F 303 -39.30 15.03 -7.10
CA TYR F 303 -38.75 15.00 -8.45
C TYR F 303 -37.24 14.84 -8.43
N LYS F 304 -36.57 15.51 -7.49
CA LYS F 304 -35.12 15.34 -7.36
C LYS F 304 -34.76 13.94 -6.89
N ARG F 305 -35.61 13.33 -6.06
CA ARG F 305 -35.30 12.02 -5.50
C ARG F 305 -35.45 10.91 -6.54
N ASN F 306 -36.51 10.95 -7.35
CA ASN F 306 -36.74 9.89 -8.32
C ASN F 306 -35.64 9.83 -9.37
N ILE F 307 -35.19 11.00 -9.84
CA ILE F 307 -34.08 11.04 -10.80
C ILE F 307 -32.81 10.50 -10.15
N LEU F 308 -32.61 10.76 -8.86
CA LEU F 308 -31.47 10.21 -8.15
C LEU F 308 -31.51 8.69 -8.11
N ARG F 309 -32.71 8.10 -8.04
CA ARG F 309 -32.82 6.65 -8.02
C ARG F 309 -32.36 6.03 -9.34
N LEU F 310 -32.61 6.72 -10.47
CA LEU F 310 -32.19 6.19 -11.76
C LEU F 310 -30.67 6.15 -11.91
N THR F 311 -29.94 6.86 -11.06
CA THR F 311 -28.48 6.86 -11.16
C THR F 311 -27.91 5.47 -10.89
N GLN F 312 -28.47 4.75 -9.92
CA GLN F 312 -28.02 3.40 -9.59
C GLN F 312 -28.76 2.33 -10.39
N LYS F 313 -29.41 2.72 -11.49
CA LYS F 313 -30.16 1.77 -12.31
C LYS F 313 -29.81 1.81 -13.79
N TYR F 314 -29.19 2.88 -14.28
CA TYR F 314 -28.86 3.03 -15.69
C TYR F 314 -27.42 3.50 -15.84
N LEU F 315 -27.02 3.70 -17.09
CA LEU F 315 -25.74 4.32 -17.41
C LEU F 315 -25.89 5.43 -18.45
N THR F 316 -26.93 5.40 -19.27
CA THR F 316 -27.20 6.45 -20.25
C THR F 316 -28.66 6.38 -20.62
N LEU F 317 -29.37 7.51 -20.47
CA LEU F 317 -30.79 7.58 -20.74
C LEU F 317 -31.11 8.85 -21.51
N SER F 318 -32.21 8.80 -22.25
CA SER F 318 -32.66 9.94 -23.05
C SER F 318 -33.52 10.88 -22.21
N LEU F 319 -33.53 12.15 -22.61
CA LEU F 319 -34.30 13.16 -21.87
C LEU F 319 -35.78 12.85 -21.89
N GLN F 320 -36.31 12.42 -23.04
CA GLN F 320 -37.73 12.14 -23.14
C GLN F 320 -38.13 10.99 -22.22
N ASP F 321 -37.29 9.96 -22.14
CA ASP F 321 -37.60 8.83 -21.27
C ASP F 321 -37.58 9.25 -19.80
N ILE F 322 -36.67 10.15 -19.43
CA ILE F 322 -36.61 10.63 -18.06
C ILE F 322 -37.91 11.32 -17.68
N ALA F 323 -38.41 12.18 -18.57
CA ALA F 323 -39.66 12.89 -18.29
C ALA F 323 -40.83 11.93 -18.14
N ASN F 324 -40.90 10.89 -18.98
CA ASN F 324 -41.99 9.93 -18.87
C ASN F 324 -41.89 9.10 -17.60
N MET F 325 -40.67 8.78 -17.17
CA MET F 325 -40.52 7.91 -16.00
C MET F 325 -40.90 8.63 -14.70
N VAL F 326 -40.57 9.91 -14.59
CA VAL F 326 -40.89 10.68 -13.40
C VAL F 326 -42.13 11.55 -13.58
N GLN F 327 -42.81 11.41 -14.73
CA GLN F 327 -44.05 12.16 -15.01
C GLN F 327 -43.84 13.67 -14.85
N LEU F 328 -42.79 14.17 -15.51
CA LEU F 328 -42.38 15.56 -15.32
C LEU F 328 -43.01 16.50 -16.36
N GLY F 329 -42.74 16.25 -17.63
CA GLY F 329 -43.26 17.13 -18.68
C GLY F 329 -42.51 17.03 -19.99
N ASN F 330 -42.13 18.18 -20.54
CA ASN F 330 -41.44 18.23 -21.83
C ASN F 330 -39.95 18.02 -21.63
N ALA F 331 -39.17 18.24 -22.70
CA ALA F 331 -37.73 17.98 -22.65
C ALA F 331 -37.02 19.02 -21.80
N LYS F 332 -37.37 20.30 -21.98
CA LYS F 332 -36.68 21.37 -21.25
C LYS F 332 -36.89 21.24 -19.75
N GLU F 333 -38.03 20.69 -19.32
CA GLU F 333 -38.25 20.46 -17.90
C GLU F 333 -37.23 19.46 -17.34
N ALA F 334 -36.97 18.37 -18.08
CA ALA F 334 -36.05 17.36 -17.61
C ALA F 334 -34.62 17.90 -17.55
N GLU F 335 -34.22 18.70 -18.55
CA GLU F 335 -32.88 19.25 -18.54
C GLU F 335 -32.69 20.23 -17.38
N MET F 336 -33.71 21.04 -17.08
CA MET F 336 -33.57 22.04 -16.03
C MET F 336 -33.38 21.38 -14.67
N HIS F 337 -34.12 20.31 -14.38
CA HIS F 337 -33.96 19.62 -13.11
C HIS F 337 -32.57 19.01 -12.98
N VAL F 338 -32.05 18.44 -14.07
CA VAL F 338 -30.73 17.82 -14.03
C VAL F 338 -29.66 18.88 -13.75
N LEU F 339 -29.78 20.05 -14.40
CA LEU F 339 -28.78 21.09 -14.23
C LEU F 339 -28.74 21.59 -12.79
N GLN F 340 -29.90 21.74 -12.15
CA GLN F 340 -29.92 22.15 -10.76
C GLN F 340 -29.30 21.10 -9.85
N MET F 341 -29.53 19.81 -10.15
CA MET F 341 -28.97 18.75 -9.32
C MET F 341 -27.45 18.76 -9.35
N ILE F 342 -26.87 19.03 -10.52
CA ILE F 342 -25.41 19.06 -10.64
C ILE F 342 -24.83 20.19 -9.81
N GLN F 343 -25.52 21.33 -9.75
CA GLN F 343 -25.05 22.46 -8.95
C GLN F 343 -24.94 22.09 -7.48
N ASP F 344 -25.96 21.44 -6.93
CA ASP F 344 -25.96 21.09 -5.52
C ASP F 344 -24.89 20.06 -5.20
N GLY F 345 -24.69 19.09 -6.10
CA GLY F 345 -23.75 18.00 -5.87
C GLY F 345 -24.40 16.67 -5.54
N GLN F 346 -25.72 16.57 -5.62
CA GLN F 346 -26.41 15.31 -5.34
C GLN F 346 -26.21 14.30 -6.46
N ILE F 347 -25.69 14.71 -7.61
CA ILE F 347 -25.51 13.81 -8.75
C ILE F 347 -24.31 14.29 -9.55
N HIS F 348 -23.67 13.36 -10.24
CA HIS F 348 -22.56 13.66 -11.16
C HIS F 348 -22.94 13.10 -12.52
N ALA F 349 -23.38 13.97 -13.42
CA ALA F 349 -23.86 13.56 -14.74
C ALA F 349 -23.38 14.54 -15.80
N LEU F 350 -23.40 14.07 -17.05
CA LEU F 350 -23.09 14.90 -18.20
C LEU F 350 -24.20 14.70 -19.23
N ILE F 351 -24.58 15.80 -19.89
CA ILE F 351 -25.70 15.77 -20.82
C ILE F 351 -25.22 16.24 -22.19
N ASN F 352 -25.93 15.78 -23.23
CA ASN F 352 -25.64 16.13 -24.60
C ASN F 352 -26.94 16.48 -25.31
N GLN F 353 -26.85 17.31 -26.34
CA GLN F 353 -28.04 17.78 -27.05
C GLN F 353 -28.15 17.25 -28.47
N LYS F 354 -27.12 16.57 -28.98
CA LYS F 354 -27.26 15.89 -30.27
C LYS F 354 -28.32 14.80 -30.19
N ASP F 355 -28.30 14.01 -29.12
CA ASP F 355 -29.27 12.94 -28.92
C ASP F 355 -30.26 13.22 -27.80
N GLY F 356 -30.08 14.30 -27.05
CA GLY F 356 -30.94 14.58 -25.92
C GLY F 356 -30.87 13.48 -24.87
N MET F 357 -29.65 13.23 -24.42
CA MET F 357 -29.46 12.11 -23.47
C MET F 357 -28.72 12.57 -22.21
N VAL F 358 -28.80 11.77 -21.17
CA VAL F 358 -28.11 12.03 -19.90
C VAL F 358 -27.26 10.81 -19.57
N ARG F 359 -26.01 11.06 -19.21
CA ARG F 359 -25.06 9.99 -18.86
C ARG F 359 -24.77 10.05 -17.38
N PHE F 360 -24.95 8.92 -16.69
CA PHE F 360 -24.77 8.83 -15.24
C PHE F 360 -23.34 8.40 -14.97
N LEU F 361 -22.48 9.35 -14.60
CA LEU F 361 -21.12 9.03 -14.22
C LEU F 361 -21.08 8.52 -12.79
N GLU F 362 -19.87 8.28 -12.29
CA GLU F 362 -19.65 7.80 -10.93
C GLU F 362 -18.90 8.89 -10.14
N ASP F 363 -18.71 8.63 -8.86
CA ASP F 363 -18.10 9.62 -7.97
C ASP F 363 -16.64 9.84 -8.35
N PRO F 364 -16.23 11.06 -8.69
CA PRO F 364 -14.81 11.30 -9.00
C PRO F 364 -13.87 11.14 -7.82
N GLU F 365 -14.40 11.10 -6.59
CA GLU F 365 -13.54 10.98 -5.41
C GLU F 365 -12.75 9.68 -5.46
N GLN F 366 -11.45 9.78 -5.19
CA GLN F 366 -10.56 8.63 -5.23
C GLN F 366 -9.99 8.25 -3.87
N TYR F 367 -10.07 9.12 -2.88
CA TYR F 367 -9.46 8.90 -1.57
C TYR F 367 -7.97 8.62 -1.69
N LYS F 368 -7.33 9.28 -2.66
CA LYS F 368 -5.90 9.13 -2.91
C LYS F 368 -5.27 10.49 -3.16
N SER F 369 -5.68 11.50 -2.40
CA SER F 369 -5.22 12.87 -2.62
C SER F 369 -4.84 13.49 -1.29
N SER F 370 -3.99 14.52 -1.37
CA SER F 370 -3.55 15.22 -0.16
C SER F 370 -4.71 15.93 0.53
N GLU F 371 -5.75 16.29 -0.22
CA GLU F 371 -6.91 16.94 0.40
C GLU F 371 -7.63 15.99 1.35
N MET F 372 -7.68 14.70 1.00
CA MET F 372 -8.31 13.72 1.88
C MET F 372 -7.56 13.59 3.21
N ILE F 373 -6.26 13.85 3.20
CA ILE F 373 -5.48 13.78 4.43
C ILE F 373 -5.99 14.80 5.45
N GLU F 374 -6.20 16.04 4.99
CA GLU F 374 -6.69 17.08 5.89
C GLU F 374 -8.09 16.76 6.38
N ILE F 375 -8.96 16.24 5.49
CA ILE F 375 -10.30 15.84 5.91
C ILE F 375 -10.22 14.71 6.94
N MET F 376 -9.37 13.71 6.67
CA MET F 376 -9.19 12.63 7.63
C MET F 376 -8.59 13.13 8.93
N ASP F 377 -7.57 14.00 8.83
CA ASP F 377 -6.88 14.47 10.03
C ASP F 377 -7.81 15.26 10.94
N SER F 378 -8.67 16.11 10.36
CA SER F 378 -9.61 16.88 11.17
C SER F 378 -10.58 15.95 11.89
N VAL F 379 -11.04 14.89 11.22
CA VAL F 379 -11.94 13.95 11.86
C VAL F 379 -11.22 13.20 12.98
N ILE F 380 -9.94 12.87 12.78
CA ILE F 380 -9.18 12.21 13.83
C ILE F 380 -9.06 13.10 15.06
N GLN F 381 -8.73 14.37 14.84
CA GLN F 381 -8.53 15.29 15.96
C GLN F 381 -9.83 15.53 16.71
N ARG F 382 -10.97 15.46 16.03
CA ARG F 382 -12.26 15.60 16.69
C ARG F 382 -12.51 14.44 17.65
N THR F 383 -12.14 13.23 17.25
CA THR F 383 -12.34 12.07 18.11
C THR F 383 -11.46 12.16 19.36
N ILE F 384 -10.23 12.67 19.22
CA ILE F 384 -9.35 12.83 20.37
C ILE F 384 -9.98 13.77 21.40
N GLY F 385 -10.54 14.88 20.93
CA GLY F 385 -11.25 15.78 21.83
C GLY F 385 -12.48 15.13 22.45
N LEU F 386 -13.11 14.21 21.73
CA LEU F 386 -14.28 13.53 22.26
C LEU F 386 -13.91 12.64 23.43
N SER F 387 -12.74 12.01 23.40
CA SER F 387 -12.30 11.14 24.49
C SER F 387 -12.12 11.93 25.78
N LYS F 388 -11.59 13.16 25.68
CA LYS F 388 -11.36 13.97 26.86
C LYS F 388 -12.66 14.29 27.60
N ASN F 389 -13.73 14.58 26.84
CA ASN F 389 -15.01 14.85 27.48
C ASN F 389 -15.53 13.63 28.23
N LEU F 390 -15.36 12.44 27.65
CA LEU F 390 -15.75 11.22 28.36
C LEU F 390 -14.91 11.02 29.61
N LEU F 391 -13.61 11.29 29.52
CA LEU F 391 -12.73 11.12 30.67
C LEU F 391 -13.10 12.06 31.80
N ALA F 392 -13.43 13.32 31.48
CA ALA F 392 -13.81 14.27 32.51
C ALA F 392 -15.10 13.85 33.19
N MET F 393 -16.01 13.26 32.42
CA MET F 393 -17.28 12.75 33.02
C MET F 393 -16.91 11.67 34.05
N ASP F 394 -15.93 10.82 33.73
CA ASP F 394 -15.57 9.72 34.62
C ASP F 394 -15.07 10.24 35.96
N GLU F 395 -14.16 11.23 35.93
CA GLU F 395 -13.54 11.70 37.17
C GLU F 395 -14.58 12.32 38.11
N SER F 396 -15.49 13.14 37.58
CA SER F 396 -16.50 13.76 38.43
C SER F 396 -17.41 12.71 39.04
N LEU F 397 -17.81 11.71 38.26
CA LEU F 397 -18.67 10.65 38.79
C LEU F 397 -17.92 9.77 39.79
N SER F 398 -16.65 9.49 39.52
CA SER F 398 -15.86 8.68 40.44
C SER F 398 -15.67 9.39 41.78
N CYS F 399 -15.66 10.71 41.78
CA CYS F 399 -15.54 11.50 43.00
C CYS F 399 -16.89 11.88 43.60
N ASP F 400 -17.99 11.47 42.97
CA ASP F 400 -19.31 11.80 43.48
C ASP F 400 -19.58 11.00 44.75
N PRO F 401 -19.89 11.64 45.88
CA PRO F 401 -20.14 10.88 47.11
C PRO F 401 -21.29 9.91 47.01
N LEU F 402 -22.29 10.20 46.18
CA LEU F 402 -23.40 9.27 46.00
C LEU F 402 -22.94 7.95 45.36
N TYR F 403 -22.01 8.03 44.41
CA TYR F 403 -21.54 6.82 43.73
C TYR F 403 -20.81 5.89 44.69
N LEU F 404 -19.95 6.44 45.56
CA LEU F 404 -19.21 5.60 46.49
C LEU F 404 -20.14 4.92 47.49
N GLY F 405 -21.15 5.64 47.97
CA GLY F 405 -22.06 5.06 48.96
C GLY F 405 -22.85 3.89 48.40
N LYS F 406 -23.37 4.03 47.19
CA LYS F 406 -24.13 2.94 46.58
C LYS F 406 -23.24 1.74 46.29
N VAL F 407 -22.02 1.98 45.79
CA VAL F 407 -21.11 0.89 45.50
C VAL F 407 -20.44 0.34 46.75
N GLY F 408 -20.48 1.08 47.86
CA GLY F 408 -19.87 0.64 49.10
C GLY F 408 -20.77 -0.23 49.93
N GLU G 92 41.00 -63.64 -36.42
CA GLU G 92 40.93 -62.90 -35.17
C GLU G 92 41.77 -61.63 -35.22
N GLU G 93 42.65 -61.46 -34.24
CA GLU G 93 43.52 -60.29 -34.20
C GLU G 93 44.46 -60.26 -35.40
N GLN G 94 45.05 -61.42 -35.74
CA GLN G 94 45.95 -61.47 -36.88
C GLN G 94 45.23 -61.17 -38.18
N ALA G 95 44.03 -61.73 -38.36
CA ALA G 95 43.25 -61.45 -39.56
C ALA G 95 42.83 -59.98 -39.62
N LEU G 96 42.45 -59.41 -38.49
CA LEU G 96 42.04 -58.01 -38.46
C LEU G 96 43.20 -57.09 -38.81
N VAL G 97 44.40 -57.40 -38.31
CA VAL G 97 45.56 -56.57 -38.59
C VAL G 97 45.87 -56.55 -40.09
N ILE G 98 45.84 -57.74 -40.71
CA ILE G 98 46.07 -57.81 -42.15
C ILE G 98 44.96 -57.11 -42.92
N ARG G 99 43.71 -57.33 -42.51
CA ARG G 99 42.58 -56.68 -43.18
C ARG G 99 42.64 -55.16 -43.00
N GLU G 100 42.98 -54.70 -41.80
CA GLU G 100 43.09 -53.26 -41.56
C GLU G 100 44.25 -52.66 -42.35
N LYS G 101 45.30 -53.44 -42.60
CA LYS G 101 46.40 -52.95 -43.43
C LYS G 101 45.93 -52.66 -44.85
N LEU G 102 45.10 -53.55 -45.41
CA LEU G 102 44.47 -53.26 -46.69
C LEU G 102 43.48 -52.10 -46.56
N ALA G 103 42.77 -52.04 -45.43
CA ALA G 103 41.86 -50.92 -45.20
C ALA G 103 42.61 -49.59 -45.12
N GLY G 104 43.77 -49.59 -44.45
CA GLY G 104 44.55 -48.38 -44.37
C GLY G 104 45.02 -47.88 -45.73
N LEU G 105 45.44 -48.81 -46.59
CA LEU G 105 45.80 -48.43 -47.96
C LEU G 105 44.59 -47.90 -48.71
N TYR G 106 43.42 -48.55 -48.52
CA TYR G 106 42.20 -48.05 -49.14
C TYR G 106 41.81 -46.70 -48.56
N GLU G 107 41.93 -46.53 -47.24
CA GLU G 107 41.56 -45.27 -46.61
C GLU G 107 42.40 -44.11 -47.14
N SER G 108 43.69 -44.36 -47.39
CA SER G 108 44.54 -43.33 -47.96
C SER G 108 44.08 -42.93 -49.36
N GLU G 109 43.70 -43.91 -50.17
CA GLU G 109 43.30 -43.65 -51.55
C GLU G 109 41.80 -43.43 -51.69
N GLN G 110 41.25 -42.54 -50.85
CA GLN G 110 39.86 -42.08 -50.95
C GLN G 110 38.88 -43.24 -51.01
N GLU G 111 39.10 -44.25 -50.18
CA GLU G 111 38.23 -45.42 -50.11
C GLU G 111 37.91 -45.76 -48.66
N TRP G 112 37.51 -44.75 -47.89
CA TRP G 112 37.14 -44.97 -46.50
C TRP G 112 35.96 -45.92 -46.38
N SER G 113 35.04 -45.91 -47.35
CA SER G 113 33.95 -46.87 -47.35
C SER G 113 34.47 -48.30 -47.48
N LYS G 114 35.44 -48.52 -48.36
CA LYS G 114 36.09 -49.82 -48.44
C LYS G 114 36.95 -50.08 -47.22
N ALA G 115 37.54 -49.03 -46.64
CA ALA G 115 38.33 -49.20 -45.43
C ALA G 115 37.47 -49.66 -44.26
N ALA G 116 36.27 -49.10 -44.12
CA ALA G 116 35.39 -49.49 -43.02
C ALA G 116 35.00 -50.96 -43.12
N GLN G 117 34.67 -51.43 -44.32
CA GLN G 117 34.30 -52.83 -44.50
C GLN G 117 35.50 -53.75 -44.27
N MET G 118 36.68 -53.36 -44.75
CA MET G 118 37.86 -54.21 -44.61
C MET G 118 38.33 -54.25 -43.15
N LEU G 119 38.42 -53.08 -42.50
CA LEU G 119 38.89 -53.04 -41.13
C LEU G 119 37.96 -53.79 -40.18
N SER G 120 36.65 -53.61 -40.36
CA SER G 120 35.69 -54.32 -39.51
C SER G 120 35.78 -55.82 -39.70
N GLY G 121 35.94 -56.28 -40.94
CA GLY G 121 36.06 -57.69 -41.22
C GLY G 121 37.47 -58.22 -41.03
N ASN G 134 47.22 -50.36 -22.63
CA ASN G 134 46.07 -50.01 -23.45
C ASN G 134 46.11 -50.76 -24.78
N PHE G 135 46.63 -51.99 -24.76
CA PHE G 135 46.71 -52.80 -25.96
C PHE G 135 45.31 -53.09 -26.51
N LYS G 136 44.38 -53.46 -25.63
CA LYS G 136 43.00 -53.67 -26.05
C LYS G 136 42.38 -52.37 -26.52
N LEU G 137 42.65 -51.26 -25.81
CA LEU G 137 42.15 -49.96 -26.22
C LEU G 137 42.71 -49.54 -27.57
N SER G 138 44.01 -49.77 -27.78
CA SER G 138 44.64 -49.37 -29.04
C SER G 138 44.04 -50.13 -30.22
N LYS G 139 43.80 -51.43 -30.06
CA LYS G 139 43.16 -52.21 -31.13
C LYS G 139 41.74 -51.73 -31.37
N CYS G 140 40.99 -51.46 -30.29
CA CYS G 140 39.62 -50.97 -30.43
C CYS G 140 39.60 -49.57 -31.03
N ILE G 141 40.53 -48.71 -30.62
CA ILE G 141 40.56 -47.34 -31.12
C ILE G 141 40.85 -47.31 -32.61
N GLN G 142 41.74 -48.19 -33.07
CA GLN G 142 42.08 -48.23 -34.50
C GLN G 142 40.86 -48.55 -35.34
N ILE G 143 40.06 -49.53 -34.91
CA ILE G 143 38.81 -49.83 -35.61
C ILE G 143 37.81 -48.69 -35.43
N ALA G 144 37.71 -48.15 -34.22
CA ALA G 144 36.76 -47.08 -33.95
C ALA G 144 37.10 -45.81 -34.73
N ARG G 145 38.38 -45.47 -34.82
CA ARG G 145 38.78 -44.24 -35.50
C ARG G 145 38.38 -44.26 -36.97
N LEU G 146 38.64 -45.37 -37.66
CA LEU G 146 38.21 -45.49 -39.04
C LEU G 146 36.69 -45.51 -39.15
N TYR G 147 36.02 -46.20 -38.23
CA TYR G 147 34.57 -46.22 -38.23
C TYR G 147 33.98 -44.85 -37.95
N LEU G 148 34.55 -44.13 -36.98
CA LEU G 148 34.05 -42.79 -36.65
C LEU G 148 34.32 -41.81 -37.79
N GLU G 149 35.48 -41.92 -38.44
CA GLU G 149 35.81 -41.02 -39.54
C GLU G 149 34.84 -41.19 -40.70
N ASP G 150 34.48 -42.42 -41.01
CA ASP G 150 33.53 -42.71 -42.08
C ASP G 150 32.09 -42.78 -41.59
N ASP G 151 31.84 -42.38 -40.34
CA ASP G 151 30.50 -42.43 -39.73
C ASP G 151 29.94 -43.85 -39.71
N ASP G 152 30.82 -44.84 -39.60
CA ASP G 152 30.43 -46.24 -39.55
C ASP G 152 30.68 -46.84 -38.16
N ALA G 153 30.39 -46.05 -37.12
CA ALA G 153 30.64 -46.48 -35.75
C ALA G 153 29.76 -47.64 -35.33
N VAL G 154 28.72 -47.97 -36.10
CA VAL G 154 27.92 -49.15 -35.81
C VAL G 154 28.79 -50.39 -35.91
N ASN G 155 28.58 -51.32 -34.97
CA ASN G 155 29.34 -52.56 -34.81
C ASN G 155 30.78 -52.31 -34.39
N ALA G 156 31.19 -51.06 -34.19
CA ALA G 156 32.52 -50.72 -33.70
C ALA G 156 32.51 -50.03 -32.35
N GLU G 157 31.50 -49.20 -32.09
CA GLU G 157 31.37 -48.59 -30.77
C GLU G 157 31.10 -49.65 -29.71
N ALA G 158 30.24 -50.63 -30.01
CA ALA G 158 30.03 -51.75 -29.10
C ALA G 158 31.30 -52.58 -28.96
N PHE G 159 32.02 -52.80 -30.07
CA PHE G 159 33.28 -53.54 -30.00
C PHE G 159 34.30 -52.80 -29.16
N ILE G 160 34.37 -51.47 -29.31
CA ILE G 160 35.25 -50.68 -28.46
C ILE G 160 34.78 -50.74 -27.01
N ASN G 161 33.47 -50.65 -26.79
CA ASN G 161 32.92 -50.75 -25.44
C ASN G 161 33.17 -52.13 -24.85
N LYS G 162 33.01 -53.18 -25.66
CA LYS G 162 33.28 -54.54 -25.19
C LYS G 162 34.75 -54.70 -24.80
N ALA G 163 35.66 -54.15 -25.61
CA ALA G 163 37.07 -54.19 -25.28
C ALA G 163 37.45 -53.16 -24.22
N SER G 164 36.58 -52.19 -23.93
CA SER G 164 36.88 -51.19 -22.92
C SER G 164 36.96 -51.79 -21.52
N PHE G 165 36.26 -52.90 -21.29
CA PHE G 165 36.32 -53.56 -19.99
C PHE G 165 37.73 -54.07 -19.70
N LEU G 166 38.39 -54.65 -20.70
CA LEU G 166 39.75 -55.16 -20.57
C LEU G 166 40.79 -54.18 -21.05
N VAL G 167 40.38 -52.96 -21.42
CA VAL G 167 41.33 -51.97 -21.94
C VAL G 167 42.17 -51.43 -20.80
N SER G 168 43.49 -51.48 -20.96
CA SER G 168 44.43 -50.97 -19.98
C SER G 168 44.72 -49.50 -20.28
N ASN G 169 45.74 -48.94 -19.61
CA ASN G 169 46.12 -47.55 -19.81
C ASN G 169 47.52 -47.42 -20.43
N SER G 170 48.51 -48.13 -19.88
CA SER G 170 49.88 -48.07 -20.35
C SER G 170 50.41 -46.63 -20.37
N GLN G 171 50.86 -46.17 -21.53
CA GLN G 171 51.40 -44.82 -21.67
C GLN G 171 50.83 -44.20 -22.94
N ASN G 172 50.55 -42.89 -22.87
CA ASN G 172 50.00 -42.13 -24.00
C ASN G 172 48.72 -42.77 -24.53
N GLU G 173 47.72 -42.82 -23.65
CA GLU G 173 46.43 -43.42 -23.98
C GLU G 173 45.58 -42.40 -24.74
N VAL G 174 45.39 -42.63 -26.03
CA VAL G 174 44.56 -41.75 -26.85
C VAL G 174 43.14 -42.29 -26.92
N LEU G 175 42.88 -43.36 -26.16
CA LEU G 175 41.55 -43.94 -26.12
C LEU G 175 40.52 -42.97 -25.56
N ASN G 176 40.94 -42.10 -24.63
CA ASN G 176 40.04 -41.08 -24.10
C ASN G 176 39.60 -40.13 -25.21
N LEU G 177 40.52 -39.71 -26.07
CA LEU G 177 40.16 -38.87 -27.20
C LEU G 177 39.22 -39.62 -28.15
N GLN G 178 39.49 -40.90 -28.39
CA GLN G 178 38.58 -41.70 -29.20
C GLN G 178 37.22 -41.84 -28.54
N TYR G 179 37.21 -42.03 -27.21
CA TYR G 179 35.95 -42.04 -26.48
C TYR G 179 35.27 -40.68 -26.56
N LYS G 180 36.05 -39.59 -26.49
CA LYS G 180 35.50 -38.26 -26.69
C LYS G 180 34.92 -38.11 -28.09
N VAL G 181 35.64 -38.61 -29.10
CA VAL G 181 35.09 -38.64 -30.45
C VAL G 181 33.87 -39.54 -30.51
N CYS G 182 33.92 -40.67 -29.81
CA CYS G 182 32.73 -41.51 -29.68
C CYS G 182 31.62 -40.77 -28.93
N TYR G 183 32.00 -39.99 -27.90
CA TYR G 183 31.03 -39.15 -27.22
C TYR G 183 30.47 -38.09 -28.15
N ALA G 184 31.28 -37.59 -29.09
CA ALA G 184 30.77 -36.67 -30.10
C ALA G 184 29.71 -37.34 -30.96
N ARG G 185 29.93 -38.60 -31.33
CA ARG G 185 28.88 -39.37 -31.99
C ARG G 185 27.70 -39.59 -31.06
N ILE G 186 27.97 -39.81 -29.77
CA ILE G 186 26.90 -39.88 -28.78
C ILE G 186 26.21 -38.53 -28.66
N LEU G 187 26.98 -37.43 -28.65
CA LEU G 187 26.40 -36.10 -28.57
C LEU G 187 25.62 -35.73 -29.83
N ASP G 188 25.77 -36.50 -30.91
CA ASP G 188 24.99 -36.22 -32.12
C ASP G 188 23.50 -36.41 -31.87
N MET G 189 23.13 -37.50 -31.23
CA MET G 189 21.72 -37.81 -30.96
C MET G 189 21.42 -37.96 -29.47
N LYS G 190 22.28 -38.64 -28.71
CA LYS G 190 22.03 -38.85 -27.29
C LYS G 190 22.24 -37.58 -26.46
N ARG G 191 22.78 -36.52 -27.07
CA ARG G 191 23.00 -35.24 -26.38
C ARG G 191 23.89 -35.41 -25.15
N LYS G 192 24.99 -36.14 -25.33
CA LYS G 192 25.98 -36.34 -24.28
C LYS G 192 26.99 -35.19 -24.21
N PHE G 193 26.63 -34.02 -24.74
CA PHE G 193 27.56 -32.89 -24.77
C PHE G 193 27.91 -32.43 -23.36
N LEU G 194 26.99 -32.59 -22.41
CA LEU G 194 27.26 -32.15 -21.04
C LEU G 194 28.44 -32.90 -20.45
N GLU G 195 28.48 -34.22 -20.64
CA GLU G 195 29.64 -35.00 -20.20
C GLU G 195 30.81 -34.83 -21.16
N ALA G 196 30.52 -34.69 -22.46
CA ALA G 196 31.59 -34.55 -23.44
C ALA G 196 32.35 -33.24 -23.26
N ALA G 197 31.64 -32.15 -22.98
CA ALA G 197 32.30 -30.85 -22.83
C ALA G 197 33.30 -30.87 -21.69
N LEU G 198 32.92 -31.47 -20.55
CA LEU G 198 33.87 -31.64 -19.46
C LEU G 198 35.01 -32.58 -19.87
N ARG G 199 34.73 -33.54 -20.75
CA ARG G 199 35.78 -34.44 -21.21
C ARG G 199 36.82 -33.70 -22.03
N TYR G 200 36.38 -32.92 -23.02
CA TYR G 200 37.33 -32.17 -23.84
C TYR G 200 38.14 -31.19 -23.01
N TYR G 201 37.52 -30.67 -21.95
CA TYR G 201 38.24 -29.73 -21.05
C TYR G 201 39.38 -30.51 -20.40
N GLY G 202 39.14 -31.79 -20.12
CA GLY G 202 40.24 -32.61 -19.59
C GLY G 202 41.36 -32.68 -20.61
N ILE G 203 41.00 -32.92 -21.88
CA ILE G 203 42.01 -32.98 -22.97
C ILE G 203 42.33 -31.55 -23.44
N SER G 204 41.90 -30.54 -22.67
CA SER G 204 42.25 -29.14 -23.03
C SER G 204 43.60 -28.79 -22.39
N GLN G 205 43.95 -27.50 -22.40
CA GLN G 205 45.22 -27.07 -21.84
C GLN G 205 45.34 -27.43 -20.36
N ILE G 206 44.32 -28.10 -19.80
CA ILE G 206 44.42 -28.60 -18.44
C ILE G 206 45.54 -29.63 -18.34
N GLU G 207 45.60 -30.55 -19.30
CA GLU G 207 46.68 -31.52 -19.37
C GLU G 207 47.77 -31.05 -20.31
N GLN G 208 48.41 -29.94 -19.94
CA GLN G 208 49.45 -29.31 -20.74
C GLN G 208 50.82 -29.74 -20.23
N ARG G 209 51.60 -30.35 -21.10
CA ARG G 209 52.94 -30.84 -20.80
C ARG G 209 53.63 -31.13 -22.13
N GLN G 210 54.78 -31.80 -22.06
CA GLN G 210 55.45 -32.23 -23.29
C GLN G 210 54.53 -33.11 -24.12
N ILE G 211 53.97 -34.16 -23.51
CA ILE G 211 52.96 -35.03 -24.09
C ILE G 211 53.30 -35.40 -25.53
N GLY G 212 54.44 -36.08 -25.72
CA GLY G 212 54.84 -36.48 -27.05
C GLY G 212 55.23 -35.31 -27.93
N ASP G 213 54.39 -35.00 -28.91
CA ASP G 213 54.65 -33.92 -29.86
C ASP G 213 53.55 -32.86 -29.73
N GLU G 214 53.60 -31.86 -30.61
CA GLU G 214 52.62 -30.79 -30.59
C GLU G 214 51.24 -31.25 -31.05
N GLU G 215 51.15 -32.39 -31.75
CA GLU G 215 49.86 -32.90 -32.19
C GLU G 215 48.99 -33.38 -31.03
N ILE G 216 49.57 -33.57 -29.84
CA ILE G 216 48.80 -33.97 -28.66
C ILE G 216 48.99 -33.00 -27.51
N ASP G 217 49.74 -31.91 -27.69
CA ASP G 217 49.95 -30.95 -26.63
C ASP G 217 49.79 -29.49 -27.05
N GLU G 218 49.73 -29.19 -28.35
CA GLU G 218 49.53 -27.83 -28.82
C GLU G 218 48.26 -27.67 -29.64
N ASN G 219 48.06 -28.50 -30.65
CA ASN G 219 46.91 -28.39 -31.54
C ASN G 219 45.70 -29.15 -30.99
N ALA G 220 45.92 -30.35 -30.44
CA ALA G 220 44.81 -31.15 -29.93
C ALA G 220 44.09 -30.44 -28.79
N LEU G 221 44.84 -29.81 -27.88
CA LEU G 221 44.20 -29.07 -26.79
C LEU G 221 43.41 -27.89 -27.32
N GLU G 222 43.95 -27.18 -28.31
CA GLU G 222 43.24 -26.05 -28.90
C GLU G 222 41.94 -26.50 -29.57
N GLN G 223 42.00 -27.59 -30.33
CA GLN G 223 40.79 -28.10 -30.97
C GLN G 223 39.80 -28.62 -29.93
N ALA G 224 40.29 -29.30 -28.89
CA ALA G 224 39.41 -29.77 -27.83
C ALA G 224 38.79 -28.59 -27.08
N LEU G 225 39.57 -27.54 -26.84
CA LEU G 225 39.04 -26.35 -26.19
C LEU G 225 37.92 -25.72 -27.02
N SER G 226 38.15 -25.60 -28.34
CA SER G 226 37.12 -25.07 -29.22
C SER G 226 35.91 -25.99 -29.27
N ALA G 227 36.14 -27.30 -29.33
CA ALA G 227 35.04 -28.25 -29.38
C ALA G 227 34.20 -28.22 -28.11
N ALA G 228 34.86 -28.10 -26.95
CA ALA G 228 34.13 -28.08 -25.69
C ALA G 228 33.22 -26.87 -25.59
N VAL G 229 33.66 -25.73 -26.13
CA VAL G 229 32.83 -24.53 -26.12
C VAL G 229 31.55 -24.75 -26.93
N THR G 230 31.69 -25.36 -28.11
CA THR G 230 30.53 -25.55 -28.98
C THR G 230 29.49 -26.46 -28.32
N CYS G 231 29.93 -27.57 -27.71
CA CYS G 231 29.00 -28.53 -27.14
C CYS G 231 28.19 -27.91 -26.00
N THR G 232 28.83 -27.07 -25.18
CA THR G 232 28.11 -26.40 -24.11
C THR G 232 27.01 -25.50 -24.66
N ILE G 233 27.26 -24.87 -25.81
CA ILE G 233 26.25 -24.01 -26.43
C ILE G 233 25.07 -24.85 -26.93
N LEU G 234 25.36 -26.05 -27.46
CA LEU G 234 24.30 -26.88 -28.03
C LEU G 234 23.29 -27.29 -26.97
N ALA G 235 23.75 -27.64 -25.78
CA ALA G 235 22.85 -28.09 -24.72
C ALA G 235 21.93 -26.95 -24.28
N GLY G 236 20.71 -27.32 -23.88
CA GLY G 236 19.72 -26.37 -23.41
C GLY G 236 19.55 -26.47 -21.90
N ALA G 237 18.89 -25.44 -21.35
CA ALA G 237 18.70 -25.32 -19.91
C ALA G 237 20.03 -25.46 -19.19
N GLY G 238 20.19 -26.54 -18.43
CA GLY G 238 21.48 -26.90 -17.90
C GLY G 238 22.03 -25.98 -16.84
N PRO G 239 21.46 -26.03 -15.63
CA PRO G 239 22.12 -25.35 -14.50
C PRO G 239 23.56 -25.81 -14.32
N GLN G 240 23.84 -27.09 -14.54
CA GLN G 240 25.22 -27.55 -14.62
C GLN G 240 25.90 -27.00 -15.87
N ARG G 241 25.18 -26.91 -16.98
CA ARG G 241 25.73 -26.29 -18.18
C ARG G 241 26.08 -24.84 -17.93
N SER G 242 25.26 -24.14 -17.15
CA SER G 242 25.62 -22.80 -16.73
C SER G 242 26.86 -22.81 -15.85
N ARG G 243 27.01 -23.84 -15.01
CA ARG G 243 28.16 -23.95 -14.13
C ARG G 243 29.44 -24.14 -14.93
N VAL G 244 29.42 -25.04 -15.93
CA VAL G 244 30.62 -25.24 -16.74
C VAL G 244 30.83 -24.07 -17.69
N LEU G 245 29.76 -23.35 -18.05
CA LEU G 245 29.93 -22.11 -18.80
C LEU G 245 30.75 -21.10 -18.01
N ALA G 246 30.64 -21.11 -16.68
CA ALA G 246 31.40 -20.18 -15.86
C ALA G 246 32.90 -20.42 -15.99
N THR G 247 33.32 -21.69 -15.88
CA THR G 247 34.76 -21.97 -15.94
C THR G 247 35.30 -21.88 -17.36
N LEU G 248 34.45 -22.09 -18.36
CA LEU G 248 34.89 -21.91 -19.74
C LEU G 248 35.20 -20.45 -20.03
N TYR G 249 34.32 -19.55 -19.63
CA TYR G 249 34.58 -18.12 -19.76
C TYR G 249 35.65 -17.64 -18.78
N LYS G 250 35.99 -18.46 -17.79
CA LYS G 250 36.83 -18.02 -16.67
C LYS G 250 38.27 -17.99 -17.16
N ASP G 251 38.72 -16.81 -17.59
CA ASP G 251 40.01 -16.62 -18.22
C ASP G 251 40.21 -17.57 -19.40
N GLU G 252 41.12 -18.53 -19.26
CA GLU G 252 41.45 -19.47 -20.32
C GLU G 252 41.93 -18.76 -21.57
N ARG G 253 41.89 -19.45 -22.72
CA ARG G 253 42.23 -18.85 -24.00
C ARG G 253 41.00 -18.46 -24.81
N CYS G 254 39.82 -18.53 -24.20
CA CYS G 254 38.58 -18.28 -24.94
C CYS G 254 38.53 -16.86 -25.48
N SER G 255 39.15 -15.90 -24.78
CA SER G 255 39.19 -14.53 -25.28
C SER G 255 39.94 -14.46 -26.60
N LYS G 256 40.99 -15.28 -26.74
CA LYS G 256 41.70 -15.36 -28.04
C LYS G 256 40.85 -16.20 -29.00
N LEU G 257 40.11 -17.19 -28.48
CA LEU G 257 39.29 -18.10 -29.33
C LEU G 257 38.36 -17.29 -30.24
N LYS G 258 38.05 -17.81 -31.43
CA LYS G 258 37.20 -17.09 -32.40
C LYS G 258 35.73 -17.10 -31.96
N ILE G 259 35.32 -18.12 -31.19
CA ILE G 259 33.88 -18.25 -30.80
C ILE G 259 33.61 -17.33 -29.60
N TYR G 260 34.66 -16.70 -29.07
CA TYR G 260 34.50 -15.78 -27.90
C TYR G 260 33.19 -14.98 -28.02
N PRO G 261 32.96 -14.15 -29.07
CA PRO G 261 31.75 -13.35 -29.12
C PRO G 261 30.55 -14.16 -28.67
N ILE G 262 30.30 -15.27 -29.35
CA ILE G 262 29.11 -16.10 -29.01
C ILE G 262 29.19 -16.47 -27.52
N LEU G 263 30.29 -17.07 -27.09
CA LEU G 263 30.42 -17.51 -25.68
C LEU G 263 29.90 -16.41 -24.75
N GLN G 264 30.48 -15.21 -24.83
CA GLN G 264 30.07 -14.10 -23.92
C GLN G 264 28.58 -13.86 -24.07
N LYS G 265 28.14 -13.52 -25.29
CA LYS G 265 26.70 -13.22 -25.54
C LYS G 265 25.81 -14.34 -24.97
N VAL G 266 26.34 -15.57 -24.90
CA VAL G 266 25.58 -16.70 -24.30
C VAL G 266 25.71 -16.59 -22.76
N TYR G 267 26.94 -16.59 -22.27
CA TYR G 267 27.19 -16.51 -20.79
C TYR G 267 26.52 -15.29 -20.17
N LEU G 268 26.85 -14.09 -20.66
CA LEU G 268 26.20 -12.85 -20.17
C LEU G 268 24.91 -12.70 -20.99
N GLU G 269 23.75 -12.77 -20.36
CA GLU G 269 22.49 -12.71 -21.08
C GLU G 269 22.45 -11.49 -22.00
N ARG G 270 22.68 -11.71 -23.29
CA ARG G 270 22.74 -10.64 -24.26
C ARG G 270 21.92 -11.02 -25.49
N ILE G 271 21.44 -10.01 -26.20
CA ILE G 271 20.63 -10.24 -27.39
C ILE G 271 21.55 -10.66 -28.53
N LEU G 272 21.33 -11.85 -29.06
CA LEU G 272 22.14 -12.39 -30.14
C LEU G 272 21.48 -12.05 -31.48
N ARG G 273 22.16 -11.24 -32.29
CA ARG G 273 21.61 -10.84 -33.57
C ARG G 273 21.56 -12.00 -34.55
N ARG G 274 20.61 -11.93 -35.47
CA ARG G 274 20.45 -12.98 -36.47
C ARG G 274 21.70 -13.25 -37.30
N PRO G 275 22.44 -12.24 -37.80
CA PRO G 275 23.64 -12.56 -38.60
C PRO G 275 24.67 -13.39 -37.86
N GLU G 276 24.80 -13.20 -36.54
CA GLU G 276 25.82 -13.95 -35.81
C GLU G 276 25.43 -15.41 -35.63
N ILE G 277 24.15 -15.68 -35.35
CA ILE G 277 23.72 -17.06 -35.15
C ILE G 277 23.82 -17.85 -36.45
N ASP G 278 23.71 -17.18 -37.59
CA ASP G 278 23.87 -17.88 -38.87
C ASP G 278 25.30 -18.39 -39.04
N ALA G 279 26.29 -17.58 -38.67
CA ALA G 279 27.67 -18.01 -38.76
C ALA G 279 27.95 -19.17 -37.81
N PHE G 280 27.37 -19.13 -36.61
CA PHE G 280 27.54 -20.23 -35.66
C PHE G 280 26.97 -21.52 -36.23
N SER G 281 25.78 -21.45 -36.82
CA SER G 281 25.18 -22.65 -37.41
C SER G 281 25.92 -23.07 -38.67
N GLU G 282 26.40 -22.10 -39.46
CA GLU G 282 27.13 -22.43 -40.68
C GLU G 282 28.42 -23.17 -40.36
N GLU G 283 29.16 -22.73 -39.34
CA GLU G 283 30.38 -23.41 -38.95
C GLU G 283 30.10 -24.74 -38.25
N LEU G 284 28.88 -24.86 -37.70
CA LEU G 284 28.47 -26.08 -36.95
C LEU G 284 28.20 -27.25 -37.90
N ARG G 285 29.25 -27.89 -38.41
CA ARG G 285 29.10 -29.06 -39.27
C ARG G 285 30.05 -30.16 -38.81
N PRO G 286 29.88 -30.65 -37.58
CA PRO G 286 30.77 -31.72 -37.11
C PRO G 286 30.47 -33.06 -37.75
N HIS G 287 29.18 -33.42 -37.78
CA HIS G 287 28.74 -34.67 -38.38
C HIS G 287 27.41 -34.51 -39.12
N GLN G 288 26.93 -33.29 -39.31
CA GLN G 288 25.68 -32.99 -40.00
C GLN G 288 24.47 -33.47 -39.21
N LYS G 289 24.70 -34.08 -38.05
CA LYS G 289 23.61 -34.45 -37.17
C LYS G 289 23.28 -33.33 -36.19
N ALA G 290 24.28 -32.56 -35.77
CA ALA G 290 24.03 -31.41 -34.91
C ALA G 290 23.18 -30.36 -35.63
N SER G 291 23.45 -30.13 -36.92
CA SER G 291 22.63 -29.25 -37.74
C SER G 291 21.49 -30.01 -38.40
N LEU G 292 20.73 -30.74 -37.58
CA LEU G 292 19.61 -31.52 -38.10
C LEU G 292 18.51 -30.59 -38.62
N PRO G 293 17.94 -30.90 -39.79
CA PRO G 293 16.86 -30.06 -40.31
C PRO G 293 15.48 -30.51 -39.84
N ASP G 294 15.45 -31.33 -38.79
CA ASP G 294 14.21 -31.92 -38.32
C ASP G 294 13.35 -30.83 -37.67
N LYS G 295 12.29 -30.44 -38.36
CA LYS G 295 11.30 -29.47 -37.89
C LYS G 295 11.98 -28.15 -37.50
N SER G 296 12.53 -27.51 -38.53
CA SER G 296 13.21 -26.21 -38.38
C SER G 296 14.33 -26.29 -37.35
N THR G 297 15.05 -27.41 -37.37
CA THR G 297 16.19 -27.66 -36.49
C THR G 297 15.84 -27.53 -35.00
N VAL G 298 16.85 -27.60 -34.14
CA VAL G 298 16.69 -27.27 -32.74
C VAL G 298 17.45 -26.01 -32.36
N LEU G 299 18.50 -25.65 -33.11
CA LEU G 299 19.20 -24.40 -32.85
C LEU G 299 18.27 -23.21 -33.03
N ASP G 300 17.40 -23.25 -34.05
CA ASP G 300 16.40 -22.21 -34.22
C ASP G 300 15.51 -22.12 -32.99
N ARG G 301 15.06 -23.27 -32.49
CA ARG G 301 14.30 -23.27 -31.24
C ARG G 301 15.18 -22.88 -30.06
N ALA G 302 16.46 -23.24 -30.09
CA ALA G 302 17.35 -22.87 -29.00
C ALA G 302 17.73 -21.40 -29.04
N MET G 303 18.01 -20.86 -30.23
CA MET G 303 18.45 -19.48 -30.33
C MET G 303 17.32 -18.51 -30.01
N ILE G 304 16.13 -18.75 -30.57
CA ILE G 304 14.99 -17.87 -30.29
C ILE G 304 14.60 -17.95 -28.83
N GLU G 305 14.79 -19.12 -28.23
CA GLU G 305 14.52 -19.24 -26.77
C GLU G 305 15.45 -18.28 -26.03
N HIS G 306 16.75 -18.32 -26.36
CA HIS G 306 17.73 -17.49 -25.66
C HIS G 306 17.51 -16.01 -25.94
N ASN G 307 17.23 -15.65 -27.20
CA ASN G 307 17.03 -14.25 -27.54
C ASN G 307 15.80 -13.68 -26.84
N LEU G 308 14.72 -14.46 -26.77
CA LEU G 308 13.55 -14.02 -26.02
C LEU G 308 13.86 -13.94 -24.52
N LEU G 309 14.68 -14.85 -24.02
CA LEU G 309 15.05 -14.82 -22.60
C LEU G 309 15.83 -13.56 -22.26
N SER G 310 16.74 -13.14 -23.13
CA SER G 310 17.53 -11.95 -22.87
C SER G 310 16.71 -10.68 -23.01
N ALA G 311 15.71 -10.68 -23.88
CA ALA G 311 14.89 -9.49 -24.08
C ALA G 311 13.97 -9.21 -22.90
N SER G 312 13.68 -10.22 -22.07
CA SER G 312 12.80 -9.99 -20.93
C SER G 312 13.43 -9.04 -19.92
N LYS G 313 14.73 -9.22 -19.62
CA LYS G 313 15.40 -8.33 -18.68
C LYS G 313 15.54 -6.93 -19.25
N LEU G 314 15.76 -6.82 -20.56
CA LEU G 314 16.05 -5.55 -21.23
C LEU G 314 14.82 -4.67 -21.42
N TYR G 315 13.62 -5.24 -21.42
CA TYR G 315 12.39 -4.52 -21.70
C TYR G 315 11.47 -4.56 -20.49
N THR G 316 10.32 -3.89 -20.63
CA THR G 316 9.25 -4.01 -19.64
C THR G 316 7.95 -4.36 -20.36
N ASN G 317 7.82 -3.91 -21.60
CA ASN G 317 6.71 -4.31 -22.48
C ASN G 317 7.13 -4.04 -23.91
N ILE G 318 6.46 -4.72 -24.84
CA ILE G 318 6.80 -4.60 -26.25
C ILE G 318 5.59 -5.00 -27.08
N ARG G 319 5.36 -4.26 -28.16
CA ARG G 319 4.29 -4.63 -29.09
C ARG G 319 4.70 -5.85 -29.90
N PHE G 320 3.69 -6.59 -30.38
CA PHE G 320 3.95 -7.80 -31.13
C PHE G 320 4.62 -7.50 -32.48
N ASP G 321 4.32 -6.34 -33.06
CA ASP G 321 4.92 -6.01 -34.36
C ASP G 321 6.43 -5.87 -34.25
N GLU G 322 6.92 -5.19 -33.20
CA GLU G 322 8.35 -5.05 -33.01
C GLU G 322 9.01 -6.31 -32.48
N LEU G 323 8.22 -7.29 -32.03
CA LEU G 323 8.76 -8.61 -31.71
C LEU G 323 9.11 -9.41 -32.95
N GLY G 324 8.81 -8.89 -34.13
CA GLY G 324 9.16 -9.54 -35.38
C GLY G 324 10.48 -9.08 -35.95
N THR G 325 10.77 -7.78 -35.83
CA THR G 325 12.05 -7.26 -36.31
C THR G 325 13.21 -7.95 -35.58
N LEU G 326 13.30 -7.75 -34.27
CA LEU G 326 14.14 -8.62 -33.47
C LEU G 326 13.50 -10.00 -33.39
N LEU G 327 14.34 -11.02 -33.25
CA LEU G 327 14.05 -12.45 -33.35
C LEU G 327 13.87 -12.89 -34.81
N ALA G 328 13.81 -11.96 -35.76
CA ALA G 328 13.76 -12.25 -37.19
C ALA G 328 12.75 -13.35 -37.51
N ILE G 329 11.48 -13.07 -37.22
CA ILE G 329 10.41 -14.04 -37.40
C ILE G 329 9.09 -13.29 -37.54
N ASP G 330 8.10 -13.96 -38.14
CA ASP G 330 6.79 -13.35 -38.30
C ASP G 330 6.11 -13.20 -36.94
N PRO G 331 5.25 -12.19 -36.79
CA PRO G 331 4.62 -11.97 -35.47
C PRO G 331 3.81 -13.14 -34.98
N ARG G 332 3.15 -13.88 -35.88
CA ARG G 332 2.35 -15.03 -35.45
C ARG G 332 3.22 -16.10 -34.81
N LYS G 333 4.37 -16.41 -35.43
CA LYS G 333 5.26 -17.41 -34.87
C LYS G 333 5.85 -16.96 -33.54
N ALA G 334 6.20 -15.67 -33.43
CA ALA G 334 6.73 -15.15 -32.18
C ALA G 334 5.70 -15.26 -31.07
N GLU G 335 4.42 -15.01 -31.39
CA GLU G 335 3.36 -15.19 -30.41
C GLU G 335 3.24 -16.65 -29.98
N LYS G 336 3.48 -17.59 -30.92
CA LYS G 336 3.36 -19.01 -30.59
C LYS G 336 4.43 -19.44 -29.59
N ILE G 337 5.70 -19.10 -29.85
CA ILE G 337 6.77 -19.54 -28.98
C ILE G 337 6.70 -18.82 -27.63
N ALA G 338 6.32 -17.54 -27.65
CA ALA G 338 6.15 -16.82 -26.39
C ALA G 338 5.05 -17.43 -25.54
N ALA G 339 4.05 -18.03 -26.18
CA ALA G 339 2.96 -18.65 -25.43
C ALA G 339 3.44 -19.86 -24.65
N ASN G 340 4.16 -20.78 -25.30
CA ASN G 340 4.58 -22.00 -24.63
C ASN G 340 5.74 -21.75 -23.68
N MET G 341 6.58 -20.74 -23.96
CA MET G 341 7.65 -20.40 -23.04
C MET G 341 7.11 -19.94 -21.69
N ILE G 342 6.06 -19.11 -21.72
CA ILE G 342 5.42 -18.71 -20.47
C ILE G 342 4.70 -19.89 -19.84
N GLY G 343 4.09 -20.74 -20.66
CA GLY G 343 3.37 -21.89 -20.13
C GLY G 343 4.27 -22.86 -19.39
N GLN G 344 5.51 -23.01 -19.84
CA GLN G 344 6.47 -23.89 -19.19
C GLN G 344 7.24 -23.20 -18.07
N ASP G 345 6.79 -22.02 -17.65
CA ASP G 345 7.40 -21.29 -16.54
C ASP G 345 8.89 -21.05 -16.76
N ARG G 346 9.24 -20.65 -17.97
CA ARG G 346 10.63 -20.30 -18.29
C ARG G 346 10.91 -18.83 -17.98
N MET G 347 10.09 -17.94 -18.51
CA MET G 347 10.16 -16.50 -18.21
C MET G 347 8.90 -16.08 -17.47
N ARG G 348 8.82 -14.79 -17.15
CA ARG G 348 7.70 -14.24 -16.41
C ARG G 348 7.11 -13.08 -17.20
N GLY G 349 5.80 -13.11 -17.42
CA GLY G 349 5.15 -12.05 -18.16
C GLY G 349 3.70 -12.39 -18.44
N SER G 350 3.06 -11.48 -19.17
CA SER G 350 1.66 -11.62 -19.56
C SER G 350 1.51 -11.17 -21.01
N ILE G 351 0.40 -11.61 -21.62
CA ILE G 351 0.15 -11.38 -23.04
C ILE G 351 -1.22 -10.71 -23.20
N ASP G 352 -1.29 -9.73 -24.09
CA ASP G 352 -2.53 -9.05 -24.44
C ASP G 352 -2.61 -8.90 -25.95
N GLN G 353 -3.82 -8.79 -26.48
CA GLN G 353 -4.04 -8.78 -27.91
C GLN G 353 -4.65 -7.49 -28.46
N GLU G 354 -5.48 -6.79 -27.69
CA GLU G 354 -6.12 -5.59 -28.21
C GLU G 354 -5.08 -4.55 -28.61
N GLU G 355 -4.05 -4.36 -27.79
CA GLU G 355 -2.89 -3.57 -28.19
C GLU G 355 -1.79 -4.42 -28.79
N ALA G 356 -1.94 -5.74 -28.80
CA ALA G 356 -0.96 -6.68 -29.34
C ALA G 356 0.41 -6.47 -28.69
N VAL G 357 0.42 -6.51 -27.36
CA VAL G 357 1.63 -6.30 -26.58
C VAL G 357 1.82 -7.46 -25.61
N ILE G 358 3.06 -7.66 -25.20
CA ILE G 358 3.42 -8.62 -24.17
C ILE G 358 4.10 -7.85 -23.04
N HIS G 359 3.58 -8.00 -21.83
CA HIS G 359 4.10 -7.26 -20.68
C HIS G 359 5.17 -8.12 -20.00
N PHE G 360 6.44 -7.80 -20.29
CA PHE G 360 7.56 -8.43 -19.60
C PHE G 360 7.64 -7.84 -18.19
N GLU G 361 6.83 -8.40 -17.31
CA GLU G 361 6.78 -7.92 -15.93
C GLU G 361 8.10 -8.14 -15.20
N ASP G 362 8.41 -9.40 -14.89
CA ASP G 362 9.63 -9.87 -14.22
C ASP G 362 10.22 -8.82 -13.28
N ASP G 363 9.41 -8.27 -12.39
CA ASP G 363 9.89 -7.23 -11.49
C ASP G 363 9.08 -7.29 -10.19
N VAL G 364 9.18 -6.23 -9.39
CA VAL G 364 8.51 -6.14 -8.11
C VAL G 364 7.82 -4.78 -8.02
N GLU G 365 7.21 -4.52 -6.86
CA GLU G 365 6.50 -3.27 -6.65
C GLU G 365 7.46 -2.09 -6.65
N GLU G 366 6.93 -0.92 -7.03
CA GLU G 366 7.75 0.29 -7.09
C GLU G 366 8.33 0.66 -5.73
N LEU G 367 7.64 0.29 -4.64
CA LEU G 367 8.21 0.51 -3.32
C LEU G 367 9.48 -0.28 -3.14
N GLN G 368 9.51 -1.54 -3.60
CA GLN G 368 10.74 -2.32 -3.58
C GLN G 368 11.74 -1.79 -4.60
N GLN G 369 11.26 -1.25 -5.72
CA GLN G 369 12.14 -0.58 -6.67
C GLN G 369 12.69 0.71 -6.08
N TRP G 370 11.87 1.42 -5.29
CA TRP G 370 12.34 2.62 -4.62
C TRP G 370 13.44 2.30 -3.60
N ASP G 371 13.29 1.20 -2.87
CA ASP G 371 14.29 0.82 -1.88
C ASP G 371 15.63 0.50 -2.54
N GLN G 372 15.59 -0.09 -3.73
CA GLN G 372 16.83 -0.39 -4.44
C GLN G 372 17.60 0.88 -4.79
N GLN G 373 16.88 1.93 -5.18
CA GLN G 373 17.53 3.20 -5.49
C GLN G 373 18.21 3.79 -4.26
N ILE G 374 17.55 3.71 -3.10
CA ILE G 374 18.12 4.24 -1.87
C ILE G 374 19.39 3.46 -1.50
N SER G 375 19.34 2.12 -1.62
CA SER G 375 20.51 1.32 -1.32
C SER G 375 21.67 1.67 -2.24
N GLY G 376 21.38 1.83 -3.54
CA GLY G 376 22.41 2.27 -4.46
C GLY G 376 22.90 3.67 -4.17
N LEU G 377 22.00 4.54 -3.69
CA LEU G 377 22.37 5.90 -3.36
C LEU G 377 23.39 5.92 -2.23
N CYS G 378 23.13 5.18 -1.16
CA CYS G 378 24.05 5.14 -0.03
C CYS G 378 25.34 4.41 -0.39
N GLN G 379 25.25 3.37 -1.22
CA GLN G 379 26.44 2.59 -1.56
C GLN G 379 27.46 3.44 -2.31
N ALA G 380 27.00 4.29 -3.22
CA ALA G 380 27.92 5.16 -3.95
C ALA G 380 28.57 6.18 -3.03
N LEU G 381 27.87 6.58 -1.96
CA LEU G 381 28.45 7.52 -1.00
C LEU G 381 29.66 6.93 -0.30
N ASN G 382 29.58 5.64 0.08
CA ASN G 382 30.69 5.00 0.77
C ASN G 382 31.92 4.90 -0.11
N ASP G 383 31.73 4.56 -1.38
CA ASP G 383 32.87 4.34 -2.27
C ASP G 383 33.67 5.61 -2.51
N ILE G 384 33.01 6.77 -2.48
CA ILE G 384 33.74 8.03 -2.65
C ILE G 384 34.70 8.25 -1.49
N LEU G 385 34.22 8.02 -0.26
CA LEU G 385 35.09 8.19 0.91
C LEU G 385 36.12 7.07 0.99
N ASP G 386 35.68 5.82 0.81
CA ASP G 386 36.61 4.69 0.88
C ASP G 386 37.64 4.76 -0.25
N GLY G 387 37.21 5.14 -1.45
CA GLY G 387 38.13 5.22 -2.56
C GLY G 387 39.18 6.32 -2.37
N MET G 388 38.78 7.44 -1.76
CA MET G 388 39.71 8.54 -1.59
C MET G 388 40.57 8.38 -0.34
N ALA G 389 39.99 7.88 0.75
CA ALA G 389 40.77 7.69 1.97
C ALA G 389 41.88 6.67 1.79
N LYS G 390 41.60 5.56 1.10
CA LYS G 390 42.61 4.53 0.90
C LYS G 390 43.67 4.95 -0.10
N LYS G 391 43.25 5.58 -1.20
CA LYS G 391 44.17 5.90 -2.28
C LYS G 391 44.77 7.30 -2.15
N GLY G 392 43.92 8.30 -1.95
CA GLY G 392 44.41 9.68 -1.87
C GLY G 392 45.34 9.89 -0.69
N MET G 393 44.97 9.36 0.47
CA MET G 393 45.80 9.49 1.67
C MET G 393 46.06 8.14 2.30
N ASN H 341 -22.53 -42.05 -29.02
CA ASN H 341 -22.02 -43.05 -28.10
C ASN H 341 -20.89 -42.49 -27.24
N TYR H 342 -19.79 -43.22 -27.16
CA TYR H 342 -18.63 -42.77 -26.40
C TYR H 342 -17.90 -41.61 -27.05
N MET H 343 -18.23 -41.28 -28.30
CA MET H 343 -17.56 -40.18 -28.99
C MET H 343 -17.80 -38.85 -28.27
N GLU H 344 -19.03 -38.62 -27.80
CA GLU H 344 -19.33 -37.37 -27.11
C GLU H 344 -18.46 -37.19 -25.87
N ASP H 345 -18.30 -38.24 -25.08
CA ASP H 345 -17.36 -38.19 -23.97
C ASP H 345 -15.92 -38.09 -24.46
N LEU H 346 -15.60 -38.82 -25.53
CA LEU H 346 -14.24 -38.79 -26.08
C LEU H 346 -13.90 -37.42 -26.64
N LEU H 347 -14.86 -36.78 -27.32
CA LEU H 347 -14.58 -35.48 -27.93
C LEU H 347 -14.26 -34.42 -26.87
N LYS H 348 -15.10 -34.32 -25.83
CA LYS H 348 -15.00 -33.20 -24.91
C LYS H 348 -13.65 -33.19 -24.18
N LYS H 349 -13.24 -34.34 -23.63
CA LYS H 349 -12.03 -34.36 -22.82
C LYS H 349 -10.80 -33.91 -23.61
N VAL H 350 -10.74 -34.24 -24.90
CA VAL H 350 -9.67 -33.73 -25.74
C VAL H 350 -9.84 -32.24 -25.98
N ARG H 351 -11.09 -31.79 -26.17
CA ARG H 351 -11.33 -30.40 -26.53
C ARG H 351 -10.95 -29.46 -25.39
N THR H 352 -11.43 -29.73 -24.18
CA THR H 352 -11.14 -28.83 -23.06
C THR H 352 -9.68 -28.87 -22.65
N GLN H 353 -9.01 -30.01 -22.83
CA GLN H 353 -7.61 -30.12 -22.40
C GLN H 353 -6.73 -29.17 -23.19
N VAL H 354 -6.89 -29.14 -24.52
CA VAL H 354 -6.08 -28.22 -25.32
C VAL H 354 -6.53 -26.78 -25.10
N LEU H 355 -7.83 -26.56 -24.90
CA LEU H 355 -8.34 -25.20 -24.68
C LEU H 355 -7.79 -24.61 -23.38
N LEU H 356 -7.72 -25.41 -22.32
CA LEU H 356 -7.25 -24.89 -21.04
C LEU H 356 -5.79 -24.43 -21.13
N LYS H 357 -4.95 -25.20 -21.82
CA LYS H 357 -3.56 -24.79 -21.98
C LYS H 357 -3.44 -23.65 -22.98
N LEU H 358 -4.36 -23.55 -23.93
CA LEU H 358 -4.28 -22.52 -24.96
C LEU H 358 -4.42 -21.12 -24.36
N ILE H 359 -5.35 -20.95 -23.42
CA ILE H 359 -5.65 -19.63 -22.87
C ILE H 359 -4.94 -19.38 -21.54
N LYS H 360 -4.13 -20.32 -21.06
CA LYS H 360 -3.43 -20.13 -19.80
C LYS H 360 -2.49 -18.92 -19.82
N PRO H 361 -1.60 -18.75 -20.81
CA PRO H 361 -0.73 -17.56 -20.83
C PRO H 361 -1.35 -16.41 -21.62
N TYR H 362 -2.56 -16.00 -21.23
CA TYR H 362 -3.27 -14.96 -21.94
C TYR H 362 -4.19 -14.22 -20.97
N THR H 363 -4.22 -12.89 -21.09
CA THR H 363 -5.16 -12.07 -20.33
C THR H 363 -6.38 -11.69 -21.14
N LYS H 364 -6.26 -11.62 -22.46
CA LYS H 364 -7.41 -11.32 -23.33
C LYS H 364 -7.21 -12.10 -24.62
N ILE H 365 -7.80 -13.29 -24.69
CA ILE H 365 -7.74 -14.15 -25.86
C ILE H 365 -8.93 -13.82 -26.77
N GLY H 366 -8.72 -13.92 -28.07
CA GLY H 366 -9.77 -13.62 -29.03
C GLY H 366 -10.59 -14.85 -29.39
N ILE H 367 -11.90 -14.66 -29.46
CA ILE H 367 -12.79 -15.77 -29.81
C ILE H 367 -12.49 -16.32 -31.20
N PRO H 368 -12.33 -15.50 -32.25
CA PRO H 368 -11.92 -16.05 -33.55
C PRO H 368 -10.56 -16.74 -33.51
N PHE H 369 -9.64 -16.26 -32.67
CA PHE H 369 -8.32 -16.88 -32.58
C PHE H 369 -8.42 -18.32 -32.08
N ILE H 370 -9.27 -18.55 -31.08
CA ILE H 370 -9.45 -19.92 -30.57
C ILE H 370 -10.04 -20.82 -31.65
N SER H 371 -10.93 -20.28 -32.49
CA SER H 371 -11.53 -21.07 -33.55
C SER H 371 -10.48 -21.51 -34.58
N LYS H 372 -9.56 -20.61 -34.94
CA LYS H 372 -8.63 -20.91 -36.03
C LYS H 372 -7.55 -21.89 -35.58
N GLU H 373 -7.02 -21.70 -34.36
CA GLU H 373 -6.01 -22.62 -33.86
C GLU H 373 -6.58 -24.02 -33.66
N LEU H 374 -7.78 -24.12 -33.11
CA LEU H 374 -8.39 -25.40 -32.83
C LEU H 374 -9.19 -25.96 -34.00
N ASN H 375 -9.28 -25.23 -35.11
CA ASN H 375 -9.96 -25.68 -36.32
C ASN H 375 -11.41 -26.06 -36.03
N VAL H 376 -12.09 -25.23 -35.25
CA VAL H 376 -13.46 -25.48 -34.84
C VAL H 376 -14.29 -24.25 -35.18
N PRO H 377 -15.54 -24.39 -35.61
CA PRO H 377 -16.36 -23.21 -35.89
C PRO H 377 -16.53 -22.34 -34.66
N GLU H 378 -16.57 -21.03 -34.88
CA GLU H 378 -16.61 -20.08 -33.76
C GLU H 378 -17.84 -20.29 -32.89
N THR H 379 -18.94 -20.76 -33.47
CA THR H 379 -20.16 -20.99 -32.69
C THR H 379 -19.92 -22.02 -31.60
N ASP H 380 -19.30 -23.15 -31.96
CA ASP H 380 -19.02 -24.18 -30.96
C ASP H 380 -17.96 -23.72 -29.97
N VAL H 381 -17.03 -22.88 -30.41
CA VAL H 381 -16.03 -22.33 -29.50
C VAL H 381 -16.70 -21.51 -28.41
N THR H 382 -17.66 -20.67 -28.79
CA THR H 382 -18.37 -19.86 -27.82
C THR H 382 -19.15 -20.74 -26.84
N GLU H 383 -19.86 -21.74 -27.35
CA GLU H 383 -20.66 -22.61 -26.47
C GLU H 383 -19.78 -23.38 -25.49
N LEU H 384 -18.62 -23.85 -25.97
CA LEU H 384 -17.69 -24.58 -25.08
C LEU H 384 -17.12 -23.60 -24.04
N LEU H 385 -16.79 -22.38 -24.46
CA LEU H 385 -16.13 -21.44 -23.57
C LEU H 385 -17.04 -21.01 -22.42
N VAL H 386 -18.32 -20.74 -22.72
CA VAL H 386 -19.24 -20.31 -21.66
C VAL H 386 -19.48 -21.46 -20.68
N SER H 387 -19.66 -22.67 -21.19
CA SER H 387 -19.90 -23.83 -20.33
C SER H 387 -18.74 -24.08 -19.39
N LEU H 388 -17.51 -23.85 -19.86
CA LEU H 388 -16.34 -23.99 -18.99
C LEU H 388 -16.37 -22.95 -17.87
N ILE H 389 -16.77 -21.72 -18.18
CA ILE H 389 -16.77 -20.66 -17.18
C ILE H 389 -17.79 -20.95 -16.09
N LEU H 390 -18.96 -21.47 -16.47
CA LEU H 390 -19.99 -21.80 -15.48
C LEU H 390 -19.55 -22.91 -14.54
N ASP H 391 -18.49 -23.64 -14.88
CA ASP H 391 -17.93 -24.66 -14.01
C ASP H 391 -16.73 -24.16 -13.22
N SER H 392 -16.45 -22.85 -13.27
CA SER H 392 -15.38 -22.21 -12.52
C SER H 392 -14.00 -22.70 -12.94
N ARG H 393 -13.89 -23.39 -14.07
CA ARG H 393 -12.58 -23.78 -14.57
C ARG H 393 -11.82 -22.57 -15.09
N ILE H 394 -12.50 -21.67 -15.79
CA ILE H 394 -11.90 -20.41 -16.23
C ILE H 394 -12.18 -19.35 -15.18
N ASP H 395 -11.31 -18.36 -15.09
CA ASP H 395 -11.40 -17.34 -14.06
C ASP H 395 -12.03 -16.03 -14.53
N GLY H 396 -11.87 -15.68 -15.80
CA GLY H 396 -12.31 -14.40 -16.32
C GLY H 396 -13.69 -14.45 -16.95
N HIS H 397 -13.94 -13.51 -17.86
CA HIS H 397 -15.21 -13.38 -18.54
C HIS H 397 -14.96 -13.05 -20.00
N ILE H 398 -16.02 -13.16 -20.81
CA ILE H 398 -15.91 -13.02 -22.26
C ILE H 398 -16.66 -11.77 -22.70
N ASP H 399 -16.09 -11.04 -23.65
CA ASP H 399 -16.66 -9.81 -24.19
C ASP H 399 -17.50 -10.17 -25.40
N GLU H 400 -18.82 -10.09 -25.25
CA GLU H 400 -19.72 -10.40 -26.37
C GLU H 400 -19.60 -9.37 -27.49
N MET H 401 -19.45 -8.09 -27.11
CA MET H 401 -19.41 -7.02 -28.12
C MET H 401 -18.17 -7.14 -29.00
N ASN H 402 -17.00 -7.27 -28.38
CA ASN H 402 -15.73 -7.20 -29.09
C ASN H 402 -15.01 -8.54 -29.23
N ARG H 403 -15.62 -9.63 -28.81
CA ARG H 403 -15.06 -10.99 -29.00
C ARG H 403 -13.68 -11.10 -28.34
N TYR H 404 -13.69 -10.93 -27.02
CA TYR H 404 -12.48 -11.07 -26.21
C TYR H 404 -12.85 -11.75 -24.90
N LEU H 405 -11.84 -12.33 -24.26
CA LEU H 405 -11.99 -13.00 -22.97
C LEU H 405 -11.26 -12.18 -21.92
N LEU H 406 -12.02 -11.42 -21.12
CA LEU H 406 -11.44 -10.60 -20.06
C LEU H 406 -11.08 -11.51 -18.88
N ARG H 407 -9.87 -12.07 -18.94
CA ARG H 407 -9.37 -12.88 -17.84
C ARG H 407 -9.17 -12.01 -16.60
N GLY H 408 -9.54 -12.54 -15.45
CA GLY H 408 -9.41 -11.79 -14.22
C GLY H 408 -7.96 -11.38 -13.97
N ASP H 409 -7.78 -10.11 -13.62
CA ASP H 409 -6.45 -9.57 -13.37
C ASP H 409 -5.94 -10.04 -12.01
N SER H 410 -4.70 -9.66 -11.71
CA SER H 410 -4.08 -10.03 -10.44
C SER H 410 -4.86 -9.44 -9.28
N GLY H 411 -5.11 -10.25 -8.27
CA GLY H 411 -5.87 -9.80 -7.12
C GLY H 411 -5.05 -9.02 -6.12
N ASN H 412 -5.36 -7.72 -5.99
CA ASN H 412 -4.69 -6.88 -5.01
C ASN H 412 -5.22 -7.23 -3.62
N GLY H 413 -4.74 -6.49 -2.61
CA GLY H 413 -5.20 -6.72 -1.25
C GLY H 413 -6.70 -6.58 -1.10
N ARG H 414 -7.38 -7.71 -0.94
CA ARG H 414 -8.84 -7.72 -0.84
C ARG H 414 -9.33 -8.23 0.50
N LYS H 415 -8.66 -9.22 1.09
CA LYS H 415 -9.06 -9.68 2.42
C LYS H 415 -8.90 -8.58 3.45
N LEU H 416 -7.87 -7.74 3.32
CA LEU H 416 -7.75 -6.58 4.19
C LEU H 416 -8.92 -5.62 3.99
N HIS H 417 -9.32 -5.40 2.74
CA HIS H 417 -10.50 -4.57 2.48
C HIS H 417 -11.78 -5.29 2.85
N LYS H 418 -11.77 -6.63 2.84
CA LYS H 418 -12.93 -7.38 3.30
C LYS H 418 -13.01 -7.36 4.82
N ALA H 419 -11.88 -7.51 5.51
CA ALA H 419 -11.88 -7.57 6.96
C ALA H 419 -12.35 -6.26 7.58
N VAL H 420 -11.91 -5.12 7.03
CA VAL H 420 -12.29 -3.83 7.60
C VAL H 420 -13.79 -3.61 7.49
N ASP H 421 -14.42 -4.13 6.43
CA ASP H 421 -15.87 -4.04 6.32
C ASP H 421 -16.54 -4.84 7.44
N LYS H 422 -16.02 -6.03 7.75
CA LYS H 422 -16.52 -6.77 8.90
C LYS H 422 -16.20 -6.05 10.20
N TRP H 423 -15.02 -5.42 10.27
CA TRP H 423 -14.69 -4.59 11.43
C TRP H 423 -15.65 -3.41 11.55
N ASN H 424 -15.98 -2.78 10.43
CA ASN H 424 -16.88 -1.64 10.44
C ASN H 424 -18.27 -2.04 10.90
N SER H 425 -18.81 -3.13 10.35
CA SER H 425 -20.17 -3.53 10.66
C SER H 425 -20.33 -3.91 12.13
N GLN H 426 -19.35 -4.62 12.68
CA GLN H 426 -19.42 -4.97 14.10
C GLN H 426 -19.32 -3.73 14.98
N LEU H 427 -18.50 -2.77 14.58
CA LEU H 427 -18.39 -1.53 15.34
C LEU H 427 -19.69 -0.73 15.30
N LYS H 428 -20.43 -0.83 14.19
CA LYS H 428 -21.73 -0.17 14.13
C LYS H 428 -22.68 -0.72 15.18
N SER H 429 -22.74 -2.04 15.31
CA SER H 429 -23.71 -2.66 16.22
C SER H 429 -23.35 -2.40 17.67
N LEU H 430 -22.07 -2.52 18.03
CA LEU H 430 -21.67 -2.36 19.42
C LEU H 430 -21.91 -0.93 19.90
N SER H 431 -21.56 0.06 19.06
CA SER H 431 -21.72 1.45 19.46
C SER H 431 -23.19 1.81 19.65
N SER H 432 -24.07 1.28 18.80
CA SER H 432 -25.50 1.58 18.93
C SER H 432 -26.07 1.00 20.23
N ASN H 433 -25.64 -0.21 20.60
CA ASN H 433 -26.19 -0.84 21.79
C ASN H 433 -25.68 -0.18 23.07
N ILE H 434 -24.42 0.26 23.08
CA ILE H 434 -23.84 0.86 24.28
C ILE H 434 -24.61 2.12 24.65
N THR H 435 -24.84 2.99 23.66
CA THR H 435 -25.50 4.27 23.93
C THR H 435 -26.97 4.08 24.30
N SER H 436 -27.64 3.11 23.69
CA SER H 436 -29.07 2.93 23.86
C SER H 436 -29.39 2.04 25.07
N ARG H 437 -28.94 2.47 26.25
CA ARG H 437 -29.36 1.77 27.46
C ARG H 437 -29.70 2.77 28.57
N VAL H 438 -29.24 4.02 28.46
CA VAL H 438 -29.52 4.99 29.51
C VAL H 438 -31.00 5.39 29.51
N CYS H 439 -31.58 5.61 28.34
CA CYS H 439 -33.00 5.88 28.19
C CYS H 439 -33.49 7.08 28.99
ZN ZN I . 4.67 -25.95 20.62
#